data_6XOX
#
_entry.id   6XOX
#
_cell.length_a   1.00
_cell.length_b   1.00
_cell.length_c   1.00
_cell.angle_alpha   90.00
_cell.angle_beta   90.00
_cell.angle_gamma   90.00
#
_symmetry.space_group_name_H-M   'P 1'
#
loop_
_entity.id
_entity.type
_entity.pdbx_description
1 polymer 'Alpha subunit of Gs with N-terminus swapped with equivalent residues in Gi,Guanine nucleotide-binding protein G(s) subunit alpha isoforms XLas'
2 polymer 'Guanine nucleotide-binding protein G(I)/G(S)/G(T) subunit beta-1'
3 polymer 'single-chain variable fragment scFv16'
4 polymer 'Guanine nucleotide-binding protein G(I)/G(S)/G(O) subunit gamma-2'
5 polymer 'Nanobody 35'
6 polymer 'Glucagon-like peptide 1 receptor'
7 non-polymer 3-[(1S,2S)-1-(5-[(4S)-2,2-dimethyloxan-4-yl]-2-{(4S)-2-(4-fluoro-3,5-dimethylphenyl)-3-[3-(4-fluoro-1-methyl-1H-indazol-5-yl)-2-oxo-2,3-dihydro-1H-imidazol-1-yl]-4-methyl-2,4,6,7-tetrahydro-5H-pyrazolo[4,3-c]pyridine-5-carbonyl}-1H-indol-1-yl)-2-methylcyclopropyl]-1,2,4-oxadiazol-5(4H)-one
#
loop_
_entity_poly.entity_id
_entity_poly.type
_entity_poly.pdbx_seq_one_letter_code
_entity_poly.pdbx_strand_id
1 'polypeptide(L)'
;MGCTLSAEDKAAVERSKMIEKQLQKDKQVYRATHRLLLLGAGESGKSTIVKQMRILHVNGFNGDSEKATKVQDIKNNLKE
AIETIVAAMSNLVPPVELANPENQFRVDYILSVMNVPDFDFPPEFYEHAKALWEDEGVRACYERSNEYQLIDCAQYFLDK
IDVIKQADYVPSDQDLLRCRVLTSGIFETKFQVDKVNFHMFDVGGQRDERRKWIQCFNDVTAIIFVVASSSYNMVIREDN
QTNRLQEALNLFKSIWNNRWLRTISVILFLNKQDLLAEKVLAGKSKIEDYFPEFARYTTPEDATPEPGEDPRVTRAKYFI
RDEFLRISTASGDGRHYCYPHFTCAVDTENIRRVFNDCRDIIQRMHLRQYELL
;
A
2 'polypeptide(L)'
;MHHHHHHGSSGSELDQLRQEAEQLKNQIRDARKACADATLSQITNNIDPVGRIQMRTRRTLRGHLAKIYAMHWGTDSRLL
VSASQDGKLIIWDSYTTNKVHAIPLRSSWVMTCAYAPSGNYVACGGLDNICSIYNLKTREGNVRVSRELAGHTGYLSCCR
FLDDNQIVTSSGDTTCALWDIETGQQTTTFTGHTGDVMSLSLAPDTRLFVSGACDASAKLWDVREGMCRQTFTGHESDIN
AICFFPNGNAFATGSDDATCRLFDLRADQELMTYSHDNIICGITSVSFSKSGRLLLAGYDDFNCNVWDALKADRAGVLAG
HDNRVSCLGVTDDGMAVATGSWDSFLKIWN
;
B
3 'polypeptide(L)'
;DVQLVESGGGLVQPGGSRKLSCSASGFAFSSFGMHWVRQAPEKGLEWVAYISSGSGTIYYADTVKGRFTISRDDPKNTLF
LQMTSLRSEDTAMYYCVRSIYYYGSSPFDFWGQGTTLTVSSGGGGSGGGGSGGGGSDIVMTQATSSVPVTPGESVSISCR
SSKSLLHSNGNTYLYWFLQRPGQSPQLLIYRMSNLASGVPDRFSGSGSGTAFTLTISRLEAEDVGVYYCMQHLEYPLTFG
AGTKLELKAAAHHHHHHHH
;
E
4 'polypeptide(L)' MASNNTASIAQARKLVEQLKMEANIDRIKVSKAAADLMAYCEAHAKEDPLLTPVPASENPFREKKFFCAIL G
5 'polypeptide(L)'
;MKYLLPTAAAGLLLLAAQPAMAQVQLQESGGGLVQPGGSLRLSCAASGFTFSNYKMNWVRQAPGKGLEWVSDISQSGASI
SYTGSVKGRFTISRDNAKNTLYLQMNSLKPEDTAVYYCARCPAPFTRDCFDVTSTTYAYRGQGTQVTVSSHHHHHHEPEA
;
N
6 'polypeptide(L)'
;MKTIIALSYIFCLVFADYKDDDDAAAGGSGGSLEVLFQGPGGSGGSRPQGATVSLWETVQKWREYRRQCQRSLTEDPPPA
TDLFCNRTFDEYACWPDGEPGSFVNVSCPWYLPWASSVPQGHVYRFCTAEGLWLQKDNSSLPWRDLSECEESKRGERSSP
EEQLLFLYIIYTVGYALSFSALVIASAILLGFRHLHCTRNYIHLNLFASFILRALSVFIKDAALKWMYSTAAQQHQWDGL
LSYQDSLSCRLVFLLMQYCVAANYYWLLVEGVYLYTLLAFSVFSEQWIFRLYVSIGWGVPLLFVVPWGIVKYLYEDEGCW
TRNSNMNYWLIIRLPILFAIGVNFLIFVRVICIVVSKLKANLMCKTDIKCRLAKSTLTLIPLLGTHEVIFAFVMDEHARG
TLRFIKLFTELSFTSFQGLMVAILYCFVNNEVQLEFRKSWERWRL
;
R
#
# COMPACT_ATOMS: atom_id res chain seq x y z
N LEU A 5 -8.72 13.93 26.00
CA LEU A 5 -7.35 13.87 25.50
C LEU A 5 -6.65 12.62 26.04
N SER A 6 -7.17 11.44 25.64
CA SER A 6 -6.42 10.19 25.60
C SER A 6 -5.87 9.78 26.98
N ALA A 7 -6.79 9.38 27.85
CA ALA A 7 -6.42 9.11 29.24
C ALA A 7 -5.48 7.91 29.43
N GLU A 8 -5.98 6.71 29.19
CA GLU A 8 -5.11 5.55 28.99
C GLU A 8 -5.13 5.13 27.55
N ASP A 9 -5.88 5.83 26.72
CA ASP A 9 -5.82 5.63 25.29
C ASP A 9 -4.48 6.02 24.74
N LYS A 10 -3.71 6.86 25.45
CA LYS A 10 -2.32 7.12 25.11
C LYS A 10 -1.51 5.85 25.05
N ALA A 11 -1.71 4.94 26.00
CA ALA A 11 -0.94 3.71 25.97
C ALA A 11 -1.41 2.79 24.85
N ALA A 12 -2.67 2.92 24.44
CA ALA A 12 -3.15 2.17 23.29
C ALA A 12 -2.54 2.71 22.00
N VAL A 13 -2.39 4.03 21.90
CA VAL A 13 -1.77 4.61 20.72
C VAL A 13 -0.28 4.28 20.71
N GLU A 14 0.34 4.17 21.89
CA GLU A 14 1.73 3.77 21.95
C GLU A 14 1.91 2.31 21.55
N ARG A 15 0.96 1.46 21.94
CA ARG A 15 0.93 0.08 21.46
C ARG A 15 0.79 0.02 19.96
N SER A 16 -0.08 0.84 19.40
CA SER A 16 -0.26 0.87 17.95
C SER A 16 0.97 1.39 17.25
N LYS A 17 1.69 2.31 17.86
CA LYS A 17 2.94 2.78 17.25
C LYS A 17 3.99 1.69 17.28
N MET A 18 4.02 0.88 18.33
CA MET A 18 4.92 -0.26 18.31
C MET A 18 4.52 -1.28 17.27
N ILE A 19 3.21 -1.47 17.06
CA ILE A 19 2.72 -2.33 15.99
C ILE A 19 3.17 -1.79 14.63
N GLU A 20 3.06 -0.48 14.43
CA GLU A 20 3.49 0.12 13.17
C GLU A 20 5.00 0.01 12.98
N LYS A 21 5.76 0.04 14.06
CA LYS A 21 7.20 -0.14 13.96
C LYS A 21 7.54 -1.56 13.54
N GLN A 22 6.86 -2.54 14.13
CA GLN A 22 7.07 -3.93 13.74
C GLN A 22 6.64 -4.17 12.29
N LEU A 23 5.57 -3.50 11.85
CA LEU A 23 5.17 -3.65 10.46
C LEU A 23 6.10 -2.92 9.51
N GLN A 24 6.80 -1.89 10.00
CA GLN A 24 7.83 -1.27 9.18
C GLN A 24 8.99 -2.22 8.98
N LYS A 25 9.37 -2.94 10.04
CA LYS A 25 10.39 -3.97 9.91
C LYS A 25 9.96 -5.10 8.98
N ASP A 26 8.68 -5.47 9.05
CA ASP A 26 8.16 -6.48 8.12
C ASP A 26 8.08 -5.96 6.69
N LYS A 27 7.90 -4.66 6.50
CA LYS A 27 7.92 -4.12 5.14
C LYS A 27 9.33 -4.18 4.57
N GLN A 28 10.32 -3.88 5.42
CA GLN A 28 11.71 -3.96 5.00
C GLN A 28 12.11 -5.39 4.68
N VAL A 29 11.54 -6.39 5.36
CA VAL A 29 11.85 -7.78 5.00
C VAL A 29 10.92 -8.30 3.91
N TYR A 30 9.82 -7.63 3.65
CA TYR A 30 8.85 -8.10 2.67
C TYR A 30 9.23 -7.69 1.26
N ARG A 31 9.54 -6.42 1.05
CA ARG A 31 9.88 -6.01 -0.31
C ARG A 31 11.26 -6.47 -0.73
N ALA A 32 12.09 -6.91 0.22
CA ALA A 32 13.37 -7.49 -0.10
C ALA A 32 13.28 -8.97 -0.44
N THR A 33 12.07 -9.49 -0.55
CA THR A 33 11.83 -10.88 -0.90
C THR A 33 11.05 -10.91 -2.20
N HIS A 34 11.47 -11.76 -3.13
CA HIS A 34 10.84 -11.84 -4.44
C HIS A 34 9.92 -13.03 -4.45
N ARG A 35 8.63 -12.78 -4.45
CA ARG A 35 7.66 -13.86 -4.59
C ARG A 35 7.65 -14.32 -6.04
N LEU A 36 7.65 -15.63 -6.23
CA LEU A 36 7.51 -16.18 -7.57
C LEU A 36 6.73 -17.48 -7.52
N LEU A 37 5.93 -17.71 -8.55
CA LEU A 37 4.91 -18.75 -8.56
C LEU A 37 5.33 -19.86 -9.51
N LEU A 38 5.54 -21.06 -8.99
CA LEU A 38 5.87 -22.18 -9.87
C LEU A 38 4.57 -22.77 -10.35
N LEU A 39 4.30 -22.65 -11.65
CA LEU A 39 3.05 -23.12 -12.22
C LEU A 39 3.36 -23.98 -13.42
N GLY A 40 2.92 -25.23 -13.39
CA GLY A 40 3.19 -26.15 -14.48
C GLY A 40 2.06 -27.13 -14.65
N ALA A 41 2.15 -27.87 -15.75
CA ALA A 41 1.21 -28.94 -16.04
C ALA A 41 1.90 -30.29 -15.94
N SER A 44 11.44 -32.61 -12.80
CA SER A 44 11.09 -32.05 -11.49
C SER A 44 11.14 -30.52 -11.53
N GLY A 45 12.35 -29.98 -11.66
CA GLY A 45 12.54 -28.54 -11.71
C GLY A 45 12.41 -27.82 -10.39
N LYS A 46 12.23 -28.55 -9.29
CA LYS A 46 12.05 -27.96 -7.96
C LYS A 46 12.96 -28.54 -6.89
N SER A 47 13.44 -29.79 -7.04
CA SER A 47 14.40 -30.35 -6.10
C SER A 47 15.83 -29.99 -6.47
N THR A 48 16.02 -29.23 -7.54
CA THR A 48 17.30 -28.66 -7.92
C THR A 48 17.50 -27.28 -7.28
N ILE A 49 16.59 -26.88 -6.40
CA ILE A 49 16.57 -25.53 -5.87
C ILE A 49 16.93 -25.47 -4.38
N VAL A 50 16.49 -26.45 -3.58
CA VAL A 50 16.72 -26.42 -2.14
C VAL A 50 18.13 -26.88 -1.77
N LYS A 51 18.94 -27.28 -2.77
CA LYS A 51 20.28 -27.82 -2.50
C LYS A 51 21.28 -26.78 -2.04
N GLN A 52 20.96 -25.49 -2.21
CA GLN A 52 21.77 -24.34 -1.77
C GLN A 52 23.19 -24.33 -2.34
N ILE A 186 5.78 -27.99 1.61
CA ILE A 186 5.45 -28.68 0.37
C ILE A 186 4.92 -27.69 -0.67
N PHE A 187 4.19 -26.68 -0.20
CA PHE A 187 3.79 -25.58 -1.05
C PHE A 187 4.90 -24.53 -1.08
N GLU A 188 5.17 -23.95 0.09
CA GLU A 188 6.07 -22.82 0.26
C GLU A 188 7.51 -23.26 0.03
N THR A 189 8.36 -22.27 -0.22
CA THR A 189 9.80 -22.45 -0.26
C THR A 189 10.43 -21.08 -0.09
N LYS A 190 11.43 -20.98 0.78
CA LYS A 190 12.23 -19.78 0.92
C LYS A 190 13.67 -20.16 0.64
N PHE A 191 14.26 -19.64 -0.44
CA PHE A 191 15.68 -19.83 -0.65
C PHE A 191 16.36 -18.49 -0.86
N GLN A 192 17.67 -18.53 -1.07
CA GLN A 192 18.50 -17.34 -1.07
C GLN A 192 19.60 -17.51 -2.09
N VAL A 193 19.67 -16.59 -3.05
CA VAL A 193 20.69 -16.61 -4.08
C VAL A 193 21.37 -15.25 -4.11
N ASP A 194 22.69 -15.24 -3.88
CA ASP A 194 23.52 -14.03 -3.85
C ASP A 194 23.00 -13.01 -2.83
N LYS A 195 22.58 -13.52 -1.68
CA LYS A 195 21.99 -12.74 -0.59
C LYS A 195 20.74 -11.98 -1.05
N VAL A 196 19.93 -12.62 -1.90
CA VAL A 196 18.62 -12.12 -2.28
C VAL A 196 17.60 -13.19 -1.91
N ASN A 197 16.62 -12.84 -1.10
CA ASN A 197 15.60 -13.78 -0.67
C ASN A 197 14.61 -14.02 -1.80
N PHE A 198 14.55 -15.25 -2.29
CA PHE A 198 13.48 -15.67 -3.18
C PHE A 198 12.51 -16.57 -2.45
N HIS A 199 11.26 -16.52 -2.89
CA HIS A 199 10.13 -17.11 -2.18
C HIS A 199 9.28 -17.81 -3.21
N MET A 200 9.21 -19.13 -3.14
CA MET A 200 8.54 -19.93 -4.14
C MET A 200 7.33 -20.62 -3.54
N PHE A 201 6.16 -20.40 -4.15
CA PHE A 201 4.95 -21.11 -3.77
C PHE A 201 4.54 -22.03 -4.92
N ASP A 202 4.36 -23.30 -4.60
CA ASP A 202 3.79 -24.27 -5.53
C ASP A 202 2.32 -24.48 -5.21
N VAL A 203 1.52 -24.68 -6.25
CA VAL A 203 0.08 -24.73 -6.08
C VAL A 203 -0.47 -26.11 -6.35
N GLY A 204 0.33 -27.14 -6.08
CA GLY A 204 -0.05 -28.50 -6.40
C GLY A 204 -1.17 -29.08 -5.56
N GLY A 205 -1.57 -28.40 -4.49
CA GLY A 205 -2.62 -28.94 -3.66
C GLY A 205 -3.96 -28.29 -3.90
N GLN A 206 -4.16 -27.74 -5.07
CA GLN A 206 -5.44 -27.20 -5.48
C GLN A 206 -6.01 -28.01 -6.62
N ARG A 207 -7.21 -27.65 -7.04
CA ARG A 207 -7.83 -28.23 -8.21
C ARG A 207 -7.30 -27.53 -9.47
N ASP A 208 -7.77 -27.98 -10.61
CA ASP A 208 -7.30 -27.40 -11.86
C ASP A 208 -8.13 -26.23 -12.33
N GLU A 209 -9.24 -25.92 -11.67
CA GLU A 209 -9.94 -24.68 -11.97
C GLU A 209 -9.12 -23.54 -11.40
N ARG A 210 -8.38 -22.87 -12.26
CA ARG A 210 -7.34 -21.96 -11.84
C ARG A 210 -7.81 -20.52 -11.70
N ARG A 211 -9.02 -20.20 -12.12
CA ARG A 211 -9.32 -18.81 -12.43
C ARG A 211 -9.54 -17.94 -11.19
N LYS A 212 -9.72 -18.52 -10.03
CA LYS A 212 -10.00 -17.71 -8.85
C LYS A 212 -8.82 -17.63 -7.91
N TRP A 213 -8.06 -18.70 -7.76
CA TRP A 213 -6.92 -18.66 -6.87
C TRP A 213 -5.67 -18.14 -7.53
N ILE A 214 -5.68 -17.88 -8.84
CA ILE A 214 -4.49 -17.33 -9.44
C ILE A 214 -4.51 -15.82 -9.44
N GLN A 215 -5.66 -15.22 -9.15
CA GLN A 215 -5.73 -13.78 -8.96
C GLN A 215 -4.90 -13.34 -7.77
N CYS A 216 -4.86 -14.18 -6.74
CA CYS A 216 -4.12 -13.90 -5.51
C CYS A 216 -2.64 -13.72 -5.76
N PHE A 217 -2.12 -14.23 -6.85
CA PHE A 217 -0.74 -13.93 -7.18
C PHE A 217 -0.61 -12.74 -8.10
N ASN A 218 -1.31 -11.64 -7.88
CA ASN A 218 -1.01 -10.50 -8.74
C ASN A 218 0.20 -9.71 -8.27
N ASP A 219 0.54 -9.81 -6.99
CA ASP A 219 1.66 -9.07 -6.44
C ASP A 219 2.93 -9.88 -6.50
N VAL A 220 2.92 -10.98 -7.23
CA VAL A 220 4.08 -11.81 -7.37
C VAL A 220 5.08 -11.10 -8.27
N THR A 221 6.34 -11.51 -8.22
CA THR A 221 7.29 -10.87 -9.12
C THR A 221 7.37 -11.58 -10.45
N ALA A 222 7.23 -12.90 -10.45
CA ALA A 222 7.32 -13.66 -11.69
C ALA A 222 6.60 -14.97 -11.53
N ILE A 223 5.99 -15.43 -12.61
CA ILE A 223 5.40 -16.74 -12.68
C ILE A 223 6.39 -17.63 -13.41
N ILE A 224 7.06 -18.50 -12.68
CA ILE A 224 7.92 -19.50 -13.31
C ILE A 224 7.01 -20.55 -13.94
N PHE A 225 6.89 -20.50 -15.25
CA PHE A 225 5.99 -21.40 -15.96
C PHE A 225 6.80 -22.58 -16.45
N VAL A 226 6.31 -23.78 -16.18
CA VAL A 226 6.99 -25.00 -16.56
C VAL A 226 6.12 -25.74 -17.56
N VAL A 227 6.70 -26.09 -18.70
CA VAL A 227 6.04 -26.88 -19.72
C VAL A 227 6.94 -28.05 -20.10
N ALA A 228 6.39 -29.25 -20.10
CA ALA A 228 7.07 -30.39 -20.70
C ALA A 228 7.15 -30.16 -22.20
N SER A 229 8.37 -29.97 -22.70
CA SER A 229 8.58 -29.63 -24.11
C SER A 229 8.33 -30.80 -25.05
N SER A 230 8.18 -32.01 -24.54
CA SER A 230 7.66 -33.14 -25.31
C SER A 230 6.45 -33.63 -24.52
N SER A 231 5.27 -33.12 -24.86
CA SER A 231 4.05 -33.47 -24.14
C SER A 231 3.64 -34.92 -24.40
N THR A 242 -2.68 -36.86 -27.31
CA THR A 242 -2.59 -36.24 -25.99
C THR A 242 -2.57 -34.71 -26.12
N ASN A 243 -1.42 -34.18 -26.54
CA ASN A 243 -1.14 -32.75 -26.75
C ASN A 243 -1.41 -31.96 -25.47
N ARG A 244 -0.56 -32.20 -24.47
CA ARG A 244 -0.59 -31.38 -23.28
C ARG A 244 0.00 -30.00 -23.51
N LEU A 245 0.86 -29.83 -24.51
CA LEU A 245 1.52 -28.54 -24.62
C LEU A 245 0.64 -27.50 -25.27
N GLN A 246 -0.40 -27.88 -26.01
CA GLN A 246 -1.37 -26.89 -26.44
C GLN A 246 -2.18 -26.40 -25.24
N GLU A 247 -2.46 -27.29 -24.29
CA GLU A 247 -3.01 -26.86 -23.00
C GLU A 247 -2.04 -25.93 -22.28
N ALA A 248 -0.74 -26.18 -22.41
CA ALA A 248 0.25 -25.29 -21.83
C ALA A 248 0.25 -23.93 -22.51
N LEU A 249 0.05 -23.91 -23.82
CA LEU A 249 -0.03 -22.64 -24.54
C LEU A 249 -1.26 -21.85 -24.15
N ASN A 250 -2.39 -22.53 -23.97
CA ASN A 250 -3.60 -21.84 -23.55
C ASN A 250 -3.49 -21.36 -22.12
N LEU A 251 -2.82 -22.12 -21.26
CA LEU A 251 -2.59 -21.68 -19.91
C LEU A 251 -1.69 -20.47 -19.88
N PHE A 252 -0.65 -20.45 -20.71
CA PHE A 252 0.22 -19.29 -20.79
C PHE A 252 -0.52 -18.08 -21.34
N LYS A 253 -1.40 -18.29 -22.31
CA LYS A 253 -2.12 -17.18 -22.90
C LYS A 253 -3.12 -16.60 -21.90
N SER A 254 -3.73 -17.48 -21.12
CA SER A 254 -4.68 -17.03 -20.11
C SER A 254 -3.97 -16.35 -18.95
N ILE A 255 -2.75 -16.79 -18.63
CA ILE A 255 -1.91 -16.04 -17.70
C ILE A 255 -1.61 -14.66 -18.27
N TRP A 256 -1.26 -14.63 -19.55
CA TRP A 256 -0.71 -13.42 -20.15
C TRP A 256 -1.77 -12.35 -20.35
N ASN A 257 -3.02 -12.75 -20.51
CA ASN A 257 -4.07 -11.79 -20.83
C ASN A 257 -5.02 -11.51 -19.69
N ASN A 258 -4.88 -12.21 -18.56
CA ASN A 258 -5.79 -12.01 -17.45
C ASN A 258 -5.55 -10.65 -16.84
N ARG A 259 -6.63 -9.93 -16.55
CA ARG A 259 -6.50 -8.52 -16.26
C ARG A 259 -5.91 -8.23 -14.90
N TRP A 260 -5.54 -9.22 -14.11
CA TRP A 260 -4.78 -8.96 -12.90
C TRP A 260 -3.37 -9.48 -12.99
N LEU A 261 -3.06 -10.28 -13.99
CA LEU A 261 -1.72 -10.76 -14.20
C LEU A 261 -1.00 -9.99 -15.30
N ARG A 262 -1.57 -8.86 -15.73
CA ARG A 262 -1.01 -8.04 -16.80
C ARG A 262 0.19 -7.23 -16.38
N THR A 263 0.66 -7.35 -15.14
CA THR A 263 1.92 -6.71 -14.75
C THR A 263 2.94 -7.75 -14.34
N ILE A 264 2.73 -9.00 -14.74
CA ILE A 264 3.51 -10.11 -14.24
C ILE A 264 4.30 -10.69 -15.39
N SER A 265 5.61 -10.65 -15.28
CA SER A 265 6.43 -11.32 -16.26
C SER A 265 6.50 -12.80 -15.95
N VAL A 266 6.75 -13.59 -16.99
CA VAL A 266 6.67 -15.04 -16.91
C VAL A 266 8.02 -15.61 -17.26
N ILE A 267 8.62 -16.37 -16.36
CA ILE A 267 9.85 -17.08 -16.63
C ILE A 267 9.47 -18.45 -17.16
N LEU A 268 9.76 -18.68 -18.42
CA LEU A 268 9.25 -19.85 -19.13
C LEU A 268 10.31 -20.93 -19.15
N PHE A 269 10.05 -22.04 -18.47
CA PHE A 269 10.96 -23.17 -18.46
C PHE A 269 10.40 -24.30 -19.32
N LEU A 270 11.26 -24.86 -20.16
CA LEU A 270 10.90 -25.96 -21.04
C LEU A 270 11.73 -27.16 -20.60
N ASN A 271 11.17 -27.96 -19.69
CA ASN A 271 11.85 -29.18 -19.29
C ASN A 271 11.78 -30.23 -20.38
N LYS A 272 12.51 -31.32 -20.12
CA LYS A 272 12.46 -32.56 -20.92
C LYS A 272 12.89 -32.31 -22.37
N GLN A 273 13.86 -31.41 -22.56
CA GLN A 273 14.30 -31.09 -23.91
C GLN A 273 15.07 -32.25 -24.54
N ASP A 274 15.69 -33.10 -23.73
CA ASP A 274 16.29 -34.32 -24.26
C ASP A 274 15.24 -35.32 -24.67
N LEU A 275 14.10 -35.35 -23.98
CA LEU A 275 12.99 -36.19 -24.40
C LEU A 275 12.44 -35.74 -25.74
N LEU A 276 12.33 -34.43 -25.94
CA LEU A 276 11.90 -33.91 -27.23
C LEU A 276 12.95 -34.19 -28.30
N ALA A 277 14.23 -34.10 -27.93
CA ALA A 277 15.32 -34.36 -28.85
C ALA A 277 15.28 -35.79 -29.35
N GLU A 278 15.15 -36.75 -28.43
CA GLU A 278 15.11 -38.15 -28.84
C GLU A 278 13.79 -38.52 -29.51
N LYS A 279 12.70 -37.81 -29.19
CA LYS A 279 11.42 -38.08 -29.83
C LYS A 279 11.44 -37.65 -31.29
N VAL A 280 12.01 -36.46 -31.55
CA VAL A 280 12.14 -36.01 -32.94
C VAL A 280 13.23 -36.79 -33.65
N LEU A 281 14.22 -37.29 -32.89
CA LEU A 281 15.28 -38.12 -33.45
C LEU A 281 14.72 -39.42 -34.01
N ALA A 282 14.08 -40.21 -33.17
CA ALA A 282 13.50 -41.45 -33.64
C ALA A 282 12.18 -41.26 -34.38
N GLY A 283 11.59 -40.06 -34.33
CA GLY A 283 10.36 -39.79 -35.03
C GLY A 283 10.55 -39.63 -36.53
N LYS A 286 5.24 -36.90 -35.39
CA LYS A 286 5.16 -36.70 -33.95
C LYS A 286 4.71 -35.29 -33.61
N ILE A 287 5.68 -34.38 -33.49
CA ILE A 287 5.37 -32.99 -33.20
C ILE A 287 4.76 -32.31 -34.42
N GLU A 288 5.25 -32.66 -35.61
CA GLU A 288 4.71 -32.12 -36.85
C GLU A 288 3.29 -32.61 -37.13
N ASP A 289 2.88 -33.74 -36.54
CA ASP A 289 1.49 -34.16 -36.64
C ASP A 289 0.57 -33.24 -35.86
N TYR A 290 1.04 -32.75 -34.71
CA TYR A 290 0.22 -31.82 -33.95
C TYR A 290 0.24 -30.43 -34.55
N PHE A 291 1.34 -30.03 -35.18
CA PHE A 291 1.54 -28.64 -35.61
C PHE A 291 1.85 -28.56 -37.10
N PRO A 292 0.87 -28.19 -37.93
CA PRO A 292 1.15 -28.00 -39.35
C PRO A 292 1.87 -26.71 -39.66
N GLU A 293 1.90 -25.76 -38.73
CA GLU A 293 2.61 -24.50 -38.91
C GLU A 293 4.12 -24.67 -38.76
N PHE A 294 4.56 -25.85 -38.32
CA PHE A 294 5.97 -26.16 -38.13
C PHE A 294 6.68 -26.43 -39.45
N ALA A 295 5.92 -26.70 -40.52
CA ALA A 295 6.54 -26.84 -41.83
C ALA A 295 7.06 -25.50 -42.35
N ARG A 296 6.28 -24.44 -42.17
CA ARG A 296 6.65 -23.11 -42.63
C ARG A 296 7.65 -22.41 -41.71
N TYR A 297 8.36 -23.13 -40.85
CA TYR A 297 9.20 -22.51 -39.85
C TYR A 297 10.67 -22.66 -40.21
N THR A 298 11.42 -21.58 -40.01
CA THR A 298 12.87 -21.58 -40.17
C THR A 298 13.50 -21.20 -38.85
N THR A 299 14.63 -21.85 -38.55
CA THR A 299 15.38 -21.53 -37.33
C THR A 299 15.93 -20.12 -37.44
N PRO A 300 15.77 -19.28 -36.43
CA PRO A 300 16.36 -17.94 -36.49
C PRO A 300 17.88 -18.00 -36.50
N GLU A 301 18.48 -17.05 -37.22
CA GLU A 301 19.92 -17.04 -37.39
C GLU A 301 20.63 -16.62 -36.12
N ASP A 302 20.00 -15.77 -35.31
CA ASP A 302 20.57 -15.39 -34.03
C ASP A 302 20.42 -16.48 -32.98
N ALA A 303 19.60 -17.50 -33.23
CA ALA A 303 19.40 -18.57 -32.27
C ALA A 303 20.67 -19.41 -32.16
N THR A 304 21.24 -19.42 -30.97
CA THR A 304 22.48 -20.14 -30.76
C THR A 304 22.23 -21.64 -30.80
N PRO A 305 22.96 -22.39 -31.63
CA PRO A 305 22.84 -23.84 -31.60
C PRO A 305 23.50 -24.39 -30.34
N GLU A 306 22.75 -25.17 -29.59
CA GLU A 306 23.32 -25.88 -28.47
C GLU A 306 24.27 -26.93 -29.04
N PRO A 307 25.55 -26.90 -28.69
CA PRO A 307 26.54 -27.76 -29.37
C PRO A 307 26.36 -29.22 -29.01
N GLY A 308 25.99 -30.03 -30.01
CA GLY A 308 25.81 -31.45 -29.81
C GLY A 308 24.50 -31.99 -30.34
N GLU A 309 23.46 -31.17 -30.38
CA GLU A 309 22.12 -31.61 -30.75
C GLU A 309 21.89 -31.44 -32.26
N ASP A 310 20.89 -32.18 -32.77
CA ASP A 310 20.58 -32.18 -34.18
C ASP A 310 19.97 -30.86 -34.62
N PRO A 311 20.06 -30.53 -35.92
CA PRO A 311 19.36 -29.32 -36.40
C PRO A 311 17.85 -29.43 -36.33
N ARG A 312 17.29 -30.63 -36.47
CA ARG A 312 15.84 -30.80 -36.28
C ARG A 312 15.45 -30.55 -34.84
N VAL A 313 16.33 -30.93 -33.90
CA VAL A 313 16.12 -30.65 -32.49
C VAL A 313 16.12 -29.14 -32.25
N THR A 314 17.05 -28.43 -32.88
CA THR A 314 17.11 -26.98 -32.72
C THR A 314 15.89 -26.30 -33.32
N ARG A 315 15.44 -26.75 -34.50
CA ARG A 315 14.32 -26.07 -35.13
C ARG A 315 13.03 -26.33 -34.39
N ALA A 316 12.86 -27.54 -33.82
CA ALA A 316 11.68 -27.80 -33.02
C ALA A 316 11.75 -27.04 -31.69
N LYS A 317 12.93 -27.04 -31.08
CA LYS A 317 13.18 -26.37 -29.81
C LYS A 317 12.90 -24.87 -29.89
N TYR A 318 13.57 -24.19 -30.80
CA TYR A 318 13.35 -22.78 -30.99
C TYR A 318 11.99 -22.49 -31.63
N PHE A 319 11.35 -23.47 -32.25
CA PHE A 319 9.98 -23.27 -32.70
C PHE A 319 9.04 -23.13 -31.52
N ILE A 320 9.16 -24.03 -30.54
CA ILE A 320 8.30 -23.95 -29.36
C ILE A 320 8.57 -22.67 -28.60
N ARG A 321 9.85 -22.29 -28.48
CA ARG A 321 10.20 -21.05 -27.80
C ARG A 321 9.63 -19.84 -28.51
N ASP A 322 9.82 -19.74 -29.82
CA ASP A 322 9.35 -18.58 -30.55
C ASP A 322 7.83 -18.56 -30.68
N GLU A 323 7.19 -19.72 -30.59
CA GLU A 323 5.73 -19.75 -30.63
C GLU A 323 5.14 -19.24 -29.33
N PHE A 324 5.74 -19.63 -28.19
CA PHE A 324 5.39 -18.97 -26.93
C PHE A 324 5.64 -17.48 -26.97
N LEU A 325 6.73 -17.05 -27.62
CA LEU A 325 7.00 -15.62 -27.73
C LEU A 325 5.99 -14.91 -28.62
N ARG A 326 5.48 -15.60 -29.63
CA ARG A 326 4.46 -15.01 -30.49
C ARG A 326 3.15 -14.85 -29.74
N ILE A 327 2.82 -15.82 -28.89
CA ILE A 327 1.61 -15.71 -28.09
C ILE A 327 1.79 -14.68 -26.97
N SER A 328 3.03 -14.47 -26.51
CA SER A 328 3.25 -13.45 -25.49
C SER A 328 3.22 -12.05 -26.05
N THR A 329 3.77 -11.83 -27.24
CA THR A 329 3.89 -10.49 -27.79
C THR A 329 2.75 -10.11 -28.71
N ALA A 330 1.76 -10.98 -28.89
CA ALA A 330 0.60 -10.63 -29.70
C ALA A 330 -0.27 -9.57 -29.04
N SER A 331 -0.21 -9.47 -27.72
CA SER A 331 -0.92 -8.44 -26.98
C SER A 331 -0.14 -8.19 -25.71
N GLY A 332 0.53 -7.06 -25.66
CA GLY A 332 1.30 -6.66 -24.51
C GLY A 332 1.78 -5.25 -24.70
N ASP A 333 1.65 -4.42 -23.66
CA ASP A 333 2.01 -3.02 -23.74
C ASP A 333 3.47 -2.78 -23.39
N GLY A 334 4.30 -3.81 -23.39
CA GLY A 334 5.63 -3.68 -22.86
C GLY A 334 5.71 -3.65 -21.35
N ARG A 335 4.61 -3.97 -20.67
CA ARG A 335 4.54 -3.89 -19.22
C ARG A 335 5.06 -5.12 -18.53
N HIS A 336 5.26 -6.22 -19.26
CA HIS A 336 5.77 -7.48 -18.74
C HIS A 336 6.15 -8.36 -19.91
N TYR A 337 7.26 -9.06 -19.77
CA TYR A 337 7.85 -9.83 -20.86
C TYR A 337 7.92 -11.31 -20.48
N CYS A 338 8.42 -12.11 -21.42
CA CYS A 338 8.60 -13.54 -21.19
C CYS A 338 10.07 -13.87 -21.32
N TYR A 339 10.57 -14.72 -20.43
CA TYR A 339 11.98 -15.08 -20.39
C TYR A 339 12.13 -16.58 -20.56
N PRO A 340 12.16 -17.06 -21.79
CA PRO A 340 12.29 -18.49 -22.00
C PRO A 340 13.71 -18.98 -21.75
N HIS A 341 13.81 -20.23 -21.34
CA HIS A 341 15.08 -20.89 -21.17
C HIS A 341 14.90 -22.34 -21.57
N PHE A 342 15.93 -23.14 -21.37
CA PHE A 342 15.86 -24.57 -21.64
C PHE A 342 16.61 -25.28 -20.55
N THR A 343 15.91 -26.12 -19.79
CA THR A 343 16.52 -26.80 -18.66
C THR A 343 16.99 -28.19 -19.08
N CYS A 344 17.80 -28.79 -18.22
CA CYS A 344 18.42 -30.11 -18.41
C CYS A 344 19.19 -30.22 -19.72
N ASP A 347 18.84 -30.31 -14.25
CA ASP A 347 20.12 -30.97 -14.03
C ASP A 347 21.04 -30.08 -13.23
N THR A 348 21.63 -29.08 -13.90
CA THR A 348 22.48 -28.12 -13.23
C THR A 348 21.63 -27.02 -12.62
N GLU A 349 22.25 -25.90 -12.25
CA GLU A 349 21.55 -24.86 -11.54
C GLU A 349 20.81 -23.97 -12.52
N ASN A 350 19.49 -24.12 -12.56
CA ASN A 350 18.63 -23.22 -13.30
C ASN A 350 18.36 -21.95 -12.54
N ILE A 351 18.62 -21.94 -11.23
CA ILE A 351 18.27 -20.83 -10.36
C ILE A 351 19.04 -19.57 -10.70
N ARG A 352 20.19 -19.70 -11.35
CA ARG A 352 20.91 -18.51 -11.81
C ARG A 352 20.12 -17.81 -12.89
N ARG A 353 19.42 -18.56 -13.73
CA ARG A 353 18.56 -17.95 -14.72
C ARG A 353 17.35 -17.27 -14.09
N VAL A 354 16.84 -17.84 -12.99
CA VAL A 354 15.73 -17.19 -12.30
C VAL A 354 16.22 -15.92 -11.61
N PHE A 355 17.44 -15.94 -11.08
CA PHE A 355 18.04 -14.76 -10.48
C PHE A 355 18.23 -13.66 -11.52
N ASN A 356 18.82 -14.00 -12.66
CA ASN A 356 19.07 -13.02 -13.70
C ASN A 356 17.78 -12.49 -14.29
N ASP A 357 16.80 -13.36 -14.41
CA ASP A 357 15.49 -13.00 -14.93
C ASP A 357 14.80 -12.03 -13.99
N CYS A 358 14.76 -12.39 -12.71
CA CYS A 358 14.11 -11.52 -11.74
C CYS A 358 14.80 -10.19 -11.64
N ARG A 359 16.12 -10.17 -11.76
CA ARG A 359 16.83 -8.90 -11.83
C ARG A 359 16.44 -8.12 -13.08
N ASP A 360 16.19 -8.82 -14.19
CA ASP A 360 15.74 -8.15 -15.40
C ASP A 360 14.36 -7.55 -15.21
N ILE A 361 13.47 -8.25 -14.49
CA ILE A 361 12.12 -7.75 -14.26
C ILE A 361 12.14 -6.55 -13.34
N ILE A 362 12.91 -6.61 -12.26
CA ILE A 362 13.01 -5.48 -11.34
C ILE A 362 13.65 -4.28 -12.03
N GLN A 363 14.65 -4.52 -12.88
CA GLN A 363 15.28 -3.40 -13.58
C GLN A 363 14.37 -2.81 -14.63
N ARG A 364 13.60 -3.63 -15.35
CA ARG A 364 12.70 -3.06 -16.35
C ARG A 364 11.55 -2.32 -15.69
N MET A 365 11.12 -2.77 -14.52
CA MET A 365 10.09 -2.04 -13.80
C MET A 365 10.61 -0.72 -13.26
N HIS A 366 11.83 -0.72 -12.71
CA HIS A 366 12.42 0.52 -12.24
C HIS A 366 12.75 1.47 -13.38
N LEU A 367 13.08 0.93 -14.55
CA LEU A 367 13.34 1.82 -15.68
C LEU A 367 12.05 2.42 -16.22
N ARG A 368 11.02 1.61 -16.39
CA ARG A 368 9.82 2.21 -16.95
C ARG A 368 8.95 2.89 -15.92
N GLN A 369 9.35 2.94 -14.66
CA GLN A 369 8.69 3.85 -13.74
C GLN A 369 9.41 5.18 -13.64
N TYR A 370 10.53 5.35 -14.35
CA TYR A 370 11.12 6.64 -14.64
C TYR A 370 10.82 7.11 -16.05
N GLU A 371 9.87 6.48 -16.73
CA GLU A 371 9.50 6.73 -18.12
C GLU A 371 10.67 6.54 -19.07
N LEU A 372 11.66 5.74 -18.71
CA LEU A 372 12.78 5.45 -19.59
C LEU A 372 12.50 4.33 -20.54
N LEU A 373 11.34 3.69 -20.43
CA LEU A 373 10.94 2.64 -21.34
C LEU A 373 9.46 2.81 -21.68
N SER B 12 -29.50 -44.90 -22.79
CA SER B 12 -28.89 -45.42 -21.56
C SER B 12 -29.69 -44.99 -20.34
N GLU B 13 -29.34 -45.56 -19.19
CA GLU B 13 -30.03 -45.19 -17.95
C GLU B 13 -29.59 -43.82 -17.48
N LEU B 14 -28.34 -43.44 -17.75
CA LEU B 14 -27.89 -42.06 -17.57
C LEU B 14 -28.71 -41.08 -18.41
N ASP B 15 -29.15 -41.52 -19.59
CA ASP B 15 -29.95 -40.65 -20.44
C ASP B 15 -31.34 -40.44 -19.88
N GLN B 16 -31.96 -41.47 -19.30
CA GLN B 16 -33.28 -41.25 -18.73
C GLN B 16 -33.18 -40.50 -17.40
N LEU B 17 -32.05 -40.60 -16.71
CA LEU B 17 -31.84 -39.74 -15.54
C LEU B 17 -31.67 -38.28 -15.96
N ARG B 18 -30.97 -38.03 -17.06
CA ARG B 18 -30.86 -36.65 -17.53
C ARG B 18 -32.18 -36.14 -18.07
N GLN B 19 -33.00 -37.00 -18.68
CA GLN B 19 -34.34 -36.61 -19.08
C GLN B 19 -35.20 -36.26 -17.86
N GLU B 20 -35.04 -37.03 -16.78
CA GLU B 20 -35.78 -36.73 -15.56
C GLU B 20 -35.31 -35.43 -14.94
N ALA B 21 -34.00 -35.16 -14.97
CA ALA B 21 -33.48 -33.90 -14.44
C ALA B 21 -33.94 -32.72 -15.26
N GLU B 22 -34.07 -32.92 -16.57
CA GLU B 22 -34.60 -31.86 -17.43
C GLU B 22 -36.08 -31.62 -17.16
N GLN B 23 -36.85 -32.69 -16.93
CA GLN B 23 -38.25 -32.53 -16.52
C GLN B 23 -38.36 -31.84 -15.16
N LEU B 24 -37.40 -32.07 -14.28
CA LEU B 24 -37.43 -31.42 -12.97
C LEU B 24 -37.07 -29.95 -13.06
N LYS B 25 -36.12 -29.58 -13.93
CA LYS B 25 -35.87 -28.17 -14.19
C LYS B 25 -37.10 -27.50 -14.79
N ASN B 26 -37.81 -28.23 -15.65
CA ASN B 26 -39.05 -27.68 -16.22
C ASN B 26 -40.10 -27.47 -15.14
N GLN B 27 -40.23 -28.41 -14.22
CA GLN B 27 -41.21 -28.30 -13.15
C GLN B 27 -40.87 -27.15 -12.21
N ILE B 28 -39.58 -26.97 -11.91
CA ILE B 28 -39.17 -25.87 -11.05
C ILE B 28 -39.37 -24.53 -11.73
N ARG B 29 -39.01 -24.42 -13.01
CA ARG B 29 -39.23 -23.18 -13.74
C ARG B 29 -40.71 -22.85 -13.89
N ASP B 30 -41.55 -23.87 -14.06
CA ASP B 30 -43.00 -23.65 -14.10
C ASP B 30 -43.53 -23.18 -12.76
N ALA B 31 -43.04 -23.75 -11.66
CA ALA B 31 -43.50 -23.34 -10.34
C ALA B 31 -43.02 -21.93 -10.01
N ARG B 32 -41.83 -21.56 -10.45
CA ARG B 32 -41.35 -20.20 -10.26
C ARG B 32 -42.12 -19.22 -11.13
N LYS B 33 -42.52 -19.65 -12.32
CA LYS B 33 -43.29 -18.78 -13.20
C LYS B 33 -44.70 -18.56 -12.68
N ALA B 34 -45.26 -19.58 -12.02
CA ALA B 34 -46.64 -19.47 -11.53
C ALA B 34 -46.76 -18.49 -10.37
N CYS B 35 -45.67 -18.27 -9.63
CA CYS B 35 -45.69 -17.39 -8.48
C CYS B 35 -44.92 -16.10 -8.74
N ALA B 36 -45.02 -15.57 -9.95
CA ALA B 36 -44.20 -14.46 -10.41
C ALA B 36 -45.07 -13.33 -10.94
N ASP B 37 -46.06 -12.91 -10.12
CA ASP B 37 -47.13 -12.05 -10.61
C ASP B 37 -46.66 -10.62 -10.88
N ALA B 38 -45.83 -10.07 -9.99
CA ALA B 38 -45.45 -8.66 -10.11
C ALA B 38 -44.03 -8.52 -9.58
N THR B 39 -43.13 -8.03 -10.41
CA THR B 39 -41.74 -7.91 -10.00
C THR B 39 -41.57 -6.80 -8.98
N LEU B 40 -40.41 -6.82 -8.31
CA LEU B 40 -40.13 -5.84 -7.27
C LEU B 40 -39.95 -4.45 -7.84
N SER B 41 -39.58 -4.34 -9.11
CA SER B 41 -39.53 -3.04 -9.76
C SER B 41 -40.92 -2.45 -9.94
N GLN B 42 -41.96 -3.30 -10.01
CA GLN B 42 -43.31 -2.79 -10.24
C GLN B 42 -43.92 -2.20 -8.98
N ILE B 43 -43.88 -2.93 -7.87
CA ILE B 43 -44.63 -2.52 -6.69
C ILE B 43 -43.77 -1.65 -5.79
N THR B 44 -42.63 -1.22 -6.28
CA THR B 44 -41.82 -0.21 -5.63
C THR B 44 -41.61 1.00 -6.53
N ASN B 45 -42.67 1.43 -7.22
CA ASN B 45 -42.65 2.74 -7.84
C ASN B 45 -43.21 3.81 -6.91
N ASN B 46 -44.08 3.41 -5.99
CA ASN B 46 -44.77 4.31 -5.08
C ASN B 46 -43.91 4.71 -3.89
N ILE B 47 -42.64 4.34 -3.87
CA ILE B 47 -41.73 4.67 -2.79
C ILE B 47 -40.80 5.79 -3.27
N ASP B 48 -40.49 6.71 -2.38
CA ASP B 48 -39.54 7.74 -2.71
C ASP B 48 -38.12 7.17 -2.77
N PRO B 49 -37.28 7.69 -3.65
CA PRO B 49 -35.88 7.23 -3.69
C PRO B 49 -35.08 7.76 -2.53
N VAL B 50 -33.79 7.49 -2.54
CA VAL B 50 -32.92 7.87 -1.44
C VAL B 50 -32.22 9.19 -1.73
N GLY B 51 -31.74 9.39 -2.94
CA GLY B 51 -31.08 10.61 -3.34
C GLY B 51 -29.58 10.41 -3.46
N ARG B 52 -28.91 11.51 -3.77
CA ARG B 52 -27.45 11.50 -3.89
C ARG B 52 -26.86 11.37 -2.49
N ILE B 53 -26.34 10.19 -2.18
CA ILE B 53 -25.82 9.90 -0.85
C ILE B 53 -24.34 10.23 -0.85
N GLN B 54 -23.96 11.34 -0.22
CA GLN B 54 -22.55 11.72 -0.20
C GLN B 54 -21.86 11.03 0.99
N MET B 55 -21.75 9.72 0.88
CA MET B 55 -20.90 8.99 1.79
C MET B 55 -19.46 9.37 1.53
N ARG B 56 -18.70 9.54 2.59
CA ARG B 56 -17.35 10.02 2.41
C ARG B 56 -16.44 9.29 3.41
N THR B 57 -15.17 9.17 3.03
CA THR B 57 -14.15 8.55 3.86
C THR B 57 -14.04 9.26 5.20
N ARG B 58 -14.25 8.52 6.27
CA ARG B 58 -14.08 9.06 7.59
C ARG B 58 -12.74 8.71 8.21
N ARG B 59 -12.41 7.43 8.28
CA ARG B 59 -11.07 7.00 8.66
C ARG B 59 -10.41 6.29 7.49
N THR B 60 -9.10 6.13 7.58
CA THR B 60 -8.35 5.35 6.61
C THR B 60 -7.31 4.55 7.33
N LEU B 61 -7.44 3.24 7.27
CA LEU B 61 -6.65 2.34 8.10
C LEU B 61 -5.46 1.89 7.27
N ARG B 62 -4.43 2.73 7.25
CA ARG B 62 -3.30 2.54 6.34
C ARG B 62 -2.15 1.85 7.06
N GLY B 63 -2.26 0.54 7.17
CA GLY B 63 -1.23 -0.19 7.88
C GLY B 63 -0.63 -1.40 7.19
N HIS B 64 -1.33 -1.99 6.23
CA HIS B 64 -0.87 -3.24 5.66
C HIS B 64 0.26 -3.03 4.68
N LEU B 65 0.83 -4.14 4.22
CA LEU B 65 1.97 -4.09 3.33
C LEU B 65 1.62 -4.54 1.93
N ALA B 66 0.70 -5.49 1.80
CA ALA B 66 0.24 -6.02 0.53
C ALA B 66 -1.25 -5.74 0.41
N LYS B 67 -1.85 -6.33 -0.60
CA LYS B 67 -3.26 -6.13 -0.86
C LYS B 67 -4.11 -6.74 0.26
N ILE B 68 -5.21 -6.07 0.57
CA ILE B 68 -6.13 -6.54 1.58
C ILE B 68 -7.14 -7.42 0.88
N TYR B 69 -7.22 -8.68 1.28
CA TYR B 69 -8.05 -9.57 0.49
C TYR B 69 -9.40 -9.82 1.12
N ALA B 70 -9.53 -9.65 2.43
CA ALA B 70 -10.82 -9.78 3.07
C ALA B 70 -10.87 -8.93 4.32
N MET B 71 -12.05 -8.89 4.91
CA MET B 71 -12.33 -8.04 6.06
C MET B 71 -13.59 -8.57 6.72
N HIS B 72 -13.66 -8.43 8.04
CA HIS B 72 -14.91 -8.72 8.73
C HIS B 72 -15.00 -7.83 9.96
N TRP B 73 -16.13 -7.18 10.14
CA TRP B 73 -16.32 -6.33 11.31
C TRP B 73 -16.54 -7.16 12.56
N GLY B 74 -16.31 -6.51 13.69
CA GLY B 74 -16.78 -7.06 14.93
C GLY B 74 -18.26 -6.84 15.09
N THR B 75 -18.85 -7.52 16.07
CA THR B 75 -20.24 -7.29 16.37
C THR B 75 -20.45 -6.16 17.37
N ASP B 76 -19.38 -5.62 17.92
CA ASP B 76 -19.49 -4.40 18.72
C ASP B 76 -19.43 -3.15 17.85
N SER B 77 -19.33 -3.33 16.53
CA SER B 77 -19.24 -2.29 15.52
C SER B 77 -18.05 -1.39 15.69
N ARG B 78 -17.00 -1.84 16.38
CA ARG B 78 -15.85 -0.98 16.53
C ARG B 78 -14.61 -1.67 16.02
N LEU B 79 -14.38 -2.91 16.43
CA LEU B 79 -13.20 -3.62 15.96
C LEU B 79 -13.45 -4.15 14.57
N LEU B 80 -12.38 -4.38 13.81
CA LEU B 80 -12.52 -4.91 12.46
C LEU B 80 -11.24 -5.62 12.00
N VAL B 81 -11.36 -6.90 11.65
CA VAL B 81 -10.22 -7.68 11.23
C VAL B 81 -10.00 -7.43 9.75
N SER B 82 -8.76 -7.17 9.36
CA SER B 82 -8.41 -7.18 7.94
C SER B 82 -7.30 -8.18 7.74
N ALA B 83 -7.46 -9.02 6.73
CA ALA B 83 -6.48 -10.03 6.40
C ALA B 83 -5.84 -9.64 5.08
N SER B 84 -4.54 -9.45 5.09
CA SER B 84 -3.84 -9.11 3.88
C SER B 84 -2.92 -10.24 3.47
N GLN B 85 -2.45 -10.17 2.24
CA GLN B 85 -1.59 -11.23 1.73
C GLN B 85 -0.12 -10.91 1.89
N ASP B 86 0.21 -10.07 2.86
CA ASP B 86 1.57 -9.99 3.36
C ASP B 86 1.79 -10.92 4.53
N GLY B 87 0.86 -11.83 4.78
CA GLY B 87 0.94 -12.69 5.92
C GLY B 87 0.47 -12.05 7.21
N LYS B 88 -0.26 -10.95 7.13
CA LYS B 88 -0.74 -10.28 8.32
C LYS B 88 -2.25 -10.32 8.38
N LEU B 89 -2.73 -10.32 9.61
CA LEU B 89 -4.15 -10.21 9.89
C LEU B 89 -4.22 -9.27 11.08
N ILE B 90 -4.61 -8.02 10.89
CA ILE B 90 -4.60 -7.11 12.04
C ILE B 90 -5.94 -6.51 12.45
N ILE B 91 -6.33 -6.73 13.69
CA ILE B 91 -7.56 -6.17 14.21
C ILE B 91 -7.39 -4.66 14.23
N TRP B 92 -8.42 -3.94 13.80
CA TRP B 92 -8.37 -2.49 13.74
C TRP B 92 -9.41 -1.85 14.62
N ASP B 93 -9.01 -0.83 15.38
CA ASP B 93 -9.98 -0.12 16.19
C ASP B 93 -10.41 1.01 15.27
N SER B 94 -11.58 0.87 14.67
CA SER B 94 -12.09 1.85 13.72
C SER B 94 -12.34 3.25 14.28
N TYR B 95 -12.91 3.32 15.48
CA TYR B 95 -13.22 4.60 16.07
C TYR B 95 -12.02 5.52 16.26
N THR B 96 -10.87 4.95 16.56
CA THR B 96 -9.69 5.74 16.83
C THR B 96 -8.50 5.35 15.98
N THR B 97 -8.75 4.68 14.84
CA THR B 97 -7.81 4.27 13.79
C THR B 97 -6.45 3.77 14.25
N ASN B 98 -6.40 3.10 15.39
CA ASN B 98 -5.17 2.53 15.89
C ASN B 98 -5.29 1.03 15.97
N LYS B 99 -4.17 0.35 15.88
CA LYS B 99 -4.20 -1.09 15.76
C LYS B 99 -4.46 -1.68 17.13
N VAL B 100 -4.84 -2.96 17.17
CA VAL B 100 -4.97 -3.62 18.45
C VAL B 100 -4.02 -4.79 18.46
N HIS B 101 -4.23 -5.72 17.55
CA HIS B 101 -3.31 -6.83 17.36
C HIS B 101 -2.82 -6.81 15.93
N ALA B 102 -1.67 -7.41 15.72
CA ALA B 102 -1.14 -7.62 14.38
C ALA B 102 -0.65 -9.05 14.36
N ILE B 103 -1.44 -9.95 13.77
CA ILE B 103 -1.18 -11.37 13.87
C ILE B 103 -0.39 -11.79 12.63
N PRO B 104 0.81 -12.32 12.78
CA PRO B 104 1.47 -12.98 11.65
C PRO B 104 0.91 -14.38 11.46
N LEU B 105 0.80 -14.77 10.21
CA LEU B 105 0.14 -16.00 9.84
C LEU B 105 1.19 -17.07 9.53
N ARG B 106 0.72 -18.23 9.12
CA ARG B 106 1.64 -19.26 8.64
C ARG B 106 1.87 -19.12 7.15
N SER B 107 0.81 -19.23 6.36
CA SER B 107 0.90 -19.03 4.93
C SER B 107 0.58 -17.59 4.61
N SER B 108 1.34 -17.01 3.69
CA SER B 108 1.15 -15.62 3.35
C SER B 108 -0.14 -15.39 2.58
N TRP B 109 -0.65 -16.42 1.94
CA TRP B 109 -1.82 -16.28 1.09
C TRP B 109 -3.06 -16.67 1.87
N VAL B 110 -3.64 -15.69 2.55
CA VAL B 110 -4.96 -15.82 3.12
C VAL B 110 -5.95 -15.10 2.23
N MET B 111 -7.09 -15.72 2.03
CA MET B 111 -8.13 -15.20 1.18
C MET B 111 -9.38 -14.85 1.93
N THR B 112 -9.39 -15.06 3.24
CA THR B 112 -10.58 -14.78 4.03
C THR B 112 -10.20 -14.51 5.47
N CYS B 113 -11.14 -13.91 6.18
CA CYS B 113 -11.02 -13.75 7.61
C CYS B 113 -12.41 -13.65 8.19
N ALA B 114 -12.49 -13.74 9.50
CA ALA B 114 -13.77 -13.74 10.18
C ALA B 114 -13.54 -13.34 11.62
N TYR B 115 -14.29 -12.39 12.10
CA TYR B 115 -14.23 -12.02 13.50
C TYR B 115 -15.40 -12.73 14.18
N ALA B 116 -15.14 -13.31 15.34
CA ALA B 116 -16.16 -14.07 16.00
C ALA B 116 -17.21 -13.14 16.61
N PRO B 117 -18.46 -13.57 16.70
CA PRO B 117 -19.47 -12.69 17.29
C PRO B 117 -19.29 -12.52 18.77
N SER B 118 -18.62 -13.44 19.44
CA SER B 118 -18.21 -13.25 20.82
C SER B 118 -16.98 -12.37 20.93
N GLY B 119 -16.30 -12.09 19.83
CA GLY B 119 -15.11 -11.28 19.89
C GLY B 119 -13.86 -12.00 20.33
N ASN B 120 -13.94 -13.29 20.59
CA ASN B 120 -12.82 -13.99 21.19
C ASN B 120 -11.86 -14.55 20.15
N TYR B 121 -12.36 -15.04 19.03
CA TYR B 121 -11.51 -15.71 18.07
C TYR B 121 -11.53 -14.96 16.75
N VAL B 122 -10.52 -15.21 15.92
CA VAL B 122 -10.48 -14.72 14.56
C VAL B 122 -10.08 -15.86 13.66
N ALA B 123 -10.86 -16.13 12.63
CA ALA B 123 -10.48 -17.16 11.67
C ALA B 123 -9.79 -16.53 10.49
N CYS B 124 -9.04 -17.35 9.77
CA CYS B 124 -8.46 -16.97 8.50
C CYS B 124 -8.23 -18.22 7.71
N GLY B 125 -7.89 -18.06 6.45
CA GLY B 125 -7.58 -19.23 5.65
C GLY B 125 -7.37 -18.82 4.23
N GLY B 126 -6.80 -19.70 3.41
CA GLY B 126 -6.47 -19.29 2.07
C GLY B 126 -6.01 -20.45 1.23
N LEU B 127 -4.92 -20.25 0.50
CA LEU B 127 -4.41 -21.27 -0.40
C LEU B 127 -3.79 -22.44 0.33
N ASP B 128 -3.58 -22.34 1.63
CA ASP B 128 -3.08 -23.42 2.44
C ASP B 128 -4.15 -24.43 2.84
N ASN B 129 -5.38 -24.24 2.39
CA ASN B 129 -6.52 -25.15 2.57
C ASN B 129 -6.89 -25.36 4.02
N ILE B 130 -6.58 -24.41 4.89
CA ILE B 130 -6.70 -24.57 6.33
C ILE B 130 -7.35 -23.35 6.93
N CYS B 131 -8.44 -23.55 7.67
CA CYS B 131 -9.02 -22.47 8.47
C CYS B 131 -8.30 -22.44 9.82
N SER B 132 -7.56 -21.37 10.08
CA SER B 132 -6.86 -21.24 11.35
C SER B 132 -7.62 -20.28 12.22
N ILE B 133 -7.78 -20.64 13.48
CA ILE B 133 -8.58 -19.92 14.44
C ILE B 133 -7.65 -19.45 15.54
N TYR B 134 -7.47 -18.14 15.62
CA TYR B 134 -6.61 -17.49 16.58
C TYR B 134 -7.45 -17.05 17.77
N ASN B 135 -6.87 -17.15 18.96
CA ASN B 135 -7.55 -16.84 20.20
C ASN B 135 -7.06 -15.48 20.67
N LEU B 136 -7.95 -14.52 20.79
CA LEU B 136 -7.51 -13.18 21.16
C LEU B 136 -7.43 -12.99 22.66
N LYS B 137 -8.38 -13.56 23.40
CA LYS B 137 -8.58 -13.26 24.80
C LYS B 137 -7.82 -14.21 25.71
N THR B 138 -6.68 -14.71 25.28
CA THR B 138 -5.89 -15.58 26.14
C THR B 138 -5.26 -14.77 27.27
N ARG B 139 -5.00 -15.45 28.38
CA ARG B 139 -4.40 -14.83 29.55
C ARG B 139 -2.89 -15.00 29.57
N GLU B 140 -2.29 -15.37 28.44
CA GLU B 140 -0.86 -15.52 28.35
C GLU B 140 -0.23 -14.45 27.49
N GLY B 141 -0.96 -13.40 27.17
CA GLY B 141 -0.38 -12.31 26.42
C GLY B 141 -0.69 -12.28 24.94
N ASN B 142 0.24 -12.80 24.14
CA ASN B 142 0.12 -12.74 22.69
C ASN B 142 -0.96 -13.69 22.20
N VAL B 143 -1.47 -13.40 21.01
CA VAL B 143 -2.44 -14.26 20.35
C VAL B 143 -1.78 -15.57 19.96
N ARG B 144 -2.55 -16.64 20.00
CA ARG B 144 -2.08 -17.97 19.64
C ARG B 144 -3.05 -18.58 18.65
N VAL B 145 -2.53 -19.40 17.75
CA VAL B 145 -3.39 -20.18 16.88
C VAL B 145 -4.09 -21.24 17.73
N SER B 146 -5.39 -21.06 17.94
CA SER B 146 -6.10 -21.96 18.82
C SER B 146 -6.50 -23.24 18.14
N ARG B 147 -6.71 -23.20 16.83
CA ARG B 147 -7.18 -24.38 16.14
C ARG B 147 -6.77 -24.28 14.69
N GLU B 148 -6.41 -25.40 14.08
CA GLU B 148 -5.89 -25.36 12.73
C GLU B 148 -6.66 -26.41 11.94
N LEU B 149 -7.84 -26.03 11.49
CA LEU B 149 -8.78 -26.95 10.86
C LEU B 149 -8.34 -27.25 9.43
N ALA B 150 -8.08 -28.52 9.14
CA ALA B 150 -7.51 -28.94 7.88
C ALA B 150 -8.27 -30.15 7.35
N GLY B 151 -9.33 -29.90 6.59
CA GLY B 151 -10.01 -30.99 5.93
C GLY B 151 -10.43 -30.70 4.51
N HIS B 152 -10.43 -29.44 4.12
CA HIS B 152 -10.77 -29.11 2.75
C HIS B 152 -9.63 -29.50 1.83
N THR B 153 -9.97 -29.86 0.60
CA THR B 153 -8.95 -30.25 -0.34
C THR B 153 -8.51 -29.11 -1.24
N GLY B 154 -9.32 -28.07 -1.37
CA GLY B 154 -8.96 -26.86 -2.07
C GLY B 154 -8.84 -25.68 -1.11
N TYR B 155 -8.61 -24.52 -1.70
CA TYR B 155 -8.38 -23.29 -0.95
C TYR B 155 -9.66 -22.86 -0.25
N LEU B 156 -9.51 -22.22 0.90
CA LEU B 156 -10.66 -21.60 1.55
C LEU B 156 -11.00 -20.29 0.88
N SER B 157 -12.28 -19.99 0.84
CA SER B 157 -12.70 -18.76 0.19
C SER B 157 -13.47 -17.85 1.10
N CYS B 158 -14.19 -18.39 2.07
CA CYS B 158 -14.91 -17.58 3.03
C CYS B 158 -15.12 -18.44 4.25
N CYS B 159 -15.26 -17.80 5.39
CA CYS B 159 -15.52 -18.52 6.63
C CYS B 159 -16.24 -17.57 7.57
N ARG B 160 -17.21 -18.09 8.30
CA ARG B 160 -18.00 -17.27 9.21
C ARG B 160 -18.24 -18.08 10.47
N PHE B 161 -18.11 -17.44 11.63
CA PHE B 161 -18.42 -18.13 12.87
C PHE B 161 -19.93 -18.16 13.06
N LEU B 162 -20.46 -19.32 13.39
CA LEU B 162 -21.84 -19.35 13.84
C LEU B 162 -21.93 -18.83 15.26
N ASP B 163 -21.05 -19.32 16.12
CA ASP B 163 -20.96 -18.90 17.50
C ASP B 163 -19.51 -19.08 17.92
N ASP B 164 -19.29 -19.16 19.22
CA ASP B 164 -17.94 -19.24 19.73
C ASP B 164 -17.32 -20.61 19.46
N ASN B 165 -18.14 -21.63 19.25
CA ASN B 165 -17.68 -23.02 19.27
C ASN B 165 -17.61 -23.66 17.89
N GLN B 166 -18.40 -23.21 16.92
CA GLN B 166 -18.41 -23.90 15.64
C GLN B 166 -18.36 -22.90 14.49
N ILE B 167 -17.61 -23.26 13.47
CA ILE B 167 -17.28 -22.37 12.36
C ILE B 167 -17.74 -23.01 11.06
N VAL B 168 -18.32 -22.22 10.17
CA VAL B 168 -18.67 -22.73 8.86
C VAL B 168 -17.70 -22.15 7.86
N THR B 169 -17.16 -23.00 7.01
CA THR B 169 -16.20 -22.60 6.00
C THR B 169 -16.76 -22.94 4.63
N SER B 170 -16.24 -22.28 3.62
CA SER B 170 -16.48 -22.67 2.24
C SER B 170 -15.14 -22.75 1.55
N SER B 171 -14.99 -23.70 0.66
CA SER B 171 -13.71 -23.86 0.02
C SER B 171 -13.85 -23.83 -1.49
N GLY B 172 -12.71 -23.94 -2.15
CA GLY B 172 -12.67 -24.00 -3.58
C GLY B 172 -12.56 -25.42 -4.07
N ASP B 173 -13.18 -26.35 -3.35
CA ASP B 173 -13.36 -27.70 -3.84
C ASP B 173 -14.82 -28.11 -3.73
N THR B 174 -15.69 -27.19 -4.12
CA THR B 174 -17.14 -27.37 -4.24
C THR B 174 -17.81 -27.74 -2.93
N THR B 175 -17.18 -27.50 -1.79
CA THR B 175 -17.73 -27.92 -0.51
C THR B 175 -17.75 -26.76 0.48
N CYS B 176 -18.87 -26.61 1.16
CA CYS B 176 -18.86 -25.90 2.43
C CYS B 176 -18.80 -26.95 3.53
N ALA B 177 -18.55 -26.51 4.75
CA ALA B 177 -18.38 -27.48 5.83
C ALA B 177 -18.62 -26.80 7.16
N LEU B 178 -19.37 -27.47 8.03
CA LEU B 178 -19.55 -27.04 9.39
C LEU B 178 -18.59 -27.81 10.28
N TRP B 179 -17.77 -27.07 11.02
CA TRP B 179 -16.69 -27.60 11.82
C TRP B 179 -16.99 -27.34 13.28
N ASP B 180 -16.67 -28.31 14.12
CA ASP B 180 -16.65 -28.12 15.56
C ASP B 180 -15.21 -27.82 15.97
N ILE B 181 -15.01 -26.67 16.60
CA ILE B 181 -13.65 -26.22 16.87
C ILE B 181 -13.05 -26.97 18.05
N GLU B 182 -13.88 -27.27 19.06
CA GLU B 182 -13.38 -27.90 20.28
C GLU B 182 -12.88 -29.31 20.02
N THR B 183 -13.41 -29.98 19.00
CA THR B 183 -12.92 -31.28 18.60
C THR B 183 -11.95 -31.20 17.43
N GLY B 184 -12.25 -30.40 16.42
CA GLY B 184 -11.31 -30.13 15.35
C GLY B 184 -11.62 -30.74 14.00
N GLN B 185 -12.83 -31.23 13.78
CA GLN B 185 -13.18 -31.88 12.53
C GLN B 185 -14.53 -31.37 12.07
N GLN B 186 -14.96 -31.82 10.92
CA GLN B 186 -16.19 -31.34 10.32
C GLN B 186 -17.38 -32.01 10.98
N THR B 187 -18.27 -31.22 11.58
CA THR B 187 -19.55 -31.75 12.01
C THR B 187 -20.37 -32.21 10.82
N THR B 188 -20.43 -31.40 9.78
CA THR B 188 -21.04 -31.87 8.54
C THR B 188 -20.36 -31.22 7.35
N THR B 189 -20.65 -31.75 6.18
CA THR B 189 -20.24 -31.14 4.93
C THR B 189 -21.47 -30.58 4.24
N PHE B 190 -21.21 -29.90 3.13
CA PHE B 190 -22.26 -29.30 2.32
C PHE B 190 -21.76 -29.42 0.89
N THR B 191 -22.19 -30.47 0.20
CA THR B 191 -21.75 -30.75 -1.16
C THR B 191 -22.94 -30.62 -2.09
N GLY B 192 -22.66 -30.29 -3.33
CA GLY B 192 -23.72 -30.12 -4.28
C GLY B 192 -23.41 -29.02 -5.26
N HIS B 193 -22.41 -28.23 -4.92
CA HIS B 193 -21.88 -27.30 -5.90
C HIS B 193 -21.08 -28.04 -6.96
N THR B 194 -20.99 -27.42 -8.12
CA THR B 194 -20.19 -27.95 -9.21
C THR B 194 -19.00 -27.08 -9.52
N GLY B 195 -18.83 -25.97 -8.82
CA GLY B 195 -17.65 -25.14 -8.96
C GLY B 195 -17.18 -24.68 -7.60
N ASP B 196 -16.15 -23.84 -7.61
CA ASP B 196 -15.56 -23.33 -6.38
C ASP B 196 -16.54 -22.44 -5.65
N VAL B 197 -16.67 -22.62 -4.35
CA VAL B 197 -17.61 -21.85 -3.55
C VAL B 197 -16.91 -20.59 -3.08
N MET B 198 -17.21 -19.46 -3.71
CA MET B 198 -16.42 -18.28 -3.42
C MET B 198 -16.84 -17.59 -2.14
N SER B 199 -18.11 -17.67 -1.74
CA SER B 199 -18.46 -17.00 -0.51
C SER B 199 -19.68 -17.65 0.12
N LEU B 200 -19.87 -17.36 1.41
CA LEU B 200 -21.07 -17.77 2.09
C LEU B 200 -21.56 -16.59 2.93
N SER B 201 -22.80 -16.69 3.38
CA SER B 201 -23.34 -15.66 4.25
C SER B 201 -24.36 -16.29 5.17
N LEU B 202 -24.25 -16.00 6.46
CA LEU B 202 -25.15 -16.57 7.43
C LEU B 202 -26.46 -15.81 7.47
N ALA B 203 -27.44 -16.40 8.10
CA ALA B 203 -28.69 -15.72 8.35
C ALA B 203 -28.57 -14.91 9.63
N PRO B 204 -29.53 -14.03 9.90
CA PRO B 204 -29.60 -13.47 11.25
C PRO B 204 -29.85 -14.51 12.34
N ASP B 205 -30.70 -15.50 12.11
CA ASP B 205 -30.95 -16.48 13.17
C ASP B 205 -29.91 -17.60 13.19
N THR B 206 -28.99 -17.62 12.22
CA THR B 206 -27.83 -18.50 12.17
C THR B 206 -28.26 -19.96 12.18
N ARG B 207 -29.23 -20.28 11.34
CA ARG B 207 -29.78 -21.61 11.23
C ARG B 207 -29.78 -22.13 9.80
N LEU B 208 -29.78 -21.24 8.82
CA LEU B 208 -29.69 -21.63 7.41
C LEU B 208 -28.94 -20.54 6.68
N PHE B 209 -27.79 -20.89 6.12
CA PHE B 209 -26.96 -19.94 5.41
C PHE B 209 -27.04 -20.15 3.92
N VAL B 210 -26.43 -19.24 3.18
CA VAL B 210 -26.36 -19.35 1.74
C VAL B 210 -24.89 -19.40 1.33
N SER B 211 -24.66 -19.88 0.12
CA SER B 211 -23.33 -19.94 -0.44
C SER B 211 -23.39 -19.63 -1.92
N GLY B 212 -22.60 -18.65 -2.35
CA GLY B 212 -22.44 -18.35 -3.75
C GLY B 212 -21.13 -18.95 -4.25
N ALA B 213 -21.17 -19.52 -5.45
CA ALA B 213 -20.09 -20.34 -5.95
C ALA B 213 -19.72 -19.95 -7.38
N CYS B 214 -18.79 -20.72 -7.95
CA CYS B 214 -18.33 -20.50 -9.31
C CYS B 214 -19.12 -21.30 -10.33
N ASP B 215 -20.38 -21.55 -10.06
CA ASP B 215 -21.25 -22.14 -11.07
C ASP B 215 -22.53 -21.34 -11.24
N ALA B 216 -22.47 -20.06 -10.89
CA ALA B 216 -23.57 -19.10 -10.98
C ALA B 216 -24.79 -19.53 -10.19
N SER B 217 -24.62 -20.36 -9.18
CA SER B 217 -25.74 -20.92 -8.44
C SER B 217 -25.51 -20.70 -6.97
N ALA B 218 -26.46 -20.07 -6.31
CA ALA B 218 -26.38 -19.84 -4.88
C ALA B 218 -27.27 -20.86 -4.19
N LYS B 219 -26.74 -21.51 -3.16
CA LYS B 219 -27.49 -22.53 -2.46
C LYS B 219 -27.81 -22.09 -1.04
N LEU B 220 -29.08 -22.20 -0.68
CA LEU B 220 -29.53 -22.09 0.70
C LEU B 220 -29.46 -23.47 1.32
N TRP B 221 -28.53 -23.62 2.26
CA TRP B 221 -28.29 -24.85 2.99
C TRP B 221 -29.07 -24.84 4.30
N ASP B 222 -29.04 -25.95 5.00
CA ASP B 222 -29.59 -26.03 6.35
C ASP B 222 -28.49 -26.52 7.26
N VAL B 223 -28.19 -25.75 8.30
CA VAL B 223 -27.01 -26.03 9.12
C VAL B 223 -27.25 -27.27 9.97
N ARG B 224 -28.45 -27.40 10.54
CA ARG B 224 -28.73 -28.51 11.43
C ARG B 224 -29.02 -29.81 10.70
N GLU B 225 -29.12 -29.78 9.37
CA GLU B 225 -29.29 -31.00 8.60
C GLU B 225 -28.09 -31.27 7.70
N GLY B 226 -27.75 -30.33 6.83
CA GLY B 226 -26.67 -30.50 5.89
C GLY B 226 -27.11 -30.62 4.46
N MET B 227 -28.40 -30.45 4.18
CA MET B 227 -28.92 -30.57 2.83
C MET B 227 -29.18 -29.19 2.24
N CYS B 228 -28.83 -29.05 0.96
CA CYS B 228 -29.23 -27.87 0.21
C CYS B 228 -30.74 -27.86 0.05
N ARG B 229 -31.41 -26.96 0.75
CA ARG B 229 -32.84 -26.96 0.59
C ARG B 229 -33.31 -26.08 -0.56
N GLN B 230 -32.58 -25.02 -0.91
CA GLN B 230 -33.01 -24.23 -2.06
C GLN B 230 -31.82 -23.86 -2.93
N THR B 231 -32.07 -23.69 -4.23
CA THR B 231 -31.00 -23.48 -5.18
C THR B 231 -31.43 -22.43 -6.19
N PHE B 232 -30.59 -21.41 -6.37
CA PHE B 232 -30.96 -20.21 -7.07
C PHE B 232 -30.03 -20.03 -8.26
N THR B 233 -30.62 -19.91 -9.44
CA THR B 233 -29.89 -19.79 -10.69
C THR B 233 -30.44 -18.55 -11.36
N GLY B 234 -29.80 -17.42 -11.11
CA GLY B 234 -30.14 -16.25 -11.87
C GLY B 234 -28.93 -15.74 -12.60
N HIS B 235 -27.77 -15.86 -11.96
CA HIS B 235 -26.55 -15.29 -12.52
C HIS B 235 -26.05 -16.09 -13.69
N GLU B 236 -25.00 -15.56 -14.30
CA GLU B 236 -24.48 -16.10 -15.54
C GLU B 236 -22.96 -16.07 -15.57
N SER B 237 -22.33 -15.91 -14.41
CA SER B 237 -20.89 -16.06 -14.23
C SER B 237 -20.66 -16.35 -12.76
N ASP B 238 -19.38 -16.52 -12.39
CA ASP B 238 -18.99 -17.00 -11.07
C ASP B 238 -19.41 -16.03 -10.00
N ILE B 239 -20.21 -16.48 -9.04
CA ILE B 239 -20.67 -15.61 -7.96
C ILE B 239 -19.52 -15.34 -7.00
N ASN B 240 -19.12 -14.08 -6.92
CA ASN B 240 -18.00 -13.68 -6.09
C ASN B 240 -18.38 -13.28 -4.68
N ALA B 241 -19.64 -12.97 -4.42
CA ALA B 241 -20.03 -12.57 -3.09
C ALA B 241 -21.51 -12.82 -2.89
N ILE B 242 -21.89 -12.92 -1.63
CA ILE B 242 -23.28 -13.16 -1.27
C ILE B 242 -23.50 -12.52 0.09
N CYS B 243 -24.72 -12.06 0.33
CA CYS B 243 -25.03 -11.47 1.62
C CYS B 243 -26.52 -11.61 1.88
N PHE B 244 -26.87 -12.13 3.05
CA PHE B 244 -28.28 -12.30 3.36
C PHE B 244 -28.92 -10.95 3.67
N PHE B 245 -30.19 -10.85 3.36
CA PHE B 245 -30.94 -9.65 3.67
C PHE B 245 -31.18 -9.60 5.18
N PRO B 246 -31.25 -8.41 5.78
CA PRO B 246 -31.33 -8.33 7.24
C PRO B 246 -32.53 -8.95 7.94
N ASN B 247 -33.52 -9.49 7.23
CA ASN B 247 -34.52 -10.29 7.91
C ASN B 247 -34.41 -11.78 7.62
N GLY B 248 -33.49 -12.17 6.75
CA GLY B 248 -33.29 -13.57 6.48
C GLY B 248 -34.27 -14.19 5.53
N ASN B 249 -35.04 -13.38 4.80
CA ASN B 249 -35.95 -13.89 3.79
C ASN B 249 -35.40 -13.77 2.38
N ALA B 250 -34.45 -12.88 2.16
CA ALA B 250 -33.88 -12.64 0.85
C ALA B 250 -32.37 -12.70 0.99
N PHE B 251 -31.68 -12.57 -0.13
CA PHE B 251 -30.24 -12.37 -0.12
C PHE B 251 -29.82 -11.77 -1.44
N ALA B 252 -28.67 -11.14 -1.43
CA ALA B 252 -28.14 -10.52 -2.63
C ALA B 252 -26.83 -11.20 -3.00
N THR B 253 -26.58 -11.26 -4.30
CA THR B 253 -25.39 -11.84 -4.85
C THR B 253 -24.75 -10.88 -5.82
N GLY B 254 -23.54 -11.22 -6.21
CA GLY B 254 -22.89 -10.51 -7.30
C GLY B 254 -21.81 -11.36 -7.91
N SER B 255 -21.51 -11.09 -9.17
CA SER B 255 -20.70 -12.04 -9.92
C SER B 255 -19.70 -11.30 -10.77
N ASP B 256 -19.08 -12.05 -11.68
CA ASP B 256 -18.25 -11.47 -12.71
C ASP B 256 -19.07 -10.93 -13.86
N ASP B 257 -20.38 -11.13 -13.87
CA ASP B 257 -21.23 -10.64 -14.94
C ASP B 257 -21.68 -9.21 -14.72
N ALA B 258 -20.97 -8.47 -13.86
CA ALA B 258 -21.18 -7.06 -13.58
C ALA B 258 -22.53 -6.74 -12.95
N THR B 259 -23.25 -7.73 -12.44
CA THR B 259 -24.57 -7.50 -11.88
C THR B 259 -24.62 -7.91 -10.42
N CYS B 260 -25.55 -7.30 -9.69
CA CYS B 260 -26.02 -7.86 -8.43
C CYS B 260 -27.37 -8.49 -8.69
N ARG B 261 -27.74 -9.45 -7.86
CA ARG B 261 -29.07 -10.05 -7.98
C ARG B 261 -29.65 -10.25 -6.60
N LEU B 262 -30.78 -9.64 -6.34
CA LEU B 262 -31.55 -9.89 -5.14
C LEU B 262 -32.49 -11.05 -5.40
N PHE B 263 -32.25 -12.16 -4.72
CA PHE B 263 -33.10 -13.34 -4.69
C PHE B 263 -33.93 -13.33 -3.42
N ASP B 264 -35.04 -14.05 -3.44
CA ASP B 264 -35.84 -14.30 -2.24
C ASP B 264 -35.88 -15.78 -1.93
N LEU B 265 -35.77 -16.11 -0.64
CA LEU B 265 -35.81 -17.51 -0.25
C LEU B 265 -37.21 -18.09 -0.37
N ARG B 266 -38.21 -17.38 0.15
CA ARG B 266 -39.56 -17.93 0.16
C ARG B 266 -40.18 -17.89 -1.23
N ALA B 267 -39.91 -16.83 -1.99
CA ALA B 267 -40.38 -16.75 -3.36
C ALA B 267 -39.53 -17.60 -4.29
N ASP B 268 -38.35 -18.02 -3.85
CA ASP B 268 -37.50 -19.04 -4.48
C ASP B 268 -36.99 -18.61 -5.86
N GLN B 269 -36.99 -17.32 -6.16
CA GLN B 269 -36.48 -16.90 -7.45
C GLN B 269 -35.87 -15.51 -7.34
N GLU B 270 -35.33 -15.05 -8.45
CA GLU B 270 -34.67 -13.77 -8.54
C GLU B 270 -35.68 -12.65 -8.55
N LEU B 271 -35.45 -11.63 -7.73
CA LEU B 271 -36.35 -10.50 -7.66
C LEU B 271 -35.84 -9.27 -8.39
N MET B 272 -34.56 -8.93 -8.22
CA MET B 272 -34.10 -7.70 -8.82
C MET B 272 -32.70 -7.87 -9.36
N THR B 273 -32.45 -7.33 -10.55
CA THR B 273 -31.15 -7.41 -11.19
C THR B 273 -30.57 -6.02 -11.27
N TYR B 274 -29.55 -5.78 -10.44
CA TYR B 274 -28.91 -4.46 -10.35
C TYR B 274 -27.78 -4.45 -11.36
N SER B 275 -28.03 -3.88 -12.53
CA SER B 275 -27.03 -3.76 -13.58
C SER B 275 -27.02 -2.32 -14.08
N HIS B 276 -26.04 -2.02 -14.91
CA HIS B 276 -25.88 -0.68 -15.45
C HIS B 276 -25.03 -0.80 -16.70
N ASP B 277 -25.19 0.18 -17.59
CA ASP B 277 -24.50 0.09 -18.88
C ASP B 277 -23.02 0.40 -18.74
N ASN B 278 -22.67 1.35 -17.88
CA ASN B 278 -21.27 1.71 -17.66
C ASN B 278 -20.51 0.67 -16.87
N ILE B 279 -21.19 -0.32 -16.31
CA ILE B 279 -20.57 -1.34 -15.49
C ILE B 279 -20.27 -2.53 -16.38
N ILE B 280 -19.00 -2.69 -16.75
CA ILE B 280 -18.55 -3.87 -17.46
C ILE B 280 -17.53 -4.65 -16.67
N CYS B 281 -17.27 -4.26 -15.44
CA CYS B 281 -16.32 -4.96 -14.59
C CYS B 281 -17.08 -5.88 -13.66
N GLY B 282 -16.47 -7.01 -13.32
CA GLY B 282 -17.09 -7.92 -12.38
C GLY B 282 -17.14 -7.32 -11.00
N ILE B 283 -18.04 -7.82 -10.16
CA ILE B 283 -18.19 -7.27 -8.82
C ILE B 283 -17.76 -8.34 -7.83
N THR B 284 -17.38 -7.89 -6.64
CA THR B 284 -16.61 -8.77 -5.78
C THR B 284 -16.98 -8.76 -4.31
N SER B 285 -17.92 -7.94 -3.88
CA SER B 285 -18.23 -7.82 -2.46
C SER B 285 -19.55 -7.09 -2.29
N VAL B 286 -20.51 -7.69 -1.62
CA VAL B 286 -21.80 -7.04 -1.41
C VAL B 286 -22.12 -7.03 0.08
N SER B 287 -22.91 -6.04 0.49
CA SER B 287 -23.43 -5.95 1.85
C SER B 287 -24.63 -5.02 1.85
N PHE B 288 -25.54 -5.28 2.77
CA PHE B 288 -26.68 -4.39 2.99
C PHE B 288 -26.43 -3.42 4.13
N SER B 289 -27.18 -2.32 4.10
CA SER B 289 -27.26 -1.46 5.26
C SER B 289 -28.21 -2.07 6.27
N LYS B 290 -28.35 -1.42 7.41
CA LYS B 290 -29.08 -2.03 8.52
C LYS B 290 -30.57 -2.10 8.26
N SER B 291 -31.13 -1.12 7.55
CA SER B 291 -32.52 -1.21 7.14
C SER B 291 -32.72 -2.27 6.09
N GLY B 292 -31.71 -2.51 5.27
CA GLY B 292 -31.88 -3.34 4.11
C GLY B 292 -32.25 -2.57 2.88
N ARG B 293 -31.97 -1.28 2.82
CA ARG B 293 -32.35 -0.50 1.66
C ARG B 293 -31.19 -0.23 0.73
N LEU B 294 -30.02 0.03 1.26
CA LEU B 294 -28.85 0.27 0.43
C LEU B 294 -28.13 -1.05 0.27
N LEU B 295 -28.10 -1.57 -0.95
CA LEU B 295 -27.25 -2.70 -1.28
C LEU B 295 -25.92 -2.13 -1.74
N LEU B 296 -24.94 -2.20 -0.86
CA LEU B 296 -23.60 -1.77 -1.19
C LEU B 296 -22.94 -2.87 -1.98
N ALA B 297 -22.19 -2.50 -3.01
CA ALA B 297 -21.59 -3.53 -3.85
C ALA B 297 -20.28 -3.01 -4.41
N GLY B 298 -19.18 -3.68 -4.05
CA GLY B 298 -17.87 -3.24 -4.45
C GLY B 298 -17.46 -3.91 -5.75
N TYR B 299 -16.93 -3.12 -6.67
CA TYR B 299 -16.71 -3.63 -8.01
C TYR B 299 -15.21 -3.70 -8.28
N ASP B 300 -14.85 -4.06 -9.50
CA ASP B 300 -13.44 -4.10 -9.88
C ASP B 300 -12.93 -2.81 -10.50
N ASP B 301 -13.81 -1.85 -10.81
CA ASP B 301 -13.39 -0.61 -11.44
C ASP B 301 -12.94 0.43 -10.44
N PHE B 302 -12.54 0.00 -9.25
CA PHE B 302 -11.92 0.71 -8.13
C PHE B 302 -12.99 1.45 -7.35
N ASN B 303 -14.24 1.41 -7.78
CA ASN B 303 -15.32 2.11 -7.12
C ASN B 303 -16.16 1.13 -6.32
N CYS B 304 -17.16 1.66 -5.64
CA CYS B 304 -18.22 0.87 -5.09
C CYS B 304 -19.52 1.57 -5.41
N ASN B 305 -20.64 0.87 -5.31
CA ASN B 305 -21.90 1.45 -5.67
C ASN B 305 -22.93 1.18 -4.60
N VAL B 306 -23.65 2.23 -4.23
CA VAL B 306 -24.69 2.16 -3.23
C VAL B 306 -25.99 2.06 -4.00
N TRP B 307 -26.40 0.84 -4.31
CA TRP B 307 -27.64 0.63 -5.02
C TRP B 307 -28.81 0.77 -4.06
N ASP B 308 -29.98 1.08 -4.60
CA ASP B 308 -31.20 1.13 -3.81
C ASP B 308 -31.83 -0.24 -4.01
N ALA B 309 -31.99 -1.01 -2.93
CA ALA B 309 -32.50 -2.38 -3.06
C ALA B 309 -33.95 -2.44 -3.51
N LEU B 310 -34.63 -1.30 -3.63
CA LEU B 310 -36.02 -1.29 -4.06
C LEU B 310 -36.27 -0.49 -5.32
N LYS B 311 -35.40 0.46 -5.66
CA LYS B 311 -35.54 1.20 -6.90
C LYS B 311 -34.57 0.75 -7.98
N ALA B 312 -33.54 -0.03 -7.61
CA ALA B 312 -32.45 -0.47 -8.48
C ALA B 312 -31.75 0.69 -9.16
N ASP B 313 -31.69 1.85 -8.51
CA ASP B 313 -30.96 2.99 -9.02
C ASP B 313 -29.65 3.16 -8.28
N ARG B 314 -28.65 3.66 -8.98
CA ARG B 314 -27.38 3.93 -8.34
C ARG B 314 -27.54 5.14 -7.45
N ALA B 315 -27.96 4.90 -6.21
CA ALA B 315 -28.23 5.99 -5.29
C ALA B 315 -26.95 6.70 -4.89
N GLY B 316 -25.88 5.96 -4.69
CA GLY B 316 -24.61 6.56 -4.37
C GLY B 316 -23.50 5.83 -5.09
N VAL B 317 -22.34 6.48 -5.16
CA VAL B 317 -21.14 5.89 -5.73
C VAL B 317 -20.02 6.15 -4.75
N LEU B 318 -19.51 5.10 -4.12
CA LEU B 318 -18.35 5.26 -3.29
C LEU B 318 -17.11 5.42 -4.15
N ALA B 319 -16.49 6.58 -4.02
CA ALA B 319 -15.24 6.95 -4.67
C ALA B 319 -14.09 6.36 -3.89
N GLY B 320 -12.89 6.88 -4.08
CA GLY B 320 -11.85 6.45 -3.18
C GLY B 320 -10.73 5.62 -3.77
N HIS B 321 -10.82 4.30 -3.53
CA HIS B 321 -9.70 3.37 -3.64
C HIS B 321 -8.98 3.41 -4.97
N ASP B 322 -7.69 3.14 -4.91
CA ASP B 322 -6.80 3.32 -6.04
C ASP B 322 -6.47 2.03 -6.74
N ASN B 323 -6.83 0.89 -6.14
CA ASN B 323 -6.82 -0.40 -6.80
C ASN B 323 -8.17 -1.02 -6.47
N ARG B 324 -8.43 -2.22 -7.00
CA ARG B 324 -9.79 -2.76 -6.94
C ARG B 324 -10.19 -3.06 -5.50
N VAL B 325 -11.43 -2.71 -5.15
CA VAL B 325 -11.88 -3.08 -3.82
C VAL B 325 -12.05 -4.59 -3.80
N SER B 326 -11.78 -5.17 -2.66
CA SER B 326 -11.79 -6.62 -2.58
C SER B 326 -12.71 -7.14 -1.52
N CYS B 327 -13.15 -6.31 -0.60
CA CYS B 327 -14.04 -6.76 0.46
C CYS B 327 -14.79 -5.58 1.02
N LEU B 328 -15.92 -5.86 1.64
CA LEU B 328 -16.83 -4.79 2.00
C LEU B 328 -17.74 -5.27 3.12
N GLY B 329 -17.89 -4.45 4.15
CA GLY B 329 -18.61 -4.92 5.32
C GLY B 329 -19.28 -3.82 6.08
N VAL B 330 -20.52 -4.01 6.42
CA VAL B 330 -21.31 -2.99 7.10
C VAL B 330 -21.42 -3.38 8.56
N THR B 331 -21.24 -2.41 9.45
CA THR B 331 -21.28 -2.66 10.88
C THR B 331 -22.65 -3.17 11.30
N ASP B 332 -22.70 -3.83 12.44
CA ASP B 332 -23.96 -4.40 12.88
C ASP B 332 -24.94 -3.37 13.37
N ASP B 333 -24.48 -2.21 13.80
CA ASP B 333 -25.39 -1.10 14.05
C ASP B 333 -25.59 -0.24 12.83
N GLY B 334 -25.05 -0.67 11.68
CA GLY B 334 -25.27 0.02 10.43
C GLY B 334 -24.59 1.36 10.33
N MET B 335 -23.67 1.65 11.24
CA MET B 335 -23.12 3.00 11.33
C MET B 335 -22.22 3.30 10.14
N ALA B 336 -21.26 2.42 9.88
CA ALA B 336 -20.31 2.67 8.80
C ALA B 336 -20.22 1.49 7.87
N VAL B 337 -19.59 1.73 6.73
CA VAL B 337 -19.29 0.72 5.72
C VAL B 337 -17.79 0.71 5.57
N ALA B 338 -17.17 -0.43 5.75
CA ALA B 338 -15.74 -0.50 5.52
C ALA B 338 -15.48 -1.22 4.22
N THR B 339 -14.65 -0.62 3.38
CA THR B 339 -14.18 -1.27 2.18
C THR B 339 -12.70 -1.53 2.34
N GLY B 340 -12.25 -2.61 1.72
CA GLY B 340 -10.86 -2.92 1.71
C GLY B 340 -10.46 -3.31 0.33
N SER B 341 -9.39 -2.72 -0.15
CA SER B 341 -8.98 -2.85 -1.53
C SER B 341 -7.62 -3.49 -1.65
N TRP B 342 -7.17 -3.58 -2.89
CA TRP B 342 -5.86 -4.09 -3.18
C TRP B 342 -4.78 -3.03 -3.11
N ASP B 343 -5.08 -1.84 -2.60
CA ASP B 343 -4.06 -0.83 -2.41
C ASP B 343 -3.66 -0.70 -0.95
N SER B 344 -3.81 -1.79 -0.18
CA SER B 344 -3.40 -1.92 1.21
C SER B 344 -4.12 -0.98 2.16
N PHE B 345 -5.24 -0.40 1.75
CA PHE B 345 -5.91 0.60 2.56
C PHE B 345 -7.33 0.15 2.87
N LEU B 346 -7.77 0.41 4.09
CA LEU B 346 -9.16 0.27 4.45
C LEU B 346 -9.78 1.64 4.50
N LYS B 347 -10.94 1.78 3.89
CA LYS B 347 -11.69 3.01 4.03
C LYS B 347 -12.94 2.73 4.83
N ILE B 348 -13.35 3.71 5.61
CA ILE B 348 -14.55 3.63 6.42
C ILE B 348 -15.44 4.79 6.04
N TRP B 349 -16.69 4.49 5.71
CA TRP B 349 -17.58 5.42 5.05
C TRP B 349 -18.82 5.63 5.91
N ASN B 350 -19.23 6.88 6.03
CA ASN B 350 -20.57 7.19 6.52
C ASN B 350 -21.31 8.00 5.49
N VAL C 2 1.74 -15.85 33.36
CA VAL C 2 1.08 -16.61 34.40
C VAL C 2 1.93 -16.52 35.66
N GLN C 3 3.15 -16.02 35.52
CA GLN C 3 4.13 -16.15 36.58
C GLN C 3 4.95 -14.88 36.69
N LEU C 4 4.95 -14.28 37.88
CA LEU C 4 5.82 -13.16 38.21
C LEU C 4 6.46 -13.45 39.55
N VAL C 5 7.79 -13.32 39.64
CA VAL C 5 8.50 -13.47 40.90
C VAL C 5 9.32 -12.21 41.13
N GLU C 6 9.09 -11.55 42.24
CA GLU C 6 9.91 -10.43 42.64
C GLU C 6 11.05 -10.92 43.53
N SER C 7 12.10 -10.10 43.62
CA SER C 7 13.32 -10.52 44.30
C SER C 7 14.11 -9.29 44.68
N GLY C 8 14.76 -9.35 45.84
CA GLY C 8 15.63 -8.28 46.26
C GLY C 8 15.14 -7.51 47.45
N GLY C 9 14.45 -8.18 48.38
CA GLY C 9 13.92 -7.48 49.53
C GLY C 9 14.93 -7.24 50.64
N GLY C 10 14.48 -7.36 51.88
CA GLY C 10 15.36 -7.29 53.03
C GLY C 10 15.28 -5.94 53.74
N LEU C 11 16.26 -5.71 54.60
CA LEU C 11 16.33 -4.48 55.39
C LEU C 11 17.56 -3.70 54.99
N VAL C 12 17.36 -2.40 54.71
CA VAL C 12 18.40 -1.53 54.15
C VAL C 12 18.43 -0.23 54.96
N GLN C 13 19.63 0.25 55.27
CA GLN C 13 19.76 1.54 55.93
C GLN C 13 19.31 2.67 55.00
N PRO C 14 18.73 3.74 55.54
CA PRO C 14 18.20 4.81 54.69
C PRO C 14 19.30 5.56 53.95
N GLY C 15 18.90 6.15 52.82
CA GLY C 15 19.83 6.75 51.90
C GLY C 15 20.41 5.78 50.89
N GLY C 16 20.35 4.49 51.16
CA GLY C 16 20.96 3.51 50.29
C GLY C 16 20.19 3.29 49.01
N SER C 17 20.59 2.26 48.29
CA SER C 17 20.06 1.95 46.98
C SER C 17 19.92 0.45 46.84
N ARG C 18 18.87 0.01 46.16
CA ARG C 18 18.63 -1.40 45.89
C ARG C 18 18.19 -1.56 44.46
N LYS C 19 18.01 -2.82 44.07
CA LYS C 19 17.39 -3.13 42.80
C LYS C 19 16.41 -4.27 43.02
N LEU C 20 15.13 -3.96 42.91
CA LEU C 20 14.11 -4.99 42.90
C LEU C 20 13.98 -5.56 41.50
N SER C 21 14.01 -6.87 41.40
CA SER C 21 13.92 -7.54 40.12
C SER C 21 12.62 -8.34 40.06
N CYS C 22 12.06 -8.41 38.87
CA CYS C 22 10.79 -9.11 38.66
C CYS C 22 10.98 -10.00 37.44
N SER C 23 11.18 -11.28 37.69
CA SER C 23 11.29 -12.25 36.62
C SER C 23 9.89 -12.69 36.21
N ALA C 24 9.59 -12.55 34.92
CA ALA C 24 8.31 -12.95 34.36
C ALA C 24 8.50 -14.22 33.58
N SER C 25 7.67 -15.22 33.86
CA SER C 25 7.64 -16.40 33.02
C SER C 25 6.18 -16.81 32.88
N GLY C 26 5.82 -17.23 31.67
CA GLY C 26 4.48 -17.68 31.40
C GLY C 26 3.63 -16.72 30.62
N PHE C 27 4.19 -15.61 30.16
CA PHE C 27 3.52 -14.75 29.21
C PHE C 27 4.57 -14.01 28.41
N ALA C 28 4.17 -13.57 27.22
CA ALA C 28 5.05 -12.82 26.33
C ALA C 28 5.27 -11.45 26.95
N PHE C 29 6.41 -11.28 27.60
CA PHE C 29 6.63 -10.16 28.49
C PHE C 29 6.73 -8.83 27.76
N SER C 30 7.20 -8.84 26.53
CA SER C 30 7.61 -7.60 25.89
C SER C 30 6.45 -6.71 25.45
N SER C 31 5.22 -7.15 25.61
CA SER C 31 4.06 -6.36 25.19
C SER C 31 3.16 -6.03 26.36
N PHE C 32 3.75 -5.73 27.51
CA PHE C 32 2.98 -5.37 28.70
C PHE C 32 3.60 -4.17 29.37
N GLY C 33 2.78 -3.14 29.58
CA GLY C 33 3.13 -2.15 30.57
C GLY C 33 3.27 -2.79 31.93
N MET C 34 4.29 -2.37 32.65
CA MET C 34 4.57 -2.94 33.95
C MET C 34 4.54 -1.84 34.98
N HIS C 35 3.88 -2.14 36.07
CA HIS C 35 3.72 -1.20 37.16
C HIS C 35 4.44 -1.74 38.37
N TRP C 36 5.07 -0.87 39.12
CA TRP C 36 5.43 -1.16 40.50
C TRP C 36 4.42 -0.47 41.39
N VAL C 37 3.83 -1.22 42.30
CA VAL C 37 2.85 -0.73 43.24
C VAL C 37 3.22 -1.27 44.60
N ARG C 38 3.36 -0.38 45.58
CA ARG C 38 3.80 -0.81 46.89
C ARG C 38 2.67 -0.66 47.90
N GLN C 39 2.94 -1.14 49.09
CA GLN C 39 2.01 -1.01 50.20
C GLN C 39 2.79 -0.87 51.49
N ALA C 40 2.49 0.15 52.28
CA ALA C 40 3.06 0.26 53.60
C ALA C 40 2.55 -0.89 54.47
N PRO C 41 3.36 -1.42 55.39
CA PRO C 41 3.04 -2.73 56.00
C PRO C 41 1.78 -2.78 56.84
N GLU C 42 1.27 -1.64 57.29
CA GLU C 42 -0.01 -1.60 57.99
C GLU C 42 -0.93 -0.58 57.36
N LYS C 43 -0.81 -0.38 56.05
CA LYS C 43 -1.63 0.59 55.34
C LYS C 43 -2.08 -0.02 54.03
N GLY C 44 -2.62 0.82 53.15
CA GLY C 44 -3.14 0.39 51.88
C GLY C 44 -2.13 0.57 50.76
N LEU C 45 -2.52 0.09 49.58
CA LEU C 45 -1.62 0.14 48.44
C LEU C 45 -1.51 1.55 47.90
N GLU C 46 -0.37 1.83 47.28
CA GLU C 46 -0.23 3.03 46.48
C GLU C 46 0.77 2.77 45.38
N TRP C 47 0.63 3.51 44.30
CA TRP C 47 1.37 3.25 43.10
C TRP C 47 2.77 3.85 43.17
N VAL C 48 3.72 3.21 42.51
CA VAL C 48 5.09 3.69 42.45
C VAL C 48 5.46 4.14 41.05
N ALA C 49 5.44 3.22 40.09
CA ALA C 49 6.04 3.51 38.80
C ALA C 49 5.40 2.70 37.70
N TYR C 50 5.67 3.10 36.45
CA TYR C 50 5.12 2.45 35.27
C TYR C 50 6.08 2.62 34.12
N ILE C 51 6.53 1.51 33.56
CA ILE C 51 7.23 1.53 32.28
C ILE C 51 6.30 0.87 31.27
N SER C 52 6.31 1.37 30.04
CA SER C 52 5.33 0.90 29.07
C SER C 52 5.88 -0.29 28.31
N SER C 53 5.15 -0.72 27.29
CA SER C 53 5.69 -1.70 26.37
C SER C 53 6.72 -1.03 25.48
N GLY C 54 7.86 -1.69 25.31
CA GLY C 54 8.93 -1.09 24.53
C GLY C 54 9.66 0.05 25.20
N SER C 55 9.40 0.30 26.49
CA SER C 55 10.13 1.24 27.34
C SER C 55 10.08 2.67 26.84
N GLY C 56 9.08 3.02 26.05
CA GLY C 56 9.03 4.33 25.47
C GLY C 56 8.23 5.36 26.23
N THR C 57 7.69 4.98 27.39
CA THR C 57 6.91 5.91 28.19
C THR C 57 7.04 5.50 29.64
N ILE C 58 7.61 6.37 30.46
CA ILE C 58 7.90 6.03 31.84
C ILE C 58 7.29 7.08 32.74
N TYR C 59 6.42 6.67 33.64
CA TYR C 59 5.88 7.57 34.64
C TYR C 59 6.27 7.10 36.03
N TYR C 60 6.45 8.06 36.93
CA TYR C 60 6.74 7.78 38.32
C TYR C 60 5.67 8.43 39.18
N ALA C 61 5.62 8.00 40.42
CA ALA C 61 4.84 8.74 41.40
C ALA C 61 5.63 9.96 41.82
N ASP C 62 4.91 10.94 42.35
CA ASP C 62 5.55 12.17 42.79
C ASP C 62 6.46 11.95 43.99
N THR C 63 6.12 11.01 44.85
CA THR C 63 6.92 10.79 46.04
C THR C 63 8.15 9.95 45.78
N VAL C 64 8.33 9.45 44.55
CA VAL C 64 9.53 8.69 44.22
C VAL C 64 10.15 9.26 42.96
N LYS C 65 9.65 10.40 42.50
CA LYS C 65 10.09 10.94 41.21
C LYS C 65 11.51 11.45 41.34
N GLY C 66 12.46 10.70 40.81
CA GLY C 66 13.85 11.05 40.91
C GLY C 66 14.63 10.05 41.75
N ARG C 67 14.03 9.60 42.84
CA ARG C 67 14.74 8.67 43.71
C ARG C 67 14.79 7.27 43.12
N PHE C 68 13.72 6.86 42.44
CA PHE C 68 13.63 5.52 41.88
C PHE C 68 13.78 5.61 40.37
N THR C 69 14.09 4.47 39.76
CA THR C 69 14.17 4.41 38.32
C THR C 69 13.78 3.01 37.86
N ILE C 70 12.77 2.93 37.03
CA ILE C 70 12.27 1.66 36.55
C ILE C 70 12.82 1.42 35.15
N SER C 71 13.21 0.17 34.89
CA SER C 71 13.58 -0.25 33.55
C SER C 71 13.14 -1.69 33.38
N ARG C 72 13.40 -2.24 32.21
CA ARG C 72 13.02 -3.62 31.95
C ARG C 72 13.97 -4.19 30.92
N ASP C 73 14.26 -5.47 31.06
CA ASP C 73 15.03 -6.21 30.08
C ASP C 73 14.04 -7.17 29.42
N ASP C 74 13.60 -6.79 28.24
CA ASP C 74 12.64 -7.56 27.48
C ASP C 74 13.19 -8.90 26.99
N PRO C 75 14.47 -9.04 26.60
CA PRO C 75 15.00 -10.41 26.46
C PRO C 75 15.02 -11.21 27.75
N LYS C 76 15.37 -10.60 28.87
CA LYS C 76 15.43 -11.41 30.09
C LYS C 76 14.09 -11.55 30.77
N ASN C 77 13.03 -10.95 30.20
CA ASN C 77 11.66 -10.97 30.75
C ASN C 77 11.65 -10.46 32.18
N THR C 78 12.37 -9.37 32.41
CA THR C 78 12.72 -9.00 33.76
C THR C 78 12.47 -7.51 33.95
N LEU C 79 11.96 -7.14 35.11
CA LEU C 79 11.66 -5.77 35.43
C LEU C 79 12.60 -5.30 36.54
N PHE C 80 13.04 -4.06 36.46
CA PHE C 80 14.06 -3.50 37.33
C PHE C 80 13.52 -2.26 38.00
N LEU C 81 13.64 -2.19 39.31
CA LEU C 81 13.38 -0.96 40.05
C LEU C 81 14.65 -0.63 40.81
N GLN C 82 15.36 0.40 40.37
CA GLN C 82 16.58 0.86 41.02
C GLN C 82 16.20 1.96 42.00
N MET C 83 16.33 1.68 43.28
CA MET C 83 15.84 2.56 44.31
C MET C 83 17.00 3.25 45.02
N THR C 84 17.13 4.55 44.83
CA THR C 84 18.19 5.31 45.44
C THR C 84 17.62 6.31 46.42
N SER C 85 18.43 6.65 47.43
CA SER C 85 18.10 7.61 48.48
C SER C 85 16.82 7.22 49.21
N LEU C 86 16.89 6.06 49.86
CA LEU C 86 15.72 5.51 50.52
C LEU C 86 15.34 6.34 51.73
N ARG C 87 14.05 6.34 52.02
CA ARG C 87 13.53 7.04 53.20
C ARG C 87 12.84 6.02 54.10
N SER C 88 12.30 6.51 55.21
CA SER C 88 11.57 5.62 56.11
C SER C 88 10.24 5.22 55.52
N GLU C 89 9.65 6.08 54.69
CA GLU C 89 8.33 5.81 54.14
C GLU C 89 8.39 4.77 53.03
N ASP C 90 9.56 4.53 52.45
CA ASP C 90 9.67 3.54 51.39
C ASP C 90 9.68 2.11 51.90
N THR C 91 9.55 1.90 53.21
CA THR C 91 9.33 0.56 53.76
C THR C 91 8.00 0.04 53.26
N ALA C 92 8.03 -1.01 52.44
CA ALA C 92 6.81 -1.43 51.77
C ALA C 92 6.93 -2.84 51.23
N MET C 93 5.77 -3.42 50.97
CA MET C 93 5.62 -4.62 50.16
C MET C 93 5.48 -4.17 48.71
N TYR C 94 6.43 -4.54 47.88
CA TYR C 94 6.47 -4.09 46.49
C TYR C 94 5.91 -5.14 45.55
N TYR C 95 5.17 -4.69 44.55
CA TYR C 95 4.43 -5.55 43.66
C TYR C 95 4.71 -5.19 42.22
N CYS C 96 4.90 -6.22 41.43
CA CYS C 96 5.16 -6.15 40.01
C CYS C 96 3.85 -6.50 39.33
N VAL C 97 3.26 -5.56 38.62
CA VAL C 97 1.94 -5.73 38.05
C VAL C 97 2.05 -5.72 36.54
N ARG C 98 1.56 -6.78 35.93
CA ARG C 98 1.37 -6.88 34.50
C ARG C 98 0.18 -6.03 34.11
N SER C 99 0.25 -5.40 32.93
CA SER C 99 -0.82 -4.51 32.48
C SER C 99 -0.74 -4.21 30.98
N ILE C 100 -1.66 -4.70 30.18
CA ILE C 100 -1.67 -4.41 28.75
C ILE C 100 -2.75 -3.39 28.46
N TYR C 101 -2.48 -2.51 27.51
CA TYR C 101 -3.43 -1.46 27.16
C TYR C 101 -3.71 -1.53 25.68
N TYR C 102 -4.69 -2.31 25.31
CA TYR C 102 -5.33 -2.19 24.02
C TYR C 102 -6.82 -1.97 24.26
N TYR C 103 -7.59 -1.89 23.19
CA TYR C 103 -9.02 -1.69 23.35
C TYR C 103 -9.67 -2.94 23.92
N GLY C 104 -10.41 -2.76 25.01
CA GLY C 104 -11.02 -3.89 25.66
C GLY C 104 -10.06 -4.75 26.44
N SER C 105 -8.82 -4.31 26.61
CA SER C 105 -7.86 -5.06 27.39
C SER C 105 -8.17 -4.92 28.87
N SER C 106 -7.59 -5.81 29.66
CA SER C 106 -7.82 -5.86 31.11
C SER C 106 -6.51 -5.61 31.81
N PRO C 107 -6.14 -4.34 32.04
CA PRO C 107 -4.89 -4.06 32.72
C PRO C 107 -5.00 -4.35 34.21
N PHE C 108 -3.83 -4.40 34.86
CA PHE C 108 -3.68 -4.69 36.29
C PHE C 108 -4.29 -6.01 36.68
N ASP C 109 -4.22 -6.98 35.80
CA ASP C 109 -4.86 -8.24 36.10
C ASP C 109 -3.95 -9.24 36.77
N PHE C 110 -2.64 -9.13 36.64
CA PHE C 110 -1.81 -10.11 37.32
C PHE C 110 -0.73 -9.43 38.13
N TRP C 111 -0.52 -9.98 39.33
CA TRP C 111 0.24 -9.38 40.40
C TRP C 111 1.19 -10.42 40.96
N GLY C 112 2.46 -10.08 41.06
CA GLY C 112 3.43 -11.00 41.64
C GLY C 112 3.24 -11.14 43.15
N GLN C 113 4.06 -11.99 43.74
CA GLN C 113 3.98 -12.15 45.19
C GLN C 113 4.50 -10.94 45.95
N GLY C 114 5.33 -10.13 45.30
CA GLY C 114 5.88 -8.95 45.94
C GLY C 114 7.04 -9.29 46.87
N THR C 115 7.78 -8.26 47.25
CA THR C 115 8.85 -8.42 48.21
C THR C 115 8.71 -7.42 49.33
N THR C 116 9.08 -7.86 50.53
CA THR C 116 9.20 -6.96 51.67
C THR C 116 10.53 -6.24 51.60
N LEU C 117 10.48 -4.91 51.55
CA LEU C 117 11.70 -4.11 51.57
C LEU C 117 11.53 -3.03 52.61
N THR C 118 12.27 -3.17 53.72
CA THR C 118 12.10 -2.32 54.87
C THR C 118 13.35 -1.49 55.14
N VAL C 119 13.14 -0.34 55.74
CA VAL C 119 14.18 0.65 56.00
C VAL C 119 14.20 0.90 57.49
N SER C 120 15.30 0.54 58.14
CA SER C 120 15.48 0.74 59.57
C SER C 120 16.48 1.84 59.83
N SER C 121 16.08 2.83 60.62
CA SER C 121 16.99 3.88 61.07
C SER C 121 16.99 3.98 62.58
N SER C 136 -3.55 18.85 41.26
CA SER C 136 -2.57 17.92 41.81
C SER C 136 -2.88 16.51 41.36
N ASP C 137 -3.53 15.72 42.22
CA ASP C 137 -3.82 14.33 41.93
C ASP C 137 -5.31 14.06 42.11
N ILE C 138 -5.73 12.91 41.63
CA ILE C 138 -7.06 12.40 41.90
C ILE C 138 -7.05 11.79 43.29
N VAL C 139 -8.06 12.09 44.09
CA VAL C 139 -8.15 11.55 45.43
C VAL C 139 -9.33 10.59 45.45
N MET C 140 -9.04 9.31 45.59
CA MET C 140 -10.09 8.29 45.67
C MET C 140 -10.47 8.13 47.13
N THR C 141 -11.58 8.73 47.51
CA THR C 141 -12.06 8.60 48.88
C THR C 141 -12.76 7.25 49.02
N GLN C 142 -12.14 6.37 49.79
CA GLN C 142 -12.78 5.11 50.13
C GLN C 142 -13.89 5.39 51.12
N ALA C 143 -14.96 4.61 51.04
CA ALA C 143 -16.13 4.91 51.85
C ALA C 143 -15.94 4.47 53.31
N THR C 144 -15.42 3.27 53.51
CA THR C 144 -15.51 2.60 54.79
C THR C 144 -14.17 1.95 55.11
N SER C 145 -13.78 1.98 56.39
CA SER C 145 -12.59 1.25 56.80
C SER C 145 -12.84 -0.25 56.78
N SER C 146 -13.92 -0.70 57.42
CA SER C 146 -14.20 -2.12 57.53
C SER C 146 -15.70 -2.32 57.67
N VAL C 147 -16.18 -3.45 57.18
CA VAL C 147 -17.61 -3.74 57.23
C VAL C 147 -17.82 -5.21 57.59
N PRO C 148 -18.71 -5.51 58.54
CA PRO C 148 -18.94 -6.91 58.93
C PRO C 148 -19.80 -7.63 57.93
N VAL C 149 -19.46 -8.90 57.68
CA VAL C 149 -20.07 -9.68 56.60
C VAL C 149 -20.33 -11.10 57.09
N THR C 150 -21.56 -11.57 56.91
CA THR C 150 -21.98 -12.97 56.97
C THR C 150 -22.12 -13.50 55.55
N PRO C 151 -22.02 -14.82 55.35
CA PRO C 151 -22.24 -15.36 54.00
C PRO C 151 -23.69 -15.26 53.55
N GLY C 152 -23.87 -15.07 52.25
CA GLY C 152 -25.17 -15.17 51.61
C GLY C 152 -25.72 -13.85 51.09
N GLU C 153 -25.37 -12.74 51.72
CA GLU C 153 -26.01 -11.47 51.42
C GLU C 153 -25.38 -10.79 50.20
N SER C 154 -25.84 -9.58 49.93
CA SER C 154 -25.34 -8.76 48.84
C SER C 154 -24.55 -7.61 49.47
N VAL C 155 -23.27 -7.84 49.68
CA VAL C 155 -22.43 -6.86 50.35
C VAL C 155 -22.02 -5.80 49.35
N SER C 156 -22.44 -4.56 49.59
CA SER C 156 -22.20 -3.48 48.67
C SER C 156 -21.34 -2.43 49.34
N ILE C 157 -20.25 -2.04 48.69
CA ILE C 157 -19.34 -1.05 49.23
C ILE C 157 -19.00 -0.03 48.16
N SER C 158 -18.97 1.23 48.57
CA SER C 158 -18.95 2.36 47.67
C SER C 158 -17.57 2.98 47.62
N CYS C 159 -17.42 3.96 46.75
CA CYS C 159 -16.15 4.64 46.52
C CYS C 159 -16.47 5.96 45.85
N ARG C 160 -15.64 6.96 46.10
CA ARG C 160 -15.91 8.29 45.59
C ARG C 160 -14.67 8.86 44.95
N SER C 161 -14.85 9.57 43.85
CA SER C 161 -13.74 10.23 43.18
C SER C 161 -13.76 11.72 43.47
N SER C 162 -12.58 12.32 43.38
CA SER C 162 -12.45 13.77 43.47
C SER C 162 -12.53 14.44 42.10
N LYS C 163 -12.67 13.66 41.04
CA LYS C 163 -12.80 14.19 39.69
C LYS C 163 -13.53 13.15 38.87
N SER C 164 -14.41 13.60 37.97
CA SER C 164 -15.30 12.69 37.26
C SER C 164 -14.53 11.74 36.36
N LEU C 165 -14.56 10.45 36.72
CA LEU C 165 -13.80 9.46 35.97
C LEU C 165 -14.40 9.16 34.61
N LEU C 166 -15.64 9.56 34.36
CA LEU C 166 -16.19 9.48 33.02
C LEU C 166 -15.43 10.38 32.08
N HIS C 167 -14.78 9.80 31.10
CA HIS C 167 -14.03 10.56 30.12
C HIS C 167 -14.98 10.90 28.98
N SER C 168 -14.45 11.44 27.89
CA SER C 168 -15.27 11.77 26.74
C SER C 168 -15.76 10.52 26.03
N ASN C 169 -14.93 9.50 25.95
CA ASN C 169 -15.26 8.29 25.22
C ASN C 169 -16.05 7.28 26.03
N GLY C 170 -16.60 7.69 27.17
CA GLY C 170 -17.47 6.82 27.92
C GLY C 170 -16.78 5.71 28.68
N ASN C 171 -15.50 5.86 28.94
CA ASN C 171 -14.72 4.84 29.62
C ASN C 171 -14.43 5.31 31.04
N THR C 172 -15.21 4.83 31.99
CA THR C 172 -15.03 5.24 33.37
C THR C 172 -13.91 4.41 33.98
N TYR C 173 -12.75 5.05 34.18
CA TYR C 173 -11.50 4.33 34.40
C TYR C 173 -11.30 3.98 35.88
N LEU C 174 -12.21 3.17 36.39
CA LEU C 174 -12.21 2.80 37.80
C LEU C 174 -12.00 1.30 37.93
N TYR C 175 -10.95 0.89 38.63
CA TYR C 175 -10.68 -0.53 38.79
C TYR C 175 -10.94 -0.93 40.23
N TRP C 176 -11.37 -2.17 40.41
CA TRP C 176 -11.68 -2.75 41.70
C TRP C 176 -10.79 -3.95 41.92
N PHE C 177 -10.20 -4.04 43.12
CA PHE C 177 -9.23 -5.07 43.44
C PHE C 177 -9.60 -5.77 44.74
N LEU C 178 -9.76 -7.09 44.68
CA LEU C 178 -9.71 -7.91 45.88
C LEU C 178 -8.26 -8.13 46.28
N GLN C 179 -8.00 -8.05 47.58
CA GLN C 179 -6.79 -8.61 48.15
C GLN C 179 -7.19 -9.50 49.31
N ARG C 180 -7.01 -10.80 49.14
CA ARG C 180 -7.16 -11.74 50.23
C ARG C 180 -5.99 -11.58 51.20
N PRO C 181 -6.14 -12.00 52.46
CA PRO C 181 -5.05 -11.80 53.43
C PRO C 181 -3.83 -12.64 53.11
N GLY C 182 -2.67 -11.98 53.04
CA GLY C 182 -1.45 -12.66 52.68
C GLY C 182 -1.37 -13.08 51.23
N GLN C 183 -2.13 -12.42 50.35
CA GLN C 183 -2.19 -12.82 48.96
C GLN C 183 -1.89 -11.60 48.09
N SER C 184 -1.50 -11.89 46.86
CA SER C 184 -1.32 -10.83 45.88
C SER C 184 -2.69 -10.22 45.57
N PRO C 185 -2.81 -8.91 45.55
CA PRO C 185 -4.11 -8.29 45.28
C PRO C 185 -4.53 -8.44 43.83
N GLN C 186 -5.50 -9.31 43.58
CA GLN C 186 -5.90 -9.59 42.22
C GLN C 186 -6.99 -8.63 41.77
N LEU C 187 -7.16 -8.56 40.46
CA LEU C 187 -8.15 -7.70 39.86
C LEU C 187 -9.54 -8.30 40.00
N LEU C 188 -10.52 -7.45 40.32
CA LEU C 188 -11.92 -7.83 40.22
C LEU C 188 -12.59 -7.20 39.02
N ILE C 189 -12.58 -5.88 38.91
CA ILE C 189 -13.40 -5.18 37.93
C ILE C 189 -12.57 -4.15 37.21
N TYR C 190 -12.54 -4.20 35.89
CA TYR C 190 -11.88 -3.17 35.12
C TYR C 190 -12.90 -2.29 34.41
N ARG C 191 -12.63 -0.99 34.46
CA ARG C 191 -13.42 0.06 33.82
C ARG C 191 -14.85 0.07 34.33
N MET C 192 -15.00 -0.18 35.62
CA MET C 192 -16.15 0.05 36.48
C MET C 192 -17.29 -0.95 36.25
N SER C 193 -17.26 -1.75 35.20
CA SER C 193 -18.38 -2.63 34.95
C SER C 193 -18.03 -4.01 34.43
N ASN C 194 -16.76 -4.30 34.17
CA ASN C 194 -16.38 -5.51 33.44
C ASN C 194 -15.67 -6.46 34.36
N LEU C 195 -16.13 -7.70 34.41
CA LEU C 195 -15.50 -8.70 35.24
C LEU C 195 -14.23 -9.17 34.57
N ALA C 196 -13.22 -9.45 35.36
CA ALA C 196 -11.99 -9.98 34.80
C ALA C 196 -12.10 -11.48 34.60
N SER C 197 -11.08 -12.04 33.98
CA SER C 197 -11.07 -13.46 33.70
C SER C 197 -10.85 -14.25 34.98
N GLY C 198 -11.63 -15.30 35.15
CA GLY C 198 -11.56 -16.12 36.34
C GLY C 198 -12.34 -15.59 37.52
N VAL C 199 -12.79 -14.35 37.47
CA VAL C 199 -13.62 -13.78 38.53
C VAL C 199 -14.99 -14.46 38.48
N PRO C 200 -15.50 -14.94 39.61
CA PRO C 200 -16.84 -15.52 39.61
C PRO C 200 -17.90 -14.44 39.41
N ASP C 201 -19.10 -14.91 39.06
CA ASP C 201 -20.17 -14.04 38.59
C ASP C 201 -20.79 -13.19 39.70
N ARG C 202 -20.56 -13.54 40.97
CA ARG C 202 -21.21 -12.86 42.09
C ARG C 202 -20.80 -11.41 42.26
N PHE C 203 -19.69 -10.99 41.65
CA PHE C 203 -19.22 -9.61 41.72
C PHE C 203 -19.89 -8.76 40.66
N SER C 204 -20.10 -7.48 40.98
CA SER C 204 -20.71 -6.57 40.03
C SER C 204 -20.25 -5.16 40.34
N GLY C 205 -20.26 -4.32 39.33
CA GLY C 205 -19.79 -2.95 39.47
C GLY C 205 -20.72 -1.97 38.79
N SER C 206 -20.92 -0.84 39.44
CA SER C 206 -21.87 0.14 38.93
C SER C 206 -21.43 1.53 39.38
N GLY C 207 -22.13 2.53 38.86
CA GLY C 207 -21.95 3.89 39.29
C GLY C 207 -21.77 4.83 38.12
N SER C 208 -21.64 6.11 38.46
CA SER C 208 -21.32 7.14 37.49
C SER C 208 -20.11 7.89 37.99
N GLY C 209 -19.73 8.98 37.31
CA GLY C 209 -18.60 9.81 37.68
C GLY C 209 -18.67 10.34 39.09
N THR C 210 -17.62 10.05 39.87
CA THR C 210 -17.50 10.34 41.30
C THR C 210 -18.58 9.66 42.15
N ALA C 211 -19.08 8.49 41.73
CA ALA C 211 -20.04 7.75 42.55
C ALA C 211 -19.98 6.28 42.14
N PHE C 212 -19.31 5.44 42.93
CA PHE C 212 -19.00 4.11 42.45
C PHE C 212 -19.36 3.05 43.47
N THR C 213 -19.71 1.87 42.97
CA THR C 213 -20.29 0.83 43.82
C THR C 213 -19.82 -0.53 43.36
N LEU C 214 -19.11 -1.24 44.24
CA LEU C 214 -18.89 -2.67 44.09
C LEU C 214 -19.94 -3.42 44.87
N THR C 215 -20.46 -4.49 44.28
CA THR C 215 -21.56 -5.24 44.90
C THR C 215 -21.30 -6.73 44.73
N ILE C 216 -21.12 -7.42 45.83
CA ILE C 216 -21.02 -8.88 45.82
C ILE C 216 -22.40 -9.36 46.23
N SER C 217 -23.27 -9.50 45.24
CA SER C 217 -24.54 -10.16 45.46
C SER C 217 -24.28 -11.66 45.57
N ARG C 218 -25.02 -12.31 46.48
CA ARG C 218 -24.89 -13.74 46.78
C ARG C 218 -23.45 -14.05 47.22
N LEU C 219 -23.10 -13.47 48.35
CA LEU C 219 -21.77 -13.65 48.91
C LEU C 219 -21.58 -15.08 49.37
N GLU C 220 -20.34 -15.54 49.31
CA GLU C 220 -19.92 -16.77 49.96
C GLU C 220 -18.47 -16.59 50.37
N ALA C 221 -17.87 -17.65 50.90
CA ALA C 221 -16.55 -17.55 51.51
C ALA C 221 -15.47 -17.48 50.43
N GLU C 222 -14.21 -17.50 50.88
CA GLU C 222 -13.02 -17.18 50.08
C GLU C 222 -13.20 -15.83 49.40
N ASP C 223 -13.64 -14.87 50.21
CA ASP C 223 -13.97 -13.55 49.71
C ASP C 223 -13.51 -12.44 50.64
N VAL C 224 -13.21 -12.76 51.90
CA VAL C 224 -12.81 -11.77 52.88
C VAL C 224 -11.47 -11.19 52.51
N GLY C 225 -11.44 -9.90 52.25
CA GLY C 225 -10.21 -9.24 51.93
C GLY C 225 -10.40 -7.75 51.99
N VAL C 226 -9.44 -7.03 51.45
CA VAL C 226 -9.51 -5.59 51.37
C VAL C 226 -9.79 -5.23 49.91
N TYR C 227 -10.70 -4.30 49.70
CA TYR C 227 -11.14 -3.95 48.36
C TYR C 227 -10.62 -2.57 48.02
N TYR C 228 -9.78 -2.50 47.01
CA TYR C 228 -9.13 -1.27 46.63
C TYR C 228 -9.76 -0.71 45.37
N CYS C 229 -9.69 0.61 45.24
CA CYS C 229 -10.52 1.39 44.32
C CYS C 229 -9.58 2.29 43.54
N MET C 230 -9.07 1.81 42.42
CA MET C 230 -8.02 2.49 41.69
C MET C 230 -8.59 3.44 40.65
N GLN C 231 -8.21 4.70 40.74
CA GLN C 231 -8.38 5.63 39.63
C GLN C 231 -7.40 5.29 38.52
N HIS C 232 -7.88 5.34 37.29
CA HIS C 232 -6.94 5.22 36.19
C HIS C 232 -7.23 6.23 35.10
N LEU C 233 -7.73 7.41 35.48
CA LEU C 233 -7.98 8.41 34.46
C LEU C 233 -6.70 9.16 34.11
N GLU C 234 -5.83 9.37 35.08
CA GLU C 234 -4.60 10.08 34.79
C GLU C 234 -3.52 9.66 35.77
N TYR C 235 -2.29 9.76 35.33
CA TYR C 235 -1.20 9.49 36.24
C TYR C 235 -1.01 10.66 37.19
N PRO C 236 -0.61 10.42 38.44
CA PRO C 236 -0.32 9.15 39.10
C PRO C 236 -1.56 8.41 39.53
N LEU C 237 -1.53 7.10 39.36
CA LEU C 237 -2.67 6.26 39.65
C LEU C 237 -2.83 6.18 41.16
N THR C 238 -3.93 6.67 41.69
CA THR C 238 -4.13 6.66 43.13
C THR C 238 -5.18 5.63 43.50
N PHE C 239 -5.04 5.07 44.69
CA PHE C 239 -5.98 4.08 45.13
C PHE C 239 -6.87 4.71 46.18
N GLY C 240 -7.74 3.89 46.79
CA GLY C 240 -8.41 4.26 48.00
C GLY C 240 -7.67 3.68 49.20
N ALA C 241 -8.20 3.98 50.38
CA ALA C 241 -7.68 3.38 51.60
C ALA C 241 -8.10 1.94 51.76
N GLY C 242 -9.05 1.47 50.97
CA GLY C 242 -9.45 0.08 51.04
C GLY C 242 -10.51 -0.18 52.08
N THR C 243 -11.50 -0.98 51.71
CA THR C 243 -12.55 -1.42 52.61
C THR C 243 -12.38 -2.91 52.85
N LYS C 244 -12.41 -3.32 54.10
CA LYS C 244 -12.15 -4.70 54.48
C LYS C 244 -13.48 -5.40 54.75
N LEU C 245 -13.61 -6.63 54.28
CA LEU C 245 -14.75 -7.44 54.71
C LEU C 245 -14.34 -8.23 55.95
N GLU C 246 -15.34 -8.64 56.71
CA GLU C 246 -15.07 -9.38 57.94
C GLU C 246 -15.97 -10.60 58.08
N LEU C 247 -15.92 -11.24 59.24
CA LEU C 247 -16.79 -12.37 59.53
C LEU C 247 -17.45 -12.18 60.90
N ASN D 5 -18.16 -43.13 -15.27
CA ASN D 5 -19.39 -43.70 -15.83
C ASN D 5 -20.29 -44.29 -14.75
N THR D 6 -19.70 -44.69 -13.62
CA THR D 6 -20.47 -45.07 -12.45
C THR D 6 -20.51 -43.95 -11.42
N ALA D 7 -19.40 -43.23 -11.25
CA ALA D 7 -19.44 -41.97 -10.50
C ALA D 7 -20.34 -40.96 -11.19
N SER D 8 -20.40 -41.00 -12.52
CA SER D 8 -21.28 -40.12 -13.27
C SER D 8 -22.75 -40.44 -12.99
N ILE D 9 -23.12 -41.72 -12.94
CA ILE D 9 -24.52 -42.02 -12.72
C ILE D 9 -24.88 -41.86 -11.24
N ALA D 10 -23.92 -42.01 -10.33
CA ALA D 10 -24.21 -41.72 -8.93
C ALA D 10 -24.39 -40.22 -8.72
N GLN D 11 -23.57 -39.41 -9.39
CA GLN D 11 -23.75 -37.98 -9.39
C GLN D 11 -25.08 -37.58 -10.03
N ALA D 12 -25.48 -38.30 -11.08
CA ALA D 12 -26.75 -38.03 -11.73
C ALA D 12 -27.92 -38.39 -10.83
N ARG D 13 -27.81 -39.50 -10.10
CA ARG D 13 -28.87 -39.89 -9.18
C ARG D 13 -29.01 -38.91 -8.03
N LYS D 14 -27.88 -38.45 -7.46
CA LYS D 14 -27.99 -37.48 -6.38
C LYS D 14 -28.43 -36.12 -6.89
N LEU D 15 -28.15 -35.79 -8.17
CA LEU D 15 -28.67 -34.55 -8.73
C LEU D 15 -30.18 -34.61 -8.91
N VAL D 16 -30.69 -35.74 -9.38
CA VAL D 16 -32.14 -35.88 -9.55
C VAL D 16 -32.83 -35.94 -8.18
N GLU D 17 -32.17 -36.56 -7.20
CA GLU D 17 -32.72 -36.55 -5.83
C GLU D 17 -32.78 -35.14 -5.25
N GLN D 18 -31.74 -34.35 -5.52
CA GLN D 18 -31.73 -32.97 -5.04
C GLN D 18 -32.81 -32.15 -5.72
N LEU D 19 -33.03 -32.38 -7.01
CA LEU D 19 -34.08 -31.63 -7.71
C LEU D 19 -35.47 -32.05 -7.27
N LYS D 20 -35.67 -33.33 -6.94
CA LYS D 20 -36.95 -33.74 -6.40
C LYS D 20 -37.19 -33.14 -5.03
N MET D 21 -36.15 -33.07 -4.20
CA MET D 21 -36.34 -32.51 -2.86
C MET D 21 -36.50 -30.99 -2.93
N GLU D 22 -35.93 -30.35 -3.93
CA GLU D 22 -35.97 -28.89 -4.02
C GLU D 22 -37.20 -28.39 -4.77
N ALA D 23 -37.77 -29.21 -5.65
CA ALA D 23 -39.00 -28.81 -6.34
C ALA D 23 -40.20 -28.86 -5.40
N ASN D 24 -40.18 -29.74 -4.41
CA ASN D 24 -41.37 -30.04 -3.62
C ASN D 24 -41.43 -29.15 -2.38
N ILE D 25 -41.41 -27.84 -2.62
CA ILE D 25 -41.55 -26.86 -1.56
C ILE D 25 -42.62 -25.87 -1.95
N ASP D 26 -43.25 -25.27 -0.94
CA ASP D 26 -44.18 -24.18 -1.15
C ASP D 26 -43.43 -22.89 -1.44
N ARG D 27 -44.06 -22.02 -2.22
CA ARG D 27 -43.45 -20.78 -2.66
C ARG D 27 -44.43 -19.65 -2.47
N ILE D 28 -44.07 -18.70 -1.60
CA ILE D 28 -44.85 -17.49 -1.46
C ILE D 28 -44.77 -16.67 -2.74
N LYS D 29 -45.90 -16.10 -3.14
CA LYS D 29 -45.98 -15.32 -4.36
C LYS D 29 -45.11 -14.07 -4.27
N VAL D 30 -44.49 -13.71 -5.40
CA VAL D 30 -43.46 -12.67 -5.44
C VAL D 30 -43.99 -11.31 -5.02
N SER D 31 -45.26 -11.02 -5.30
CA SER D 31 -45.87 -9.79 -4.81
C SER D 31 -45.91 -9.75 -3.30
N LYS D 32 -46.21 -10.88 -2.66
CA LYS D 32 -46.26 -10.92 -1.20
C LYS D 32 -44.86 -10.84 -0.61
N ALA D 33 -43.89 -11.51 -1.22
CA ALA D 33 -42.52 -11.48 -0.71
C ALA D 33 -41.91 -10.10 -0.87
N ALA D 34 -42.13 -9.47 -2.00
CA ALA D 34 -41.60 -8.13 -2.21
C ALA D 34 -42.34 -7.10 -1.38
N ALA D 35 -43.61 -7.36 -1.05
CA ALA D 35 -44.30 -6.51 -0.10
C ALA D 35 -43.70 -6.66 1.28
N ASP D 36 -43.30 -7.88 1.65
CA ASP D 36 -42.65 -8.09 2.94
C ASP D 36 -41.29 -7.41 2.99
N LEU D 37 -40.54 -7.45 1.88
CA LEU D 37 -39.26 -6.76 1.83
C LEU D 37 -39.43 -5.25 1.91
N MET D 38 -40.40 -4.71 1.19
CA MET D 38 -40.66 -3.28 1.24
C MET D 38 -41.12 -2.85 2.62
N ALA D 39 -41.92 -3.69 3.28
CA ALA D 39 -42.38 -3.38 4.63
C ALA D 39 -41.26 -3.45 5.65
N TYR D 40 -40.31 -4.37 5.46
CA TYR D 40 -39.17 -4.42 6.34
C TYR D 40 -38.28 -3.21 6.17
N CYS D 41 -38.06 -2.79 4.93
CA CYS D 41 -37.23 -1.61 4.69
C CYS D 41 -37.91 -0.35 5.22
N GLU D 42 -39.23 -0.25 5.06
CA GLU D 42 -39.95 0.92 5.53
C GLU D 42 -40.08 0.95 7.04
N ALA D 43 -40.13 -0.20 7.69
CA ALA D 43 -40.23 -0.21 9.14
C ALA D 43 -38.91 0.19 9.78
N HIS D 44 -37.80 -0.21 9.17
CA HIS D 44 -36.48 0.00 9.73
C HIS D 44 -35.72 1.11 9.02
N ALA D 45 -36.41 1.97 8.28
CA ALA D 45 -35.74 3.08 7.64
C ALA D 45 -35.30 4.15 8.62
N LYS D 46 -35.80 4.12 9.85
CA LYS D 46 -35.45 5.12 10.84
C LYS D 46 -34.18 4.77 11.61
N GLU D 47 -33.74 3.52 11.56
CA GLU D 47 -32.62 3.11 12.39
C GLU D 47 -31.28 3.13 11.67
N ASP D 48 -31.25 3.12 10.34
CA ASP D 48 -29.94 2.99 9.72
C ASP D 48 -29.28 4.35 9.54
N PRO D 49 -28.01 4.49 9.87
CA PRO D 49 -27.32 5.77 9.72
C PRO D 49 -26.79 6.05 8.32
N LEU D 50 -27.22 5.32 7.30
CA LEU D 50 -26.66 5.55 5.99
C LEU D 50 -27.57 6.36 5.09
N LEU D 51 -28.84 6.00 4.99
CA LEU D 51 -29.75 6.82 4.21
C LEU D 51 -30.33 7.97 5.03
N THR D 52 -30.54 7.77 6.33
CA THR D 52 -30.79 8.89 7.22
C THR D 52 -29.44 9.36 7.72
N PRO D 53 -28.98 10.55 7.36
CA PRO D 53 -27.68 11.02 7.85
C PRO D 53 -27.76 11.38 9.33
N VAL D 54 -27.03 10.63 10.14
CA VAL D 54 -26.90 10.93 11.56
C VAL D 54 -25.92 12.09 11.71
N PRO D 55 -26.25 13.12 12.52
CA PRO D 55 -25.36 14.27 12.65
C PRO D 55 -24.10 13.94 13.42
N ALA D 56 -23.18 14.91 13.42
CA ALA D 56 -21.85 14.74 14.01
C ALA D 56 -21.87 14.62 15.53
N SER D 57 -23.00 14.89 16.17
CA SER D 57 -23.07 14.84 17.63
C SER D 57 -23.04 13.41 18.15
N GLU D 58 -23.47 12.43 17.34
CA GLU D 58 -23.38 11.04 17.78
C GLU D 58 -22.91 10.12 16.67
N ASN D 59 -22.27 10.65 15.63
CA ASN D 59 -21.62 9.83 14.61
C ASN D 59 -20.18 9.63 15.02
N PRO D 60 -19.79 8.43 15.46
CA PRO D 60 -18.49 8.26 16.12
C PRO D 60 -17.29 8.26 15.19
N PHE D 61 -17.45 8.52 13.90
CA PHE D 61 -16.31 8.53 13.00
C PHE D 61 -15.90 9.93 12.62
N ARG D 62 -16.58 10.94 13.16
CA ARG D 62 -16.24 12.34 12.93
C ARG D 62 -15.41 12.84 14.11
N GLU D 63 -14.22 13.35 13.81
CA GLU D 63 -13.41 13.98 14.84
C GLU D 63 -13.35 15.49 14.64
N GLN E 23 -30.23 -19.16 -15.98
CA GLN E 23 -29.37 -20.33 -15.79
C GLN E 23 -28.49 -20.54 -16.99
N VAL E 24 -27.20 -20.82 -16.77
CA VAL E 24 -26.27 -21.08 -17.87
C VAL E 24 -26.63 -22.44 -18.45
N GLN E 25 -27.11 -22.44 -19.69
CA GLN E 25 -27.51 -23.67 -20.37
C GLN E 25 -26.88 -23.69 -21.75
N LEU E 26 -26.26 -24.83 -22.09
CA LEU E 26 -25.54 -24.98 -23.35
C LEU E 26 -25.98 -26.29 -24.01
N GLN E 27 -27.04 -26.24 -24.80
CA GLN E 27 -27.61 -27.46 -25.37
C GLN E 27 -26.99 -27.69 -26.74
N GLU E 28 -26.24 -28.77 -26.89
CA GLU E 28 -25.57 -29.06 -28.14
C GLU E 28 -26.49 -29.79 -29.11
N SER E 29 -26.01 -29.95 -30.34
CA SER E 29 -26.80 -30.54 -31.40
C SER E 29 -25.87 -30.98 -32.51
N GLY E 30 -26.28 -32.01 -33.23
CA GLY E 30 -25.52 -32.51 -34.37
C GLY E 30 -24.36 -33.39 -33.98
N GLY E 31 -24.11 -34.45 -34.73
CA GLY E 31 -22.98 -35.30 -34.47
C GLY E 31 -23.33 -36.75 -34.21
N GLY E 32 -22.50 -37.65 -34.71
CA GLY E 32 -22.70 -39.08 -34.53
C GLY E 32 -21.71 -39.89 -35.33
N LEU E 33 -22.18 -40.92 -36.01
CA LEU E 33 -21.33 -41.71 -36.90
C LEU E 33 -21.17 -40.98 -38.22
N VAL E 34 -19.93 -40.94 -38.72
CA VAL E 34 -19.64 -40.21 -39.94
C VAL E 34 -18.44 -40.87 -40.62
N GLN E 35 -18.36 -40.70 -41.93
CA GLN E 35 -17.36 -41.37 -42.76
C GLN E 35 -16.05 -40.59 -42.70
N PRO E 36 -14.91 -41.27 -42.55
CA PRO E 36 -13.62 -40.58 -42.57
C PRO E 36 -13.35 -39.93 -43.92
N GLY E 37 -12.91 -38.68 -43.87
CA GLY E 37 -12.87 -37.82 -45.01
C GLY E 37 -14.11 -36.98 -45.20
N GLY E 38 -15.20 -37.32 -44.51
CA GLY E 38 -16.46 -36.64 -44.70
C GLY E 38 -16.51 -35.32 -43.97
N SER E 39 -17.72 -34.78 -43.88
CA SER E 39 -17.94 -33.49 -43.25
C SER E 39 -19.08 -33.59 -42.24
N LEU E 40 -19.15 -32.59 -41.38
CA LEU E 40 -20.15 -32.55 -40.31
C LEU E 40 -20.22 -31.09 -39.85
N ARG E 41 -21.34 -30.72 -39.23
CA ARG E 41 -21.47 -29.39 -38.66
C ARG E 41 -22.27 -29.52 -37.38
N LEU E 42 -21.60 -29.35 -36.24
CA LEU E 42 -22.30 -29.45 -34.99
C LEU E 42 -22.45 -28.07 -34.37
N SER E 43 -23.35 -27.96 -33.41
CA SER E 43 -23.81 -26.67 -32.99
C SER E 43 -24.13 -26.69 -31.50
N CYS E 44 -24.27 -25.50 -30.95
CA CYS E 44 -24.58 -25.30 -29.53
C CYS E 44 -25.54 -24.14 -29.42
N ALA E 45 -26.77 -24.41 -28.99
CA ALA E 45 -27.72 -23.37 -28.65
C ALA E 45 -27.47 -22.95 -27.21
N ALA E 46 -27.10 -21.69 -27.02
CA ALA E 46 -26.67 -21.17 -25.74
C ALA E 46 -27.74 -20.25 -25.18
N SER E 47 -28.27 -20.59 -24.02
CA SER E 47 -29.36 -19.84 -23.43
C SER E 47 -29.07 -19.54 -21.97
N GLY E 48 -29.63 -18.42 -21.52
CA GLY E 48 -29.51 -18.00 -20.14
C GLY E 48 -28.50 -16.92 -19.89
N PHE E 49 -27.78 -16.48 -20.91
CA PHE E 49 -26.80 -15.42 -20.74
C PHE E 49 -26.69 -14.62 -22.03
N THR E 50 -26.22 -13.39 -21.90
CA THR E 50 -26.01 -12.54 -23.06
C THR E 50 -24.84 -13.10 -23.84
N PHE E 51 -25.15 -13.77 -24.95
CA PHE E 51 -24.18 -14.56 -25.70
C PHE E 51 -23.11 -13.72 -26.34
N SER E 52 -23.38 -12.44 -26.59
CA SER E 52 -22.40 -11.58 -27.22
C SER E 52 -21.29 -11.14 -26.28
N ASN E 53 -21.53 -11.14 -24.97
CA ASN E 53 -20.51 -10.65 -24.05
C ASN E 53 -19.39 -11.63 -23.84
N TYR E 54 -19.59 -12.90 -24.17
CA TYR E 54 -18.65 -13.96 -23.86
C TYR E 54 -17.95 -14.43 -25.11
N LYS E 55 -16.74 -14.91 -24.95
CA LYS E 55 -16.10 -15.66 -26.02
C LYS E 55 -16.32 -17.14 -25.78
N MET E 56 -16.35 -17.90 -26.86
CA MET E 56 -16.78 -19.28 -26.81
C MET E 56 -15.66 -20.20 -27.22
N ASN E 57 -15.75 -21.46 -26.81
CA ASN E 57 -14.78 -22.45 -27.22
C ASN E 57 -15.48 -23.74 -27.57
N TRP E 58 -14.86 -24.48 -28.45
CA TRP E 58 -15.12 -25.90 -28.60
C TRP E 58 -13.98 -26.65 -27.92
N VAL E 59 -14.36 -27.62 -27.09
CA VAL E 59 -13.46 -28.47 -26.32
C VAL E 59 -13.81 -29.90 -26.68
N ARG E 60 -12.81 -30.77 -26.77
CA ARG E 60 -13.11 -32.15 -27.08
C ARG E 60 -12.47 -33.07 -26.06
N GLN E 61 -13.10 -34.23 -25.85
CA GLN E 61 -12.55 -35.28 -25.01
C GLN E 61 -12.55 -36.57 -25.80
N ALA E 62 -11.37 -37.01 -26.20
CA ALA E 62 -11.22 -38.30 -26.82
C ALA E 62 -11.54 -39.41 -25.82
N PRO E 63 -11.99 -40.57 -26.30
CA PRO E 63 -12.21 -41.70 -25.38
C PRO E 63 -10.91 -42.14 -24.73
N GLY E 64 -10.89 -42.11 -23.41
CA GLY E 64 -9.70 -42.40 -22.64
C GLY E 64 -8.86 -41.19 -22.30
N LYS E 65 -8.58 -40.35 -23.28
CA LYS E 65 -7.82 -39.14 -23.05
C LYS E 65 -8.66 -38.11 -22.32
N GLY E 66 -7.98 -37.14 -21.72
CA GLY E 66 -8.66 -36.05 -21.06
C GLY E 66 -9.13 -35.00 -22.04
N LEU E 67 -9.78 -33.98 -21.51
CA LEU E 67 -10.33 -32.92 -22.35
C LEU E 67 -9.23 -32.04 -22.90
N GLU E 68 -9.32 -31.73 -24.19
CA GLU E 68 -8.38 -30.83 -24.83
C GLU E 68 -9.15 -29.75 -25.57
N TRP E 69 -8.51 -28.60 -25.69
CA TRP E 69 -9.10 -27.46 -26.37
C TRP E 69 -9.12 -27.69 -27.87
N VAL E 70 -10.15 -27.17 -28.53
CA VAL E 70 -10.17 -27.19 -29.99
C VAL E 70 -10.16 -25.77 -30.55
N SER E 71 -11.13 -24.95 -30.19
CA SER E 71 -11.22 -23.69 -30.92
C SER E 71 -11.82 -22.56 -30.08
N ASP E 72 -11.39 -21.33 -30.40
CA ASP E 72 -11.86 -20.12 -29.75
C ASP E 72 -12.52 -19.22 -30.77
N ILE E 73 -13.58 -18.54 -30.36
CA ILE E 73 -14.09 -17.40 -31.11
C ILE E 73 -14.47 -16.29 -30.14
N SER E 74 -14.08 -15.06 -30.47
CA SER E 74 -14.19 -13.94 -29.56
C SER E 74 -15.60 -13.37 -29.54
N GLN E 75 -15.74 -12.20 -28.90
CA GLN E 75 -17.06 -11.64 -28.62
C GLN E 75 -17.75 -11.17 -29.89
N SER E 76 -17.08 -10.35 -30.68
CA SER E 76 -17.62 -9.96 -31.97
C SER E 76 -17.42 -11.03 -33.03
N GLY E 77 -16.70 -12.09 -32.72
CA GLY E 77 -16.39 -13.08 -33.72
C GLY E 77 -15.20 -12.72 -34.59
N ALA E 78 -14.53 -11.62 -34.29
CA ALA E 78 -13.41 -11.21 -35.13
C ALA E 78 -12.20 -12.09 -34.88
N SER E 79 -11.67 -12.05 -33.66
CA SER E 79 -10.50 -12.85 -33.33
C SER E 79 -10.90 -14.31 -33.20
N ILE E 80 -10.14 -15.19 -33.83
CA ILE E 80 -10.52 -16.57 -34.02
C ILE E 80 -9.28 -17.42 -33.87
N SER E 81 -9.45 -18.63 -33.34
CA SER E 81 -8.29 -19.46 -33.08
C SER E 81 -8.67 -20.92 -33.16
N TYR E 82 -7.72 -21.72 -33.60
CA TYR E 82 -7.91 -23.15 -33.66
C TYR E 82 -6.70 -23.81 -33.02
N THR E 83 -6.83 -25.09 -32.69
CA THR E 83 -5.66 -25.82 -32.25
C THR E 83 -4.84 -26.21 -33.47
N GLY E 84 -3.70 -26.85 -33.21
CA GLY E 84 -2.81 -27.18 -34.30
C GLY E 84 -3.41 -28.24 -35.21
N SER E 85 -3.89 -29.33 -34.63
CA SER E 85 -4.24 -30.54 -35.35
C SER E 85 -5.39 -30.37 -36.35
N VAL E 86 -6.15 -29.27 -36.29
CA VAL E 86 -7.33 -29.14 -37.13
C VAL E 86 -7.33 -27.83 -37.91
N LYS E 87 -6.15 -27.25 -38.15
CA LYS E 87 -6.08 -26.03 -38.94
C LYS E 87 -6.48 -26.29 -40.38
N GLY E 88 -7.45 -25.52 -40.86
CA GLY E 88 -8.00 -25.70 -42.17
C GLY E 88 -9.11 -26.72 -42.25
N ARG E 89 -9.08 -27.74 -41.40
CA ARG E 89 -10.11 -28.77 -41.48
C ARG E 89 -11.40 -28.32 -40.81
N PHE E 90 -11.32 -27.54 -39.75
CA PHE E 90 -12.49 -27.09 -39.02
C PHE E 90 -12.69 -25.60 -39.28
N THR E 91 -13.87 -25.10 -38.91
CA THR E 91 -14.17 -23.68 -38.99
C THR E 91 -15.22 -23.36 -37.95
N ILE E 92 -14.91 -22.45 -37.04
CA ILE E 92 -15.84 -22.06 -36.01
C ILE E 92 -16.54 -20.77 -36.44
N SER E 93 -17.79 -20.63 -36.02
CA SER E 93 -18.54 -19.41 -36.30
C SER E 93 -19.55 -19.22 -35.19
N ARG E 94 -20.04 -18.00 -35.04
CA ARG E 94 -21.03 -17.75 -34.02
C ARG E 94 -22.11 -16.84 -34.57
N ASP E 95 -23.34 -17.11 -34.19
CA ASP E 95 -24.48 -16.27 -34.56
C ASP E 95 -24.98 -15.69 -33.24
N ASN E 96 -24.59 -14.44 -32.98
CA ASN E 96 -25.01 -13.75 -31.78
C ASN E 96 -26.49 -13.41 -31.83
N ALA E 97 -27.07 -13.32 -33.03
CA ALA E 97 -28.50 -13.08 -33.15
C ALA E 97 -29.28 -14.31 -32.73
N LYS E 98 -28.93 -15.47 -33.25
CA LYS E 98 -29.61 -16.69 -32.85
C LYS E 98 -29.12 -17.25 -31.52
N ASN E 99 -28.07 -16.65 -30.94
CA ASN E 99 -27.40 -17.12 -29.73
C ASN E 99 -26.95 -18.56 -29.87
N THR E 100 -26.13 -18.81 -30.89
CA THR E 100 -25.67 -20.17 -31.10
C THR E 100 -24.26 -20.18 -31.66
N LEU E 101 -23.64 -21.33 -31.53
CA LEU E 101 -22.22 -21.51 -31.79
C LEU E 101 -22.04 -22.69 -32.72
N TYR E 102 -21.51 -22.46 -33.90
CA TYR E 102 -21.37 -23.50 -34.91
C TYR E 102 -19.92 -23.92 -35.06
N LEU E 103 -19.71 -25.21 -35.27
CA LEU E 103 -18.41 -25.76 -35.61
C LEU E 103 -18.59 -26.65 -36.83
N GLN E 104 -18.08 -26.17 -37.96
CA GLN E 104 -18.11 -26.87 -39.25
C GLN E 104 -16.84 -27.69 -39.38
N MET E 105 -16.97 -29.00 -39.35
CA MET E 105 -15.83 -29.90 -39.49
C MET E 105 -15.78 -30.47 -40.89
N ASN E 106 -14.58 -30.56 -41.44
CA ASN E 106 -14.38 -31.09 -42.78
C ASN E 106 -13.20 -32.03 -42.76
N SER E 107 -13.31 -33.12 -43.52
CA SER E 107 -12.27 -34.16 -43.68
C SER E 107 -11.86 -34.73 -42.33
N LEU E 108 -12.83 -35.33 -41.65
CA LEU E 108 -12.61 -35.84 -40.32
C LEU E 108 -11.77 -37.10 -40.36
N LYS E 109 -10.92 -37.26 -39.38
CA LYS E 109 -9.97 -38.34 -39.30
C LYS E 109 -10.30 -39.25 -38.12
N PRO E 110 -9.88 -40.52 -38.16
CA PRO E 110 -10.28 -41.46 -37.08
C PRO E 110 -9.70 -41.16 -35.73
N GLU E 111 -8.67 -40.31 -35.63
CA GLU E 111 -8.20 -39.86 -34.34
C GLU E 111 -9.01 -38.68 -33.82
N ASP E 112 -9.93 -38.15 -34.61
CA ASP E 112 -10.74 -37.02 -34.21
C ASP E 112 -12.09 -37.42 -33.65
N THR E 113 -12.30 -38.70 -33.38
CA THR E 113 -13.51 -39.11 -32.67
C THR E 113 -13.39 -38.75 -31.20
N ALA E 114 -14.44 -38.11 -30.67
CA ALA E 114 -14.42 -37.58 -29.32
C ALA E 114 -15.83 -37.18 -28.95
N VAL E 115 -16.01 -36.83 -27.68
CA VAL E 115 -17.21 -36.15 -27.24
C VAL E 115 -16.93 -34.66 -27.28
N TYR E 116 -17.82 -33.90 -27.89
CA TYR E 116 -17.58 -32.48 -28.11
C TYR E 116 -18.41 -31.63 -27.19
N TYR E 117 -17.86 -30.48 -26.84
CA TYR E 117 -18.33 -29.64 -25.76
C TYR E 117 -18.28 -28.20 -26.21
N CYS E 118 -19.39 -27.47 -26.13
CA CYS E 118 -19.35 -26.03 -26.22
C CYS E 118 -19.15 -25.48 -24.81
N ALA E 119 -18.13 -24.65 -24.63
CA ALA E 119 -17.77 -24.15 -23.32
C ALA E 119 -17.53 -22.67 -23.42
N ARG E 120 -18.24 -21.89 -22.62
CA ARG E 120 -17.95 -20.47 -22.67
C ARG E 120 -16.91 -20.12 -21.63
N CYS E 121 -16.11 -19.12 -21.94
CA CYS E 121 -15.16 -18.62 -20.98
C CYS E 121 -15.91 -17.91 -19.88
N PRO E 122 -15.47 -18.04 -18.62
CA PRO E 122 -16.33 -17.68 -17.50
C PRO E 122 -16.53 -16.21 -17.28
N ALA E 123 -15.76 -15.34 -17.92
CA ALA E 123 -15.96 -13.95 -17.62
C ALA E 123 -16.41 -13.19 -18.86
N PRO E 124 -17.25 -12.18 -18.68
CA PRO E 124 -17.60 -11.31 -19.80
C PRO E 124 -16.49 -10.32 -20.10
N PHE E 125 -16.43 -9.91 -21.37
CA PHE E 125 -15.62 -8.81 -21.87
C PHE E 125 -14.13 -9.02 -21.68
N THR E 126 -13.67 -10.24 -21.44
CA THR E 126 -12.26 -10.49 -21.21
C THR E 126 -11.73 -11.44 -22.27
N ARG E 127 -10.42 -11.67 -22.22
CA ARG E 127 -9.74 -12.54 -23.17
C ARG E 127 -9.34 -13.88 -22.57
N ASP E 128 -9.09 -13.94 -21.28
CA ASP E 128 -8.57 -15.15 -20.67
C ASP E 128 -9.64 -16.24 -20.53
N CYS E 129 -9.19 -17.49 -20.58
CA CYS E 129 -10.08 -18.63 -20.51
C CYS E 129 -9.43 -19.75 -19.70
N PHE E 130 -10.21 -20.43 -18.88
CA PHE E 130 -9.68 -21.45 -17.97
C PHE E 130 -10.59 -22.68 -17.93
N ASP E 131 -10.95 -23.22 -19.10
CA ASP E 131 -12.17 -24.03 -19.20
C ASP E 131 -11.96 -25.39 -19.85
N VAL E 132 -10.91 -26.10 -19.49
CA VAL E 132 -10.70 -27.42 -20.06
C VAL E 132 -10.44 -28.36 -18.90
N THR E 133 -10.98 -28.01 -17.74
CA THR E 133 -10.62 -28.62 -16.47
C THR E 133 -11.10 -30.06 -16.37
N SER E 134 -10.71 -30.72 -15.27
CA SER E 134 -10.86 -32.16 -15.12
C SER E 134 -12.31 -32.57 -14.94
N THR E 135 -13.09 -32.44 -16.01
CA THR E 135 -14.52 -32.77 -16.08
C THR E 135 -15.32 -32.04 -15.01
N THR E 136 -14.89 -30.86 -14.62
CA THR E 136 -15.66 -30.02 -13.71
C THR E 136 -15.46 -28.57 -14.14
N TYR E 137 -16.38 -28.10 -14.97
CA TYR E 137 -16.45 -26.70 -15.37
C TYR E 137 -17.89 -26.49 -15.77
N ALA E 138 -18.66 -25.81 -14.93
CA ALA E 138 -20.10 -25.84 -15.08
C ALA E 138 -20.62 -25.01 -16.25
N TYR E 139 -19.78 -24.20 -16.88
CA TYR E 139 -20.24 -23.42 -18.02
C TYR E 139 -19.90 -24.14 -19.30
N ARG E 140 -20.25 -25.43 -19.35
CA ARG E 140 -19.90 -26.30 -20.44
C ARG E 140 -20.98 -27.34 -20.58
N GLY E 141 -21.56 -27.45 -21.77
CA GLY E 141 -22.71 -28.30 -22.00
C GLY E 141 -22.38 -29.77 -21.93
N GLN E 142 -23.41 -30.57 -22.16
CA GLN E 142 -23.28 -32.01 -22.00
C GLN E 142 -22.51 -32.64 -23.14
N GLY E 143 -22.54 -32.04 -24.31
CA GLY E 143 -21.72 -32.45 -25.43
C GLY E 143 -22.30 -33.64 -26.19
N THR E 144 -21.80 -33.80 -27.41
CA THR E 144 -22.28 -34.83 -28.32
C THR E 144 -21.15 -35.78 -28.69
N GLN E 145 -21.47 -37.07 -28.72
CA GLN E 145 -20.55 -38.06 -29.26
C GLN E 145 -20.41 -37.86 -30.76
N VAL E 146 -19.17 -37.75 -31.23
CA VAL E 146 -18.89 -37.65 -32.66
C VAL E 146 -17.85 -38.71 -32.97
N THR E 147 -18.23 -39.68 -33.82
CA THR E 147 -17.45 -40.87 -34.05
C THR E 147 -17.04 -40.93 -35.52
N VAL E 148 -15.76 -41.18 -35.75
CA VAL E 148 -15.23 -41.40 -37.09
C VAL E 148 -14.78 -42.84 -37.17
N SER E 149 -15.50 -43.64 -37.94
CA SER E 149 -15.21 -45.06 -38.06
C SER E 149 -15.74 -45.56 -39.39
N SER E 150 -15.52 -46.85 -39.65
CA SER E 150 -15.99 -47.49 -40.86
C SER E 150 -16.30 -48.96 -40.59
N ALA F 51 34.14 46.43 -21.96
CA ALA F 51 34.85 47.00 -20.82
C ALA F 51 34.72 46.11 -19.59
N THR F 52 33.47 45.72 -19.30
CA THR F 52 33.09 44.77 -18.24
C THR F 52 33.54 45.28 -16.86
N VAL F 53 32.90 46.36 -16.44
CA VAL F 53 33.08 46.86 -15.08
C VAL F 53 31.74 47.41 -14.58
N SER F 54 31.38 47.05 -13.35
CA SER F 54 30.12 47.43 -12.74
C SER F 54 30.37 48.29 -11.52
N LEU F 55 29.28 48.68 -10.85
CA LEU F 55 29.40 49.57 -9.71
C LEU F 55 29.80 48.85 -8.43
N TRP F 56 29.60 47.54 -8.38
CA TRP F 56 29.98 46.76 -7.21
C TRP F 56 31.49 46.79 -7.00
N GLU F 57 32.25 46.35 -7.99
CA GLU F 57 33.70 46.48 -7.90
C GLU F 57 34.16 47.92 -8.02
N THR F 58 33.34 48.82 -8.56
CA THR F 58 33.69 50.24 -8.54
C THR F 58 33.74 50.78 -7.12
N VAL F 59 32.75 50.45 -6.29
CA VAL F 59 32.83 50.93 -4.91
C VAL F 59 33.87 50.15 -4.12
N GLN F 60 34.21 48.93 -4.55
CA GLN F 60 35.38 48.27 -3.98
C GLN F 60 36.65 49.08 -4.26
N LYS F 61 36.80 49.53 -5.51
CA LYS F 61 37.95 50.34 -5.87
C LYS F 61 37.91 51.71 -5.22
N TRP F 62 36.72 52.22 -4.92
CA TRP F 62 36.61 53.50 -4.22
C TRP F 62 37.07 53.37 -2.77
N ARG F 63 36.74 52.23 -2.14
CA ARG F 63 37.28 51.91 -0.82
C ARG F 63 38.79 51.84 -0.85
N GLU F 64 39.34 51.11 -1.82
CA GLU F 64 40.80 50.95 -1.93
C GLU F 64 41.46 52.29 -2.23
N TYR F 65 40.79 53.13 -3.03
CA TYR F 65 41.29 54.45 -3.37
C TYR F 65 41.35 55.35 -2.15
N ARG F 66 40.28 55.34 -1.35
CA ARG F 66 40.26 56.12 -0.11
C ARG F 66 41.33 55.66 0.86
N ARG F 67 41.53 54.34 0.97
CA ARG F 67 42.49 53.84 1.94
C ARG F 67 43.93 54.15 1.55
N GLN F 68 44.28 53.96 0.28
CA GLN F 68 45.65 54.28 -0.14
C GLN F 68 45.89 55.78 -0.19
N CYS F 69 44.88 56.56 -0.60
CA CYS F 69 45.05 58.01 -0.61
C CYS F 69 45.11 58.57 0.80
N GLN F 70 44.40 57.94 1.74
CA GLN F 70 44.47 58.35 3.14
C GLN F 70 45.84 58.01 3.73
N ARG F 71 46.33 56.79 3.50
CA ARG F 71 47.64 56.38 3.96
C ARG F 71 48.78 57.06 3.21
N SER F 72 48.49 57.77 2.11
CA SER F 72 49.50 58.63 1.52
C SER F 72 49.43 60.06 2.05
N LEU F 73 48.22 60.63 2.15
CA LEU F 73 48.06 62.02 2.57
C LEU F 73 48.22 62.20 4.08
N THR F 74 48.27 61.13 4.85
CA THR F 74 48.59 61.30 6.26
C THR F 74 50.09 61.43 6.52
N GLU F 75 50.92 61.34 5.48
CA GLU F 75 52.32 61.72 5.52
C GLU F 75 52.64 62.69 4.39
N ASP F 76 51.80 63.71 4.23
CA ASP F 76 52.19 64.69 3.22
C ASP F 76 53.09 65.76 3.83
N PRO F 77 54.07 66.25 3.07
CA PRO F 77 54.93 67.33 3.57
C PRO F 77 54.17 68.64 3.59
N PRO F 78 54.59 69.60 4.42
CA PRO F 78 53.97 70.92 4.41
C PRO F 78 54.32 71.67 3.14
N PRO F 79 53.37 72.41 2.55
CA PRO F 79 53.64 73.19 1.33
C PRO F 79 54.42 74.46 1.62
N PHE F 84 45.41 79.29 -0.45
CA PHE F 84 46.18 78.26 0.23
C PHE F 84 45.28 77.15 0.75
N CYS F 85 44.79 76.32 -0.15
CA CYS F 85 43.91 75.23 0.24
C CYS F 85 44.71 74.11 0.89
N ASN F 86 44.03 73.35 1.74
CA ASN F 86 44.68 72.29 2.49
C ASN F 86 44.65 70.98 1.69
N ARG F 87 45.13 69.91 2.30
CA ARG F 87 45.15 68.59 1.68
C ARG F 87 43.94 67.81 2.17
N THR F 88 42.78 68.16 1.63
CA THR F 88 41.52 67.52 2.01
C THR F 88 41.12 66.47 0.99
N PHE F 89 40.39 65.46 1.46
CA PHE F 89 39.96 64.35 0.61
C PHE F 89 38.44 64.40 0.51
N ASP F 90 37.93 64.85 -0.64
CA ASP F 90 36.51 65.11 -0.83
C ASP F 90 35.74 63.87 -1.29
N GLU F 91 36.30 62.68 -1.08
CA GLU F 91 35.71 61.37 -1.38
C GLU F 91 35.39 61.17 -2.85
N TYR F 92 35.95 62.03 -3.71
CA TYR F 92 35.77 61.96 -5.14
C TYR F 92 37.12 62.16 -5.82
N ALA F 93 38.03 62.86 -5.16
CA ALA F 93 39.34 63.14 -5.72
C ALA F 93 40.33 63.42 -4.60
N CYS F 94 41.55 62.94 -4.77
CA CYS F 94 42.62 63.25 -3.84
C CYS F 94 43.09 64.68 -4.05
N TRP F 95 43.61 65.28 -3.00
CA TRP F 95 44.23 66.59 -3.13
C TRP F 95 45.55 66.58 -2.38
N PRO F 96 46.63 67.03 -3.00
CA PRO F 96 47.91 67.14 -2.29
C PRO F 96 47.94 68.36 -1.39
N ASP F 97 49.11 68.66 -0.84
CA ASP F 97 49.29 69.89 -0.08
C ASP F 97 49.16 71.06 -1.05
N GLY F 98 48.02 71.73 -1.01
CA GLY F 98 47.76 72.81 -1.93
C GLY F 98 48.52 74.08 -1.58
N GLU F 99 48.68 74.92 -2.59
CA GLU F 99 49.46 76.15 -2.47
C GLU F 99 48.60 77.33 -2.90
N PRO F 100 48.83 78.52 -2.33
CA PRO F 100 48.03 79.70 -2.71
C PRO F 100 48.32 80.14 -4.14
N GLY F 101 47.29 80.16 -4.96
CA GLY F 101 47.44 80.49 -6.37
C GLY F 101 48.06 79.38 -7.18
N SER F 102 47.68 78.12 -6.90
CA SER F 102 48.25 76.97 -7.57
C SER F 102 47.15 76.17 -8.27
N PHE F 103 47.45 75.74 -9.49
CA PHE F 103 46.53 74.95 -10.31
C PHE F 103 47.06 73.51 -10.38
N VAL F 104 46.54 72.65 -9.51
CA VAL F 104 46.94 71.25 -9.50
C VAL F 104 46.19 70.51 -10.60
N ASN F 105 46.95 69.92 -11.52
CA ASN F 105 46.40 69.19 -12.67
C ASN F 105 46.74 67.72 -12.48
N VAL F 106 45.89 67.01 -11.77
CA VAL F 106 46.12 65.61 -11.46
C VAL F 106 45.32 64.77 -12.45
N SER F 107 45.59 63.46 -12.45
CA SER F 107 44.88 62.58 -13.36
C SER F 107 43.46 62.34 -12.88
N CYS F 108 42.67 61.68 -13.73
CA CYS F 108 41.39 61.16 -13.27
C CYS F 108 41.62 60.07 -12.25
N PRO F 109 40.84 60.03 -11.18
CA PRO F 109 41.03 58.98 -10.16
C PRO F 109 40.59 57.64 -10.72
N TRP F 110 41.41 56.62 -10.47
CA TRP F 110 41.28 55.38 -11.21
C TRP F 110 40.11 54.50 -10.75
N TYR F 111 39.34 54.93 -9.76
CA TYR F 111 38.22 54.11 -9.32
C TYR F 111 37.01 54.23 -10.22
N LEU F 112 37.02 55.14 -11.19
CA LEU F 112 35.89 55.35 -12.06
C LEU F 112 35.66 54.14 -12.96
N PRO F 113 34.45 53.96 -13.49
CA PRO F 113 34.27 52.95 -14.54
C PRO F 113 34.93 53.37 -15.84
N TRP F 114 34.89 54.66 -16.17
CA TRP F 114 35.56 55.19 -17.35
C TRP F 114 37.01 55.58 -17.08
N ALA F 115 37.66 54.93 -16.12
CA ALA F 115 38.94 55.42 -15.62
C ALA F 115 40.06 55.19 -16.62
N SER F 116 40.08 54.01 -17.26
CA SER F 116 41.10 53.75 -18.25
C SER F 116 40.90 54.55 -19.52
N SER F 117 39.71 55.12 -19.72
CA SER F 117 39.38 55.78 -20.97
C SER F 117 40.11 57.11 -21.13
N VAL F 118 40.45 57.77 -20.04
CA VAL F 118 41.10 59.08 -20.15
C VAL F 118 42.40 59.13 -19.36
N PRO F 119 43.51 58.57 -19.86
CA PRO F 119 44.78 58.74 -19.15
C PRO F 119 45.53 60.00 -19.56
N GLN F 120 45.28 60.49 -20.78
CA GLN F 120 46.01 61.64 -21.29
C GLN F 120 45.47 62.95 -20.72
N GLY F 121 44.23 62.95 -20.27
CA GLY F 121 43.66 64.12 -19.64
C GLY F 121 44.16 64.32 -18.23
N HIS F 122 43.66 65.39 -17.62
CA HIS F 122 44.01 65.74 -16.24
C HIS F 122 42.94 66.67 -15.71
N VAL F 123 42.25 66.25 -14.65
CA VAL F 123 41.39 67.16 -13.90
C VAL F 123 42.27 68.18 -13.19
N TYR F 124 42.01 69.46 -13.47
CA TYR F 124 42.83 70.55 -12.97
C TYR F 124 41.98 71.54 -12.19
N ARG F 125 42.43 71.88 -10.98
CA ARG F 125 41.71 72.81 -10.11
C ARG F 125 42.70 73.77 -9.48
N PHE F 126 42.33 75.06 -9.44
CA PHE F 126 43.23 76.14 -9.05
C PHE F 126 42.74 76.81 -7.78
N CYS F 127 43.47 76.62 -6.68
CA CYS F 127 43.18 77.30 -5.43
C CYS F 127 43.87 78.66 -5.42
N THR F 128 43.12 79.68 -5.05
CA THR F 128 43.61 81.04 -5.10
C THR F 128 44.30 81.41 -3.78
N ALA F 129 44.75 82.66 -3.68
CA ALA F 129 45.36 83.17 -2.46
C ALA F 129 44.35 83.45 -1.37
N GLU F 130 43.06 83.50 -1.70
CA GLU F 130 41.99 83.65 -0.73
C GLU F 130 41.54 82.32 -0.12
N GLY F 131 42.31 81.25 -0.33
CA GLY F 131 42.12 80.00 0.39
C GLY F 131 41.00 79.11 -0.10
N LEU F 132 40.20 79.56 -1.05
CA LEU F 132 39.13 78.75 -1.61
C LEU F 132 39.04 79.04 -3.10
N TRP F 133 38.81 77.98 -3.88
CA TRP F 133 38.92 78.05 -5.33
C TRP F 133 37.67 78.70 -5.93
N LEU F 134 37.50 78.52 -7.25
CA LEU F 134 36.43 79.16 -7.99
C LEU F 134 35.08 78.51 -7.66
N GLN F 135 34.51 78.87 -6.52
CA GLN F 135 33.25 78.29 -6.09
C GLN F 135 32.10 78.80 -6.96
N LYS F 136 31.00 78.04 -6.95
CA LYS F 136 29.82 78.44 -7.68
C LYS F 136 29.11 79.62 -7.01
N ASP F 137 29.22 79.72 -5.69
CA ASP F 137 28.59 80.78 -4.91
C ASP F 137 29.29 80.82 -3.56
N ASN F 138 28.70 81.53 -2.60
CA ASN F 138 29.30 81.64 -1.27
C ASN F 138 29.13 80.34 -0.49
N SER F 139 30.03 79.40 -0.72
CA SER F 139 29.97 78.11 -0.06
C SER F 139 31.38 77.54 0.05
N SER F 140 31.50 76.45 0.80
CA SER F 140 32.80 75.85 1.07
C SER F 140 33.28 74.93 -0.03
N LEU F 141 32.49 74.71 -1.08
CA LEU F 141 32.89 73.82 -2.16
C LEU F 141 33.95 74.48 -3.03
N PRO F 142 35.12 73.87 -3.19
CA PRO F 142 36.11 74.41 -4.13
C PRO F 142 35.70 74.13 -5.57
N TRP F 143 36.50 74.66 -6.49
CA TRP F 143 36.24 74.49 -7.92
C TRP F 143 36.64 73.09 -8.31
N ARG F 144 35.69 72.16 -8.25
CA ARG F 144 35.95 70.76 -8.61
C ARG F 144 35.22 70.53 -9.92
N ASP F 145 35.86 70.93 -11.01
CA ASP F 145 35.29 70.88 -12.35
C ASP F 145 35.89 69.71 -13.10
N LEU F 146 35.03 68.93 -13.75
CA LEU F 146 35.36 67.59 -14.24
C LEU F 146 35.04 67.46 -15.73
N SER F 147 35.49 68.44 -16.51
CA SER F 147 35.30 68.38 -17.96
C SER F 147 36.29 67.44 -18.64
N GLU F 148 37.31 66.98 -17.94
CA GLU F 148 38.26 66.03 -18.51
C GLU F 148 37.85 64.59 -18.26
N CYS F 149 37.30 64.29 -17.09
CA CYS F 149 36.92 62.94 -16.72
C CYS F 149 35.48 62.62 -17.10
N GLU F 150 34.85 63.46 -17.91
CA GLU F 150 33.44 63.33 -18.20
C GLU F 150 33.17 62.17 -19.17
N GLU F 151 31.93 61.70 -19.16
CA GLU F 151 31.50 60.65 -20.08
C GLU F 151 30.27 61.07 -20.88
N SER F 158 30.69 50.49 -20.56
CA SER F 158 29.97 49.22 -20.61
C SER F 158 29.97 48.54 -19.25
N SER F 159 28.77 48.27 -18.74
CA SER F 159 28.57 47.64 -17.46
C SER F 159 27.76 46.36 -17.63
N PRO F 160 28.00 45.34 -16.78
CA PRO F 160 27.35 44.03 -17.00
C PRO F 160 25.85 44.00 -16.84
N GLU F 161 25.22 45.04 -16.30
CA GLU F 161 23.77 45.07 -16.29
C GLU F 161 23.20 45.70 -17.56
N GLU F 162 24.05 46.09 -18.51
CA GLU F 162 23.66 46.48 -19.85
C GLU F 162 24.17 45.53 -20.92
N GLN F 163 25.37 44.97 -20.74
CA GLN F 163 25.98 44.17 -21.79
C GLN F 163 25.32 42.81 -21.91
N LEU F 164 24.69 42.33 -20.84
CA LEU F 164 24.11 41.01 -20.81
C LEU F 164 22.65 41.07 -20.40
N LEU F 165 21.97 42.17 -20.75
CA LEU F 165 20.59 42.35 -20.32
C LEU F 165 19.65 41.41 -21.08
N PHE F 166 20.00 41.07 -22.32
CA PHE F 166 19.26 40.02 -23.02
C PHE F 166 19.47 38.68 -22.34
N LEU F 167 20.72 38.37 -22.00
CA LEU F 167 21.03 37.18 -21.22
C LEU F 167 20.34 37.22 -19.86
N TYR F 168 20.30 38.41 -19.25
CA TYR F 168 19.60 38.59 -17.98
C TYR F 168 18.13 38.24 -18.08
N ILE F 169 17.45 38.78 -19.09
CA ILE F 169 16.01 38.56 -19.14
C ILE F 169 15.71 37.13 -19.53
N ILE F 170 16.56 36.48 -20.33
CA ILE F 170 16.24 35.10 -20.68
C ILE F 170 16.50 34.16 -19.50
N TYR F 171 17.56 34.39 -18.72
CA TYR F 171 17.71 33.42 -17.63
C TYR F 171 16.79 33.74 -16.47
N THR F 172 16.36 34.99 -16.31
CA THR F 172 15.39 35.22 -15.25
C THR F 172 14.00 34.78 -15.67
N VAL F 173 13.68 34.77 -16.97
CA VAL F 173 12.38 34.22 -17.34
C VAL F 173 12.44 32.70 -17.27
N GLY F 174 13.62 32.12 -17.48
CA GLY F 174 13.78 30.69 -17.31
C GLY F 174 13.59 30.26 -15.86
N TYR F 175 14.25 30.96 -14.94
CA TYR F 175 14.06 30.66 -13.53
C TYR F 175 12.66 31.00 -13.05
N ALA F 176 12.00 31.99 -13.66
CA ALA F 176 10.64 32.30 -13.24
C ALA F 176 9.67 31.22 -13.65
N LEU F 177 9.75 30.78 -14.91
CA LEU F 177 8.90 29.69 -15.35
C LEU F 177 9.24 28.39 -14.64
N SER F 178 10.51 28.19 -14.28
CA SER F 178 10.86 26.98 -13.55
C SER F 178 10.34 27.04 -12.13
N PHE F 179 10.40 28.21 -11.49
CA PHE F 179 9.87 28.34 -10.13
C PHE F 179 8.36 28.08 -10.10
N SER F 180 7.64 28.56 -11.13
CA SER F 180 6.23 28.25 -11.23
C SER F 180 5.99 26.77 -11.46
N ALA F 181 6.73 26.17 -12.40
CA ALA F 181 6.53 24.76 -12.72
C ALA F 181 6.92 23.85 -11.58
N LEU F 182 7.95 24.22 -10.82
CA LEU F 182 8.31 23.38 -9.69
C LEU F 182 7.37 23.55 -8.51
N VAL F 183 6.80 24.74 -8.30
CA VAL F 183 5.88 24.83 -7.16
C VAL F 183 4.57 24.10 -7.49
N ILE F 184 4.20 24.07 -8.77
CA ILE F 184 3.05 23.27 -9.19
C ILE F 184 3.37 21.79 -9.08
N ALA F 185 4.60 21.40 -9.41
CA ALA F 185 4.98 19.99 -9.32
C ALA F 185 5.05 19.51 -7.87
N SER F 186 5.53 20.36 -6.97
CA SER F 186 5.56 20.01 -5.56
C SER F 186 4.15 19.89 -5.00
N ALA F 187 3.24 20.74 -5.46
CA ALA F 187 1.85 20.58 -5.04
C ALA F 187 1.25 19.31 -5.63
N ILE F 188 1.66 18.92 -6.83
CA ILE F 188 0.98 17.79 -7.46
C ILE F 188 1.58 16.48 -7.01
N LEU F 189 2.75 16.50 -6.38
CA LEU F 189 3.28 15.31 -5.74
C LEU F 189 3.01 15.24 -4.25
N LEU F 190 2.69 16.34 -3.59
CA LEU F 190 2.33 16.25 -2.19
C LEU F 190 0.85 16.01 -1.98
N GLY F 191 0.01 16.68 -2.74
CA GLY F 191 -1.40 16.73 -2.41
C GLY F 191 -2.24 15.64 -3.01
N PHE F 192 -1.63 14.54 -3.45
CA PHE F 192 -2.41 13.42 -3.93
C PHE F 192 -2.34 12.18 -3.06
N ARG F 193 -1.23 11.95 -2.35
CA ARG F 193 -1.02 10.93 -1.33
C ARG F 193 -0.95 9.51 -1.91
N HIS F 194 -1.31 9.34 -3.17
CA HIS F 194 -1.05 8.09 -3.85
C HIS F 194 0.31 8.10 -4.51
N LEU F 195 0.83 9.27 -4.83
CA LEU F 195 2.13 9.38 -5.47
C LEU F 195 3.28 9.29 -4.49
N HIS F 196 3.02 9.15 -3.21
CA HIS F 196 4.07 9.17 -2.21
C HIS F 196 4.85 7.86 -2.26
N CYS F 197 6.13 7.95 -2.60
CA CYS F 197 7.03 6.82 -2.52
C CYS F 197 8.43 7.37 -2.25
N THR F 198 9.41 6.48 -2.23
CA THR F 198 10.78 6.93 -2.04
C THR F 198 11.27 7.69 -3.26
N ARG F 199 10.89 7.22 -4.45
CA ARG F 199 11.30 7.85 -5.69
C ARG F 199 10.71 9.25 -5.84
N ASN F 200 9.42 9.40 -5.52
CA ASN F 200 8.84 10.73 -5.59
C ASN F 200 9.29 11.62 -4.46
N TYR F 201 9.77 11.07 -3.34
CA TYR F 201 10.34 11.94 -2.33
C TYR F 201 11.70 12.47 -2.75
N ILE F 202 12.51 11.63 -3.40
CA ILE F 202 13.78 12.11 -3.95
C ILE F 202 13.54 13.15 -5.03
N HIS F 203 12.60 12.90 -5.94
CA HIS F 203 12.19 13.94 -6.90
C HIS F 203 11.64 15.17 -6.20
N LEU F 204 10.97 14.99 -5.07
CA LEU F 204 10.25 16.08 -4.46
C LEU F 204 11.20 17.08 -3.84
N ASN F 205 12.16 16.61 -3.07
CA ASN F 205 13.10 17.61 -2.60
C ASN F 205 14.18 17.96 -3.62
N LEU F 206 14.34 17.19 -4.71
CA LEU F 206 15.05 17.72 -5.87
C LEU F 206 14.35 18.96 -6.43
N PHE F 207 13.03 18.91 -6.50
CA PHE F 207 12.23 20.03 -6.96
C PHE F 207 12.35 21.20 -6.00
N ALA F 208 12.37 20.90 -4.71
CA ALA F 208 12.59 21.93 -3.70
C ALA F 208 13.95 22.56 -3.84
N SER F 209 14.95 21.79 -4.26
CA SER F 209 16.27 22.35 -4.43
C SER F 209 16.34 23.26 -5.65
N PHE F 210 15.63 22.90 -6.72
CA PHE F 210 15.56 23.82 -7.86
C PHE F 210 14.85 25.11 -7.51
N ILE F 211 13.79 25.01 -6.69
CA ILE F 211 13.11 26.19 -6.18
C ILE F 211 14.07 27.05 -5.37
N LEU F 212 14.89 26.41 -4.54
CA LEU F 212 15.76 27.16 -3.65
C LEU F 212 16.88 27.83 -4.42
N ARG F 213 17.36 27.18 -5.49
CA ARG F 213 18.40 27.82 -6.31
C ARG F 213 17.83 28.97 -7.13
N ALA F 214 16.64 28.79 -7.68
CA ALA F 214 16.02 29.89 -8.43
C ALA F 214 15.69 31.06 -7.52
N LEU F 215 15.30 30.77 -6.28
CA LEU F 215 15.06 31.85 -5.33
C LEU F 215 16.36 32.54 -4.94
N SER F 216 17.46 31.78 -4.85
CA SER F 216 18.78 32.38 -4.66
C SER F 216 19.12 33.36 -5.77
N VAL F 217 18.86 32.98 -7.01
CA VAL F 217 19.20 33.83 -8.13
C VAL F 217 18.29 35.06 -8.18
N PHE F 218 17.02 34.88 -7.81
CA PHE F 218 16.08 35.99 -7.75
C PHE F 218 16.46 37.00 -6.70
N ILE F 219 16.76 36.52 -5.49
CA ILE F 219 17.12 37.41 -4.40
C ILE F 219 18.42 38.12 -4.72
N LYS F 220 19.33 37.42 -5.41
CA LYS F 220 20.60 38.02 -5.82
C LYS F 220 20.41 39.18 -6.79
N ASP F 221 19.79 38.92 -7.93
CA ASP F 221 19.74 39.99 -8.92
C ASP F 221 18.74 41.07 -8.56
N ALA F 222 17.69 40.73 -7.81
CA ALA F 222 16.79 41.77 -7.35
C ALA F 222 17.41 42.61 -6.27
N ALA F 223 18.27 42.01 -5.44
CA ALA F 223 18.96 42.79 -4.43
C ALA F 223 19.96 43.72 -5.07
N LEU F 224 20.63 43.28 -6.12
CA LEU F 224 21.49 44.22 -6.83
C LEU F 224 20.70 45.26 -7.59
N LYS F 225 19.49 44.94 -8.05
CA LYS F 225 18.66 45.97 -8.66
C LYS F 225 18.29 47.03 -7.65
N TRP F 226 17.93 46.61 -6.44
CA TRP F 226 17.59 47.57 -5.39
C TRP F 226 18.81 48.37 -4.97
N MET F 227 19.99 47.75 -4.94
CA MET F 227 21.16 48.47 -4.49
C MET F 227 21.69 49.43 -5.55
N TYR F 228 21.64 49.04 -6.83
CA TYR F 228 22.01 49.99 -7.85
C TYR F 228 20.96 51.07 -8.04
N SER F 229 19.70 50.80 -7.69
CA SER F 229 18.71 51.86 -7.75
C SER F 229 18.89 52.82 -6.59
N THR F 230 19.26 52.31 -5.41
CA THR F 230 19.41 53.18 -4.27
C THR F 230 20.77 53.86 -4.22
N ALA F 231 21.73 53.46 -5.06
CA ALA F 231 22.99 54.16 -5.14
C ALA F 231 23.27 54.70 -6.54
N ALA F 232 22.31 54.59 -7.47
CA ALA F 232 22.50 55.17 -8.80
C ALA F 232 22.26 56.68 -8.77
N GLN F 233 21.29 57.12 -7.97
CA GLN F 233 21.05 58.54 -7.76
C GLN F 233 22.06 59.17 -6.82
N GLN F 234 22.91 58.37 -6.19
CA GLN F 234 23.84 58.82 -5.17
C GLN F 234 25.28 58.55 -5.61
N HIS F 235 26.21 59.17 -4.90
CA HIS F 235 27.62 58.89 -5.08
C HIS F 235 28.33 58.61 -3.76
N GLN F 236 27.70 58.90 -2.63
CA GLN F 236 28.37 58.68 -1.35
C GLN F 236 28.52 57.21 -1.01
N TRP F 237 27.66 56.34 -1.56
CA TRP F 237 27.89 54.89 -1.69
C TRP F 237 28.05 54.19 -0.35
N ASP F 238 27.60 54.82 0.73
CA ASP F 238 28.11 54.48 2.05
C ASP F 238 27.55 53.17 2.58
N GLY F 239 26.25 52.95 2.41
CA GLY F 239 25.63 51.70 2.80
C GLY F 239 26.13 50.51 2.01
N LEU F 240 26.62 50.75 0.79
CA LEU F 240 27.22 49.68 0.03
C LEU F 240 28.56 49.28 0.61
N LEU F 241 29.40 50.26 0.94
CA LEU F 241 30.70 49.93 1.49
C LEU F 241 30.55 49.31 2.87
N SER F 242 29.62 49.83 3.66
CA SER F 242 29.28 49.17 4.92
C SER F 242 28.44 47.92 4.70
N TYR F 243 27.82 47.77 3.52
CA TYR F 243 27.12 46.52 3.25
C TYR F 243 28.11 45.39 3.04
N GLN F 244 29.10 45.61 2.17
CA GLN F 244 30.14 44.60 1.97
C GLN F 244 31.03 44.45 3.20
N ASP F 245 31.15 45.50 4.00
CA ASP F 245 31.87 45.36 5.26
C ASP F 245 31.06 44.53 6.25
N SER F 246 29.74 44.52 6.11
CA SER F 246 28.89 43.78 7.03
C SER F 246 29.01 42.28 6.79
N LEU F 247 28.66 41.53 7.82
CA LEU F 247 28.67 40.09 7.75
C LEU F 247 27.36 39.54 7.21
N SER F 248 26.33 40.38 7.14
CA SER F 248 25.05 39.95 6.59
C SER F 248 25.16 39.66 5.10
N CYS F 249 25.94 40.47 4.40
CA CYS F 249 26.26 40.23 2.99
C CYS F 249 26.92 38.88 2.79
N ARG F 250 27.89 38.57 3.64
CA ARG F 250 28.62 37.31 3.52
C ARG F 250 27.74 36.13 3.88
N LEU F 251 26.82 36.31 4.82
CA LEU F 251 25.90 35.24 5.18
C LEU F 251 24.94 34.96 4.03
N VAL F 252 24.49 36.01 3.35
CA VAL F 252 23.59 35.84 2.22
C VAL F 252 24.32 35.18 1.05
N PHE F 253 25.57 35.58 0.80
CA PHE F 253 26.35 34.96 -0.26
C PHE F 253 26.65 33.50 0.05
N LEU F 254 26.90 33.19 1.32
CA LEU F 254 27.15 31.81 1.71
C LEU F 254 25.89 30.98 1.55
N LEU F 255 24.73 31.58 1.83
CA LEU F 255 23.46 30.90 1.63
C LEU F 255 23.22 30.59 0.16
N MET F 256 23.57 31.54 -0.71
CA MET F 256 23.39 31.32 -2.15
C MET F 256 24.33 30.24 -2.68
N GLN F 257 25.58 30.24 -2.21
CA GLN F 257 26.50 29.19 -2.59
C GLN F 257 26.05 27.83 -2.06
N TYR F 258 25.39 27.81 -0.90
CA TYR F 258 24.80 26.59 -0.40
C TYR F 258 23.67 26.12 -1.30
N CYS F 259 22.85 27.05 -1.80
CA CYS F 259 21.77 26.66 -2.71
C CYS F 259 22.31 26.06 -4.00
N VAL F 260 23.39 26.63 -4.52
CA VAL F 260 24.00 26.10 -5.74
C VAL F 260 24.55 24.71 -5.52
N ALA F 261 25.33 24.53 -4.44
CA ALA F 261 25.89 23.21 -4.16
C ALA F 261 24.81 22.19 -3.83
N ALA F 262 23.71 22.63 -3.20
CA ALA F 262 22.61 21.73 -2.92
C ALA F 262 21.90 21.29 -4.17
N ASN F 263 21.80 22.16 -5.17
CA ASN F 263 21.16 21.73 -6.41
C ASN F 263 22.02 20.71 -7.14
N TYR F 264 23.33 20.95 -7.19
CA TYR F 264 24.18 19.97 -7.87
C TYR F 264 24.26 18.66 -7.11
N TYR F 265 24.26 18.70 -5.79
CA TYR F 265 24.27 17.42 -5.10
C TYR F 265 22.92 16.75 -5.05
N TRP F 266 21.81 17.47 -5.21
CA TRP F 266 20.57 16.75 -5.36
C TRP F 266 20.44 16.12 -6.74
N LEU F 267 21.09 16.70 -7.75
CA LEU F 267 21.22 15.97 -9.00
C LEU F 267 22.07 14.72 -8.82
N LEU F 268 23.14 14.82 -8.02
CA LEU F 268 23.97 13.65 -7.73
C LEU F 268 23.18 12.58 -6.97
N VAL F 269 22.31 13.01 -6.05
CA VAL F 269 21.50 12.08 -5.28
C VAL F 269 20.48 11.39 -6.17
N GLU F 270 19.89 12.13 -7.10
CA GLU F 270 18.99 11.51 -8.07
C GLU F 270 19.70 10.47 -8.91
N GLY F 271 20.93 10.78 -9.33
CA GLY F 271 21.71 9.81 -10.09
C GLY F 271 22.05 8.56 -9.29
N VAL F 272 22.49 8.73 -8.05
CA VAL F 272 22.88 7.55 -7.29
C VAL F 272 21.66 6.77 -6.84
N TYR F 273 20.50 7.41 -6.72
CA TYR F 273 19.31 6.67 -6.35
C TYR F 273 18.81 5.83 -7.52
N LEU F 274 18.84 6.39 -8.73
CA LEU F 274 18.45 5.59 -9.88
C LEU F 274 19.47 4.49 -10.14
N TYR F 275 20.75 4.75 -9.83
CA TYR F 275 21.76 3.72 -9.99
C TYR F 275 21.57 2.61 -8.98
N THR F 276 21.23 2.94 -7.74
CA THR F 276 21.05 1.88 -6.76
C THR F 276 19.71 1.20 -6.90
N LEU F 277 18.76 1.78 -7.61
CA LEU F 277 17.61 1.00 -8.05
C LEU F 277 18.02 0.00 -9.11
N LEU F 278 18.87 0.41 -10.05
CA LEU F 278 19.21 -0.50 -11.13
C LEU F 278 20.25 -1.53 -10.71
N ALA F 279 21.31 -1.12 -10.02
CA ALA F 279 22.44 -1.99 -9.79
C ALA F 279 22.36 -2.77 -8.48
N PHE F 280 22.33 -2.07 -7.36
CA PHE F 280 22.27 -2.71 -6.05
C PHE F 280 20.90 -3.32 -5.86
N SER F 281 20.81 -4.63 -6.02
CA SER F 281 19.54 -5.32 -5.77
C SER F 281 19.27 -5.43 -4.28
N VAL F 282 20.32 -5.46 -3.47
CA VAL F 282 20.20 -5.58 -2.02
C VAL F 282 20.38 -4.20 -1.41
N PHE F 283 19.30 -3.66 -0.87
CA PHE F 283 19.33 -2.34 -0.24
C PHE F 283 18.13 -2.22 0.69
N SER F 284 18.25 -1.32 1.66
CA SER F 284 17.12 -0.91 2.50
C SER F 284 16.57 0.37 1.92
N GLU F 285 15.24 0.46 1.79
CA GLU F 285 14.65 1.70 1.31
C GLU F 285 14.72 2.80 2.37
N GLN F 286 14.51 2.43 3.64
CA GLN F 286 14.38 3.43 4.70
C GLN F 286 15.70 4.09 5.04
N TRP F 287 16.71 3.27 5.35
CA TRP F 287 18.00 3.81 5.77
C TRP F 287 18.70 4.52 4.63
N ILE F 288 18.60 3.99 3.41
CA ILE F 288 19.26 4.65 2.30
C ILE F 288 18.46 5.87 1.85
N PHE F 289 17.18 5.95 2.17
CA PHE F 289 16.49 7.23 1.93
C PHE F 289 16.97 8.31 2.89
N ARG F 290 17.09 7.97 4.18
CA ARG F 290 17.66 8.95 5.13
C ARG F 290 19.08 9.33 4.74
N LEU F 291 19.86 8.35 4.27
CA LEU F 291 21.22 8.60 3.84
C LEU F 291 21.25 9.51 2.62
N TYR F 292 20.31 9.36 1.70
CA TYR F 292 20.31 10.19 0.52
C TYR F 292 19.83 11.61 0.80
N VAL F 293 18.90 11.78 1.73
CA VAL F 293 18.55 13.13 2.16
C VAL F 293 19.75 13.81 2.80
N SER F 294 20.54 13.04 3.55
CA SER F 294 21.73 13.60 4.18
C SER F 294 22.80 13.96 3.16
N ILE F 295 23.04 13.09 2.17
CA ILE F 295 23.97 13.40 1.09
C ILE F 295 23.50 14.62 0.31
N GLY F 296 22.19 14.75 0.12
CA GLY F 296 21.69 15.86 -0.68
C GLY F 296 21.80 17.20 0.01
N TRP F 297 21.46 17.26 1.29
CA TRP F 297 21.48 18.58 1.93
C TRP F 297 22.75 18.83 2.73
N GLY F 298 23.16 17.89 3.58
CA GLY F 298 24.24 18.16 4.50
C GLY F 298 25.64 18.17 3.91
N VAL F 299 25.90 17.29 2.94
CA VAL F 299 27.22 17.28 2.30
C VAL F 299 27.54 18.57 1.56
N PRO F 300 26.61 19.23 0.84
CA PRO F 300 26.90 20.59 0.39
C PRO F 300 27.23 21.55 1.50
N LEU F 301 26.53 21.47 2.63
CA LEU F 301 26.88 22.27 3.79
C LEU F 301 28.28 21.91 4.29
N LEU F 302 28.59 20.60 4.24
CA LEU F 302 29.84 20.05 4.73
C LEU F 302 31.05 20.50 3.93
N PHE F 303 30.90 20.90 2.66
CA PHE F 303 32.04 21.57 2.03
C PHE F 303 31.82 23.06 1.77
N VAL F 304 30.62 23.59 2.02
CA VAL F 304 30.42 25.03 1.82
C VAL F 304 30.91 25.81 3.02
N VAL F 305 30.53 25.41 4.23
CA VAL F 305 31.01 26.18 5.38
C VAL F 305 32.52 26.11 5.64
N PRO F 306 33.29 25.07 5.26
CA PRO F 306 34.75 25.28 5.29
C PRO F 306 35.22 26.30 4.29
N TRP F 307 34.62 26.34 3.11
CA TRP F 307 34.94 27.37 2.14
C TRP F 307 34.62 28.75 2.69
N GLY F 308 33.45 28.88 3.33
CA GLY F 308 33.05 30.15 3.89
C GLY F 308 33.98 30.62 4.99
N ILE F 309 34.42 29.70 5.85
CA ILE F 309 35.31 30.17 6.90
C ILE F 309 36.72 30.43 6.37
N VAL F 310 37.17 29.69 5.36
CA VAL F 310 38.53 29.94 4.90
C VAL F 310 38.58 31.22 4.08
N LYS F 311 37.49 31.57 3.40
CA LYS F 311 37.41 32.88 2.77
C LYS F 311 37.22 33.97 3.81
N TYR F 312 36.58 33.65 4.94
CA TYR F 312 36.46 34.60 6.03
C TYR F 312 37.80 34.90 6.66
N LEU F 313 38.67 33.90 6.72
CA LEU F 313 39.96 34.10 7.36
C LEU F 313 40.95 34.75 6.43
N TYR F 314 41.00 34.35 5.16
CA TYR F 314 42.18 34.63 4.36
C TYR F 314 41.97 35.61 3.22
N GLU F 315 40.78 35.68 2.63
CA GLU F 315 40.47 36.75 1.66
C GLU F 315 39.15 37.38 2.10
N ASP F 316 39.24 38.27 3.07
CA ASP F 316 38.04 38.73 3.75
C ASP F 316 37.28 39.77 2.95
N GLU F 317 37.95 40.52 2.08
CA GLU F 317 37.35 41.67 1.44
C GLU F 317 36.41 41.24 0.31
N GLY F 318 35.89 42.25 -0.40
CA GLY F 318 35.01 42.04 -1.52
C GLY F 318 33.66 41.46 -1.19
N CYS F 319 33.31 41.37 0.09
CA CYS F 319 32.25 40.50 0.61
C CYS F 319 32.40 39.10 0.01
N TRP F 320 33.61 38.55 0.19
CA TRP F 320 33.98 37.19 -0.21
C TRP F 320 33.93 36.97 -1.72
N THR F 321 33.90 38.02 -2.54
CA THR F 321 33.64 37.84 -3.96
C THR F 321 34.73 38.39 -4.84
N ARG F 322 35.98 38.04 -4.58
CA ARG F 322 37.06 38.53 -5.43
C ARG F 322 37.90 37.39 -6.01
N ASN F 323 38.02 36.31 -5.22
CA ASN F 323 38.67 35.01 -5.53
C ASN F 323 39.92 35.12 -6.41
N SER F 324 40.86 35.92 -5.91
CA SER F 324 42.14 36.13 -6.59
C SER F 324 42.99 34.86 -6.56
N ASN F 325 43.25 34.34 -5.37
CA ASN F 325 43.90 33.03 -5.25
C ASN F 325 42.89 31.98 -5.67
N MET F 326 43.14 31.35 -6.83
CA MET F 326 42.20 30.48 -7.51
C MET F 326 41.95 29.19 -6.75
N ASN F 327 42.80 28.85 -5.77
CA ASN F 327 42.56 27.68 -4.92
C ASN F 327 41.28 27.85 -4.10
N TYR F 328 40.95 29.07 -3.69
CA TYR F 328 39.78 29.27 -2.85
C TYR F 328 38.48 29.06 -3.61
N TRP F 329 38.39 29.57 -4.83
CA TRP F 329 37.23 29.26 -5.65
C TRP F 329 37.27 27.81 -6.13
N LEU F 330 38.47 27.25 -6.24
CA LEU F 330 38.65 25.89 -6.67
C LEU F 330 38.11 24.90 -5.66
N ILE F 331 38.20 25.21 -4.36
CA ILE F 331 37.71 24.25 -3.37
C ILE F 331 36.19 24.27 -3.25
N ILE F 332 35.50 25.23 -3.86
CA ILE F 332 34.05 25.14 -3.95
C ILE F 332 33.62 24.68 -5.34
N ARG F 333 34.50 24.79 -6.32
CA ARG F 333 34.15 24.35 -7.66
C ARG F 333 34.44 22.87 -7.87
N LEU F 334 35.43 22.31 -7.17
CA LEU F 334 35.73 20.88 -7.33
C LEU F 334 34.62 19.92 -6.90
N PRO F 335 33.94 20.08 -5.74
CA PRO F 335 32.91 19.06 -5.42
C PRO F 335 31.68 19.15 -6.30
N ILE F 336 31.36 20.33 -6.82
CA ILE F 336 30.34 20.45 -7.84
C ILE F 336 30.78 19.74 -9.11
N LEU F 337 32.06 19.88 -9.47
CA LEU F 337 32.59 19.16 -10.61
C LEU F 337 32.61 17.66 -10.38
N PHE F 338 32.77 17.25 -9.13
CA PHE F 338 32.69 15.85 -8.78
C PHE F 338 31.27 15.32 -8.94
N ALA F 339 30.28 16.14 -8.58
CA ALA F 339 28.88 15.80 -8.82
C ALA F 339 28.61 15.62 -10.30
N ILE F 340 29.09 16.55 -11.11
CA ILE F 340 28.85 16.51 -12.54
C ILE F 340 29.54 15.31 -13.16
N GLY F 341 30.77 15.02 -12.73
CA GLY F 341 31.50 13.91 -13.31
C GLY F 341 30.94 12.55 -12.93
N VAL F 342 30.65 12.36 -11.63
CA VAL F 342 30.03 11.12 -11.17
C VAL F 342 28.65 10.97 -11.76
N ASN F 343 27.95 12.07 -11.98
CA ASN F 343 26.62 12.00 -12.53
C ASN F 343 26.65 11.67 -14.01
N PHE F 344 27.69 12.12 -14.71
CA PHE F 344 27.90 11.68 -16.08
C PHE F 344 28.24 10.20 -16.15
N LEU F 345 29.02 9.72 -15.17
CA LEU F 345 29.33 8.29 -15.12
C LEU F 345 28.05 7.49 -14.95
N ILE F 346 27.16 7.95 -14.09
CA ILE F 346 25.89 7.26 -13.89
C ILE F 346 25.00 7.40 -15.12
N PHE F 347 25.08 8.53 -15.83
CA PHE F 347 24.32 8.69 -17.06
C PHE F 347 24.74 7.69 -18.11
N VAL F 348 26.05 7.52 -18.28
CA VAL F 348 26.57 6.55 -19.24
C VAL F 348 26.18 5.14 -18.83
N ARG F 349 26.26 4.83 -17.54
CA ARG F 349 25.96 3.48 -17.08
C ARG F 349 24.48 3.15 -17.25
N VAL F 350 23.60 4.11 -16.96
CA VAL F 350 22.16 3.88 -17.07
C VAL F 350 21.74 3.78 -18.52
N ILE F 351 22.33 4.59 -19.40
CA ILE F 351 22.00 4.45 -20.82
C ILE F 351 22.57 3.15 -21.38
N CYS F 352 23.68 2.66 -20.82
CA CYS F 352 24.16 1.34 -21.22
C CYS F 352 23.21 0.24 -20.77
N ILE F 353 22.62 0.39 -19.58
CA ILE F 353 21.62 -0.57 -19.10
C ILE F 353 20.38 -0.56 -20.00
N VAL F 354 19.94 0.63 -20.40
CA VAL F 354 18.76 0.75 -21.26
C VAL F 354 19.02 0.13 -22.63
N VAL F 355 20.24 0.34 -23.17
CA VAL F 355 20.60 -0.26 -24.45
C VAL F 355 20.66 -1.77 -24.34
N SER F 356 21.12 -2.28 -23.20
CA SER F 356 21.09 -3.72 -22.95
C SER F 356 19.66 -4.26 -22.92
N LYS F 357 18.74 -3.53 -22.27
CA LYS F 357 17.35 -3.98 -22.20
C LYS F 357 16.68 -3.93 -23.56
N LEU F 358 17.06 -2.98 -24.40
CA LEU F 358 16.44 -2.89 -25.72
C LEU F 358 16.99 -3.89 -26.72
N LYS F 359 18.29 -4.17 -26.68
CA LYS F 359 18.81 -5.16 -27.59
C LYS F 359 18.55 -6.57 -27.09
N ALA F 360 18.11 -6.73 -25.85
CA ALA F 360 17.69 -8.04 -25.38
C ALA F 360 16.20 -8.32 -25.56
N ASN F 361 15.41 -7.31 -25.96
CA ASN F 361 13.96 -7.45 -26.03
C ASN F 361 13.60 -8.25 -27.28
N LEU F 362 13.25 -9.51 -27.08
CA LEU F 362 13.04 -10.46 -28.18
C LEU F 362 11.81 -10.13 -29.03
N ASP F 367 13.90 0.07 -34.62
CA ASP F 367 12.85 0.80 -33.91
C ASP F 367 13.39 1.41 -32.63
N ILE F 368 14.59 1.00 -32.24
CA ILE F 368 15.17 1.40 -30.96
C ILE F 368 15.74 2.81 -30.98
N LYS F 369 15.76 3.46 -32.13
CA LYS F 369 16.30 4.81 -32.22
C LYS F 369 15.40 5.81 -31.50
N CYS F 370 14.09 5.69 -31.68
CA CYS F 370 13.13 6.55 -30.99
C CYS F 370 13.19 6.34 -29.49
N ARG F 371 13.39 5.10 -29.06
CA ARG F 371 13.37 4.80 -27.63
C ARG F 371 14.65 5.27 -26.96
N LEU F 372 15.80 5.08 -27.62
CA LEU F 372 17.04 5.66 -27.12
C LEU F 372 17.00 7.18 -27.07
N ALA F 373 16.39 7.80 -28.10
CA ALA F 373 16.31 9.25 -28.11
C ALA F 373 15.44 9.75 -26.97
N LYS F 374 14.29 9.10 -26.75
CA LYS F 374 13.40 9.49 -25.68
C LYS F 374 14.04 9.24 -24.31
N SER F 375 14.78 8.16 -24.18
CA SER F 375 15.43 7.84 -22.91
C SER F 375 16.51 8.84 -22.55
N THR F 376 17.43 9.11 -23.48
CA THR F 376 18.50 10.06 -23.21
C THR F 376 17.96 11.47 -23.03
N LEU F 377 16.97 11.86 -23.82
CA LEU F 377 16.46 13.21 -23.73
C LEU F 377 15.59 13.43 -22.50
N THR F 378 15.02 12.38 -21.91
CA THR F 378 14.38 12.57 -20.62
C THR F 378 15.35 12.36 -19.46
N LEU F 379 16.49 11.75 -19.70
CA LEU F 379 17.40 11.53 -18.59
C LEU F 379 18.39 12.67 -18.40
N ILE F 380 18.69 13.42 -19.46
CA ILE F 380 19.69 14.52 -19.35
C ILE F 380 19.30 15.61 -18.36
N PRO F 381 18.10 16.22 -18.40
CA PRO F 381 17.83 17.28 -17.43
C PRO F 381 17.63 16.79 -16.02
N LEU F 382 17.29 15.52 -15.84
CA LEU F 382 17.17 14.97 -14.49
C LEU F 382 18.53 14.87 -13.82
N LEU F 383 19.57 14.55 -14.57
CA LEU F 383 20.89 14.33 -14.01
C LEU F 383 21.82 15.51 -14.19
N GLY F 384 21.41 16.54 -14.92
CA GLY F 384 22.27 17.68 -15.12
C GLY F 384 23.47 17.39 -15.99
N THR F 385 23.37 16.37 -16.83
CA THR F 385 24.49 15.88 -17.61
C THR F 385 24.89 16.86 -18.71
N HIS F 386 24.01 17.81 -19.05
CA HIS F 386 24.30 18.79 -20.08
C HIS F 386 25.51 19.66 -19.72
N GLU F 387 25.76 19.85 -18.42
CA GLU F 387 26.89 20.67 -18.02
C GLU F 387 28.22 19.99 -18.29
N VAL F 388 28.21 18.70 -18.62
CA VAL F 388 29.42 18.03 -19.09
C VAL F 388 29.95 18.65 -20.38
N ILE F 389 29.08 19.24 -21.21
CA ILE F 389 29.62 19.85 -22.42
C ILE F 389 30.29 21.20 -22.15
N PHE F 390 30.27 21.67 -20.91
CA PHE F 390 31.15 22.76 -20.52
C PHE F 390 31.72 22.55 -19.12
N ALA F 391 31.71 21.32 -18.60
CA ALA F 391 32.39 21.02 -17.34
C ALA F 391 33.89 21.16 -17.49
N PHE F 392 34.41 20.85 -18.67
CA PHE F 392 35.79 21.16 -18.96
C PHE F 392 35.96 22.67 -19.12
N VAL F 393 36.90 23.23 -18.37
CA VAL F 393 37.25 24.63 -18.50
C VAL F 393 38.25 24.76 -19.65
N MET F 394 37.81 25.36 -20.75
CA MET F 394 38.67 25.55 -21.92
C MET F 394 39.38 26.89 -21.91
N ASP F 395 38.64 27.96 -21.57
CA ASP F 395 39.08 29.36 -21.53
C ASP F 395 39.59 29.89 -22.86
N GLU F 396 39.36 29.15 -23.95
CA GLU F 396 39.79 29.55 -25.28
C GLU F 396 38.61 29.97 -26.15
N HIS F 397 37.49 30.32 -25.52
CA HIS F 397 36.32 30.80 -26.24
C HIS F 397 36.36 32.31 -26.48
N ALA F 398 37.45 32.97 -26.07
CA ALA F 398 37.66 34.38 -26.39
C ALA F 398 38.44 34.53 -27.70
N ARG F 399 37.93 33.90 -28.75
CA ARG F 399 38.46 34.08 -30.11
C ARG F 399 37.33 33.70 -31.07
N GLY F 400 36.69 34.71 -31.64
CA GLY F 400 35.48 34.52 -32.41
C GLY F 400 34.20 34.77 -31.66
N THR F 401 34.26 35.51 -30.53
CA THR F 401 33.21 35.88 -29.57
C THR F 401 32.18 34.79 -29.29
N LEU F 402 32.64 33.54 -29.22
CA LEU F 402 31.77 32.45 -28.81
C LEU F 402 31.73 32.26 -27.30
N ARG F 403 32.53 33.01 -26.54
CA ARG F 403 32.39 32.96 -25.08
C ARG F 403 31.07 33.54 -24.63
N PHE F 404 30.55 34.53 -25.34
CA PHE F 404 29.28 35.13 -24.97
C PHE F 404 28.14 34.17 -25.24
N ILE F 405 28.17 33.49 -26.37
CA ILE F 405 27.12 32.52 -26.67
C ILE F 405 27.29 31.26 -25.81
N LYS F 406 28.50 30.97 -25.34
CA LYS F 406 28.71 29.84 -24.44
C LYS F 406 28.08 30.13 -23.09
N LEU F 407 28.37 31.31 -22.54
CA LEU F 407 27.77 31.72 -21.29
C LEU F 407 26.25 31.84 -21.42
N PHE F 408 25.79 32.27 -22.60
CA PHE F 408 24.37 32.33 -22.93
C PHE F 408 23.70 30.98 -22.81
N THR F 409 24.21 29.99 -23.54
CA THR F 409 23.57 28.68 -23.53
C THR F 409 23.75 27.96 -22.21
N GLU F 410 24.82 28.25 -21.47
CA GLU F 410 24.99 27.51 -20.23
C GLU F 410 24.08 28.05 -19.14
N LEU F 411 23.94 29.38 -19.03
CA LEU F 411 22.90 29.90 -18.15
C LEU F 411 21.51 29.60 -18.65
N SER F 412 21.33 29.44 -19.96
CA SER F 412 20.00 29.17 -20.48
C SER F 412 19.54 27.75 -20.15
N PHE F 413 20.42 26.77 -20.32
CA PHE F 413 20.05 25.41 -19.94
C PHE F 413 19.95 25.28 -18.43
N THR F 414 20.81 25.97 -17.68
CA THR F 414 20.72 25.91 -16.23
C THR F 414 19.45 26.57 -15.73
N SER F 415 18.95 27.57 -16.44
CA SER F 415 17.67 28.16 -16.10
C SER F 415 16.51 27.24 -16.44
N PHE F 416 16.49 26.70 -17.66
CA PHE F 416 15.34 25.90 -18.07
C PHE F 416 15.32 24.49 -17.48
N GLN F 417 16.40 24.07 -16.81
CA GLN F 417 16.49 22.69 -16.34
C GLN F 417 15.41 22.34 -15.32
N GLY F 418 15.04 23.31 -14.48
CA GLY F 418 13.99 23.06 -13.53
C GLY F 418 12.63 22.90 -14.18
N LEU F 419 12.37 23.70 -15.21
CA LEU F 419 11.16 23.52 -16.00
C LEU F 419 11.14 22.16 -16.66
N MET F 420 12.30 21.72 -17.16
CA MET F 420 12.34 20.46 -17.90
C MET F 420 12.09 19.28 -16.99
N VAL F 421 12.61 19.32 -15.76
CA VAL F 421 12.30 18.20 -14.87
C VAL F 421 10.88 18.29 -14.34
N ALA F 422 10.33 19.50 -14.18
CA ALA F 422 8.96 19.59 -13.71
C ALA F 422 7.98 19.12 -14.77
N ILE F 423 8.31 19.25 -16.05
CA ILE F 423 7.39 18.73 -17.04
C ILE F 423 7.67 17.26 -17.34
N LEU F 424 8.91 16.79 -17.21
CA LEU F 424 9.19 15.41 -17.53
C LEU F 424 9.01 14.45 -16.38
N TYR F 425 8.82 14.94 -15.16
CA TYR F 425 8.70 14.04 -14.02
C TYR F 425 7.49 14.32 -13.16
N CYS F 426 6.65 15.27 -13.54
CA CYS F 426 5.26 15.25 -13.10
C CYS F 426 4.29 15.29 -14.27
N PHE F 427 4.47 16.25 -15.16
CA PHE F 427 3.35 16.64 -16.00
C PHE F 427 3.15 15.75 -17.19
N VAL F 428 4.14 14.92 -17.54
CA VAL F 428 3.94 13.88 -18.55
C VAL F 428 4.17 12.50 -17.98
N ASN F 429 4.43 12.38 -16.69
CA ASN F 429 4.45 11.07 -16.05
C ASN F 429 3.05 10.49 -16.09
N ASN F 430 2.95 9.22 -16.48
CA ASN F 430 1.63 8.62 -16.66
C ASN F 430 0.90 8.44 -15.33
N GLU F 431 1.63 8.25 -14.24
CA GLU F 431 0.97 8.05 -12.95
C GLU F 431 0.35 9.33 -12.42
N VAL F 432 0.98 10.48 -12.67
CA VAL F 432 0.38 11.73 -12.25
C VAL F 432 -0.85 12.05 -13.09
N GLN F 433 -0.81 11.75 -14.38
CA GLN F 433 -1.99 11.94 -15.21
C GLN F 433 -3.09 10.96 -14.88
N LEU F 434 -2.73 9.74 -14.47
CA LEU F 434 -3.72 8.81 -13.95
C LEU F 434 -4.37 9.33 -12.70
N GLU F 435 -3.58 9.97 -11.83
CA GLU F 435 -4.15 10.58 -10.65
C GLU F 435 -5.06 11.76 -10.99
N PHE F 436 -4.72 12.51 -12.04
CA PHE F 436 -5.63 13.56 -12.51
C PHE F 436 -6.94 12.99 -13.01
N ARG F 437 -6.88 11.97 -13.86
CA ARG F 437 -8.09 11.40 -14.43
C ARG F 437 -8.96 10.77 -13.35
N LYS F 438 -8.35 10.05 -12.42
CA LYS F 438 -9.13 9.41 -11.37
C LYS F 438 -9.58 10.39 -10.30
N SER F 439 -8.92 11.53 -10.13
CA SER F 439 -9.46 12.51 -9.21
C SER F 439 -10.45 13.45 -9.89
N TRP F 440 -10.48 13.44 -11.22
CA TRP F 440 -11.51 14.18 -11.95
C TRP F 440 -12.79 13.37 -12.07
N GLU F 441 -12.67 12.05 -12.21
CA GLU F 441 -13.89 11.25 -12.29
C GLU F 441 -14.61 11.17 -10.95
N ARG F 442 -13.87 11.15 -9.85
CA ARG F 442 -14.50 11.12 -8.55
C ARG F 442 -14.75 12.52 -8.00
N TRP F 443 -14.61 13.54 -8.84
CA TRP F 443 -14.97 14.91 -8.50
C TRP F 443 -16.32 15.33 -9.09
N ARG F 444 -16.74 14.66 -10.18
CA ARG F 444 -17.97 14.99 -10.91
C ARG F 444 -19.24 14.94 -10.05
#